data_8K0V
# 
_entry.id   8K0V 
# 
_audit_conform.dict_name       mmcif_pdbx.dic 
_audit_conform.dict_version    5.403 
_audit_conform.dict_location   http://mmcif.pdb.org/dictionaries/ascii/mmcif_pdbx.dic 
# 
loop_
_database_2.database_id 
_database_2.database_code 
_database_2.pdbx_database_accession 
_database_2.pdbx_DOI 
PDB   8K0V         pdb_00008k0v 10.2210/pdb8k0v/pdb 
WWPDB D_1300039143 ?            ?                   
# 
loop_
_pdbx_audit_revision_history.ordinal 
_pdbx_audit_revision_history.data_content_type 
_pdbx_audit_revision_history.major_revision 
_pdbx_audit_revision_history.minor_revision 
_pdbx_audit_revision_history.revision_date 
_pdbx_audit_revision_history.part_number 
1 'Structure model' 1 0 2025-04-16 ? 
2 'Structure model' 1 1 2025-06-11 ? 
3 'Structure model' 1 2 2025-06-18 ? 
# 
_pdbx_audit_revision_details.ordinal             1 
_pdbx_audit_revision_details.revision_ordinal    1 
_pdbx_audit_revision_details.data_content_type   'Structure model' 
_pdbx_audit_revision_details.provider            repository 
_pdbx_audit_revision_details.type                'Initial release' 
_pdbx_audit_revision_details.description         ? 
_pdbx_audit_revision_details.details             ? 
# 
loop_
_pdbx_audit_revision_group.ordinal 
_pdbx_audit_revision_group.revision_ordinal 
_pdbx_audit_revision_group.data_content_type 
_pdbx_audit_revision_group.group 
1 2 'Structure model' 'Database references' 
2 3 'Structure model' 'Database references' 
# 
loop_
_pdbx_audit_revision_category.ordinal 
_pdbx_audit_revision_category.revision_ordinal 
_pdbx_audit_revision_category.data_content_type 
_pdbx_audit_revision_category.category 
1 2 'Structure model' citation 
2 3 'Structure model' citation 
# 
loop_
_pdbx_audit_revision_item.ordinal 
_pdbx_audit_revision_item.revision_ordinal 
_pdbx_audit_revision_item.data_content_type 
_pdbx_audit_revision_item.item 
1 2 'Structure model' '_citation.journal_volume' 
2 2 'Structure model' '_citation.page_first'     
3 2 'Structure model' '_citation.page_last'      
4 3 'Structure model' '_citation.page_first'     
5 3 'Structure model' '_citation.page_last'      
# 
_pdbx_database_status.status_code                     REL 
_pdbx_database_status.status_code_sf                  REL 
_pdbx_database_status.status_code_mr                  ? 
_pdbx_database_status.entry_id                        8K0V 
_pdbx_database_status.recvd_initial_deposition_date   2023-07-10 
_pdbx_database_status.SG_entry                        N 
_pdbx_database_status.deposit_site                    PDBJ 
_pdbx_database_status.process_site                    PDBC 
_pdbx_database_status.status_code_cs                  ? 
_pdbx_database_status.status_code_nmr_data            ? 
_pdbx_database_status.methods_development_category    ? 
_pdbx_database_status.pdb_format_compatible           Y 
# 
_pdbx_contact_author.id                 2 
_pdbx_contact_author.email              huanglin36@mail.sysu.edu.cn 
_pdbx_contact_author.name_first         Lin 
_pdbx_contact_author.name_last          Huang 
_pdbx_contact_author.name_mi            ? 
_pdbx_contact_author.role               'principal investigator/group leader' 
_pdbx_contact_author.identifier_ORCID   0000-0002-2121-365X 
# 
loop_
_audit_author.name 
_audit_author.pdbx_ordinal 
_audit_author.identifier_ORCID 
'Huang, Y.' 1 ? 
'Lin, X.'   2 ? 
'Huang, L.' 3 ? 
# 
_citation.abstract                  ? 
_citation.abstract_id_CAS           ? 
_citation.book_id_ISBN              ? 
_citation.book_publisher            ? 
_citation.book_publisher_city       ? 
_citation.book_title                ? 
_citation.coordinate_linkage        ? 
_citation.country                   GE 
_citation.database_id_Medline       ? 
_citation.details                   ? 
_citation.id                        primary 
_citation.journal_abbrev            Angew.Chem.Int.Ed.Engl. 
_citation.journal_id_ASTM           ACIEAY 
_citation.journal_id_CSD            0179 
_citation.journal_id_ISSN           1521-3773 
_citation.journal_full              ? 
_citation.journal_issue             ? 
_citation.journal_volume            64 
_citation.language                  ? 
_citation.page_first                e202504107 
_citation.page_last                 e202504107 
_citation.title                     
'From Theophylline to Adenine or preQ 1 : Repurposing a DNA Aptamer Revealed by Crystal Structure Analysis.' 
_citation.year                      2025 
_citation.database_id_CSD           ? 
_citation.pdbx_database_id_DOI      10.1002/anie.202504107 
_citation.pdbx_database_id_PubMed   40101171 
_citation.pdbx_database_id_patent   ? 
_citation.unpublished_flag          ? 
# 
loop_
_citation_author.citation_id 
_citation_author.name 
_citation_author.ordinal 
_citation_author.identifier_ORCID 
primary 'Lin, X.'    1  ? 
primary 'Huang, Y.'  2  ? 
primary 'Huang, J.'  3  ? 
primary 'Yuan, H.'   4  ? 
primary 'Luo, Y.'    5  ? 
primary 'Lu, Z.'     6  ? 
primary 'Ao, Y.'     7  ? 
primary 'Huang, J.'  8  ? 
primary 'Chen, S.B.' 9  ? 
primary 'Miao, Z.'   10 ? 
primary 'Huang, L.'  11 ? 
# 
loop_
_entity.id 
_entity.type 
_entity.src_method 
_entity.pdbx_description 
_entity.formula_weight 
_entity.pdbx_number_of_molecules 
_entity.pdbx_ec 
_entity.pdbx_mutation 
_entity.pdbx_fragment 
_entity.details 
1 polymer     syn 'DNA (29-MER)'                    8918.707 1  ? ? ? ? 
2 non-polymer syn '3-methyl-7~{H}-purine-2,6-dione' 166.137  1  ? ? ? ? 
3 non-polymer syn 'SODIUM ION'                      22.990   4  ? ? ? ? 
4 water       nat water                             18.015   53 ? ? ? ? 
# 
_entity_poly.entity_id                      1 
_entity_poly.type                           polydeoxyribonucleotide 
_entity_poly.nstd_linkage                   no 
_entity_poly.nstd_monomer                   no 
_entity_poly.pdbx_seq_one_letter_code       
;(DG)(DC)(DG)(DG)(DT)(DG)(DG)(DT)(DC)(DT)(DA)(DT)(DT)(DC)(DA)(DT)(DA)(DG)(DG)(DC)
(DG)(DT)(DC)(DC)(DG)(DC)(DC)(DG)(DC)
;
_entity_poly.pdbx_seq_one_letter_code_can   GCGGTGGTCTATTCATAGGCGTCCGCCGC 
_entity_poly.pdbx_strand_id                 A 
_entity_poly.pdbx_target_identifier         ? 
# 
loop_
_pdbx_entity_nonpoly.entity_id 
_pdbx_entity_nonpoly.name 
_pdbx_entity_nonpoly.comp_id 
2 '3-methyl-7~{H}-purine-2,6-dione' I7U 
3 'SODIUM ION'                      NA  
4 water                             HOH 
# 
loop_
_entity_poly_seq.entity_id 
_entity_poly_seq.num 
_entity_poly_seq.mon_id 
_entity_poly_seq.hetero 
1 1  DG n 
1 2  DC n 
1 3  DG n 
1 4  DG n 
1 5  DT n 
1 6  DG n 
1 7  DG n 
1 8  DT n 
1 9  DC n 
1 10 DT n 
1 11 DA n 
1 12 DT n 
1 13 DT n 
1 14 DC n 
1 15 DA n 
1 16 DT n 
1 17 DA n 
1 18 DG n 
1 19 DG n 
1 20 DC n 
1 21 DG n 
1 22 DT n 
1 23 DC n 
1 24 DC n 
1 25 DG n 
1 26 DC n 
1 27 DC n 
1 28 DG n 
1 29 DC n 
# 
_pdbx_entity_src_syn.entity_id              1 
_pdbx_entity_src_syn.pdbx_src_id            1 
_pdbx_entity_src_syn.pdbx_alt_source_flag   sample 
_pdbx_entity_src_syn.pdbx_beg_seq_num       1 
_pdbx_entity_src_syn.pdbx_end_seq_num       29 
_pdbx_entity_src_syn.organism_scientific    'synthetic construct' 
_pdbx_entity_src_syn.organism_common_name   ? 
_pdbx_entity_src_syn.ncbi_taxonomy_id       32630 
_pdbx_entity_src_syn.details                ? 
# 
loop_
_chem_comp.id 
_chem_comp.type 
_chem_comp.mon_nstd_flag 
_chem_comp.name 
_chem_comp.pdbx_synonyms 
_chem_comp.formula 
_chem_comp.formula_weight 
DA  'DNA linking' y "2'-DEOXYADENOSINE-5'-MONOPHOSPHATE" ?                             'C10 H14 N5 O6 P' 331.222 
DC  'DNA linking' y "2'-DEOXYCYTIDINE-5'-MONOPHOSPHATE"  ?                             'C9 H14 N3 O7 P'  307.197 
DG  'DNA linking' y "2'-DEOXYGUANOSINE-5'-MONOPHOSPHATE" ?                             'C10 H14 N5 O7 P' 347.221 
DT  'DNA linking' y "THYMIDINE-5'-MONOPHOSPHATE"         ?                             'C10 H15 N2 O8 P' 322.208 
HOH non-polymer   . WATER                                ?                             'H2 O'            18.015  
I7U non-polymer   . '3-methyl-7~{H}-purine-2,6-dione'    '3-Methylxanthine; 1076-22-8' 'C6 H6 N4 O2'     166.137 
NA  non-polymer   . 'SODIUM ION'                         ?                             'Na 1'            22.990  
# 
loop_
_pdbx_poly_seq_scheme.asym_id 
_pdbx_poly_seq_scheme.entity_id 
_pdbx_poly_seq_scheme.seq_id 
_pdbx_poly_seq_scheme.mon_id 
_pdbx_poly_seq_scheme.ndb_seq_num 
_pdbx_poly_seq_scheme.pdb_seq_num 
_pdbx_poly_seq_scheme.auth_seq_num 
_pdbx_poly_seq_scheme.pdb_mon_id 
_pdbx_poly_seq_scheme.auth_mon_id 
_pdbx_poly_seq_scheme.pdb_strand_id 
_pdbx_poly_seq_scheme.pdb_ins_code 
_pdbx_poly_seq_scheme.hetero 
A 1 1  DG 1  1  1  DG DG A . n 
A 1 2  DC 2  2  2  DC DC A . n 
A 1 3  DG 3  3  3  DG DG A . n 
A 1 4  DG 4  4  4  DG DG A . n 
A 1 5  DT 5  5  5  DT DT A . n 
A 1 6  DG 6  6  6  DG DG A . n 
A 1 7  DG 7  7  7  DG DG A . n 
A 1 8  DT 8  8  8  DT DT A . n 
A 1 9  DC 9  9  9  DC DC A . n 
A 1 10 DT 10 10 10 DT DT A . n 
A 1 11 DA 11 11 11 DA DA A . n 
A 1 12 DT 12 12 12 DT DT A . n 
A 1 13 DT 13 13 13 DT DT A . n 
A 1 14 DC 14 14 14 DC DC A . n 
A 1 15 DA 15 15 15 DA DA A . n 
A 1 16 DT 16 16 16 DT DT A . n 
A 1 17 DA 17 17 17 DA DA A . n 
A 1 18 DG 18 18 18 DG DG A . n 
A 1 19 DG 19 19 19 DG DG A . n 
A 1 20 DC 20 20 20 DC DC A . n 
A 1 21 DG 21 21 21 DG DG A . n 
A 1 22 DT 22 22 22 DT DT A . n 
A 1 23 DC 23 23 23 DC DC A . n 
A 1 24 DC 24 24 24 DC DC A . n 
A 1 25 DG 25 25 25 DG DG A . n 
A 1 26 DC 26 26 26 DC DC A . n 
A 1 27 DC 27 27 27 DC DC A . n 
A 1 28 DG 28 28 28 DG DG A . n 
A 1 29 DC 29 29 29 DC DC A . n 
# 
_pdbx_entity_instance_feature.ordinal        1 
_pdbx_entity_instance_feature.comp_id        I7U 
_pdbx_entity_instance_feature.asym_id        ? 
_pdbx_entity_instance_feature.seq_num        ? 
_pdbx_entity_instance_feature.auth_comp_id   I7U 
_pdbx_entity_instance_feature.auth_asym_id   ? 
_pdbx_entity_instance_feature.auth_seq_num   ? 
_pdbx_entity_instance_feature.feature_type   'SUBJECT OF INVESTIGATION' 
_pdbx_entity_instance_feature.details        ? 
# 
loop_
_pdbx_nonpoly_scheme.asym_id 
_pdbx_nonpoly_scheme.entity_id 
_pdbx_nonpoly_scheme.mon_id 
_pdbx_nonpoly_scheme.ndb_seq_num 
_pdbx_nonpoly_scheme.pdb_seq_num 
_pdbx_nonpoly_scheme.auth_seq_num 
_pdbx_nonpoly_scheme.pdb_mon_id 
_pdbx_nonpoly_scheme.auth_mon_id 
_pdbx_nonpoly_scheme.pdb_strand_id 
_pdbx_nonpoly_scheme.pdb_ins_code 
B 2 I7U 1  101 101 I7U 3IV A . 
C 3 NA  1  102 1   NA  NA  A . 
D 3 NA  1  103 2   NA  NA  A . 
E 3 NA  1  104 3   NA  NA  A . 
F 3 NA  1  105 4   NA  NA  A . 
G 4 HOH 1  201 35  HOH HOH A . 
G 4 HOH 2  202 2   HOH HOH A . 
G 4 HOH 3  203 44  HOH HOH A . 
G 4 HOH 4  204 29  HOH HOH A . 
G 4 HOH 5  205 51  HOH HOH A . 
G 4 HOH 6  206 47  HOH HOH A . 
G 4 HOH 7  207 5   HOH HOH A . 
G 4 HOH 8  208 25  HOH HOH A . 
G 4 HOH 9  209 8   HOH HOH A . 
G 4 HOH 10 210 53  HOH HOH A . 
G 4 HOH 11 211 3   HOH HOH A . 
G 4 HOH 12 212 18  HOH HOH A . 
G 4 HOH 13 213 6   HOH HOH A . 
G 4 HOH 14 214 22  HOH HOH A . 
G 4 HOH 15 215 28  HOH HOH A . 
G 4 HOH 16 216 1   HOH HOH A . 
G 4 HOH 17 217 23  HOH HOH A . 
G 4 HOH 18 218 11  HOH HOH A . 
G 4 HOH 19 219 14  HOH HOH A . 
G 4 HOH 20 220 15  HOH HOH A . 
G 4 HOH 21 221 10  HOH HOH A . 
G 4 HOH 22 222 4   HOH HOH A . 
G 4 HOH 23 223 31  HOH HOH A . 
G 4 HOH 24 224 19  HOH HOH A . 
G 4 HOH 25 225 27  HOH HOH A . 
G 4 HOH 26 226 7   HOH HOH A . 
G 4 HOH 27 227 20  HOH HOH A . 
G 4 HOH 28 228 13  HOH HOH A . 
G 4 HOH 29 229 34  HOH HOH A . 
G 4 HOH 30 230 37  HOH HOH A . 
G 4 HOH 31 231 24  HOH HOH A . 
G 4 HOH 32 232 50  HOH HOH A . 
G 4 HOH 33 233 30  HOH HOH A . 
G 4 HOH 34 234 46  HOH HOH A . 
G 4 HOH 35 235 16  HOH HOH A . 
G 4 HOH 36 236 12  HOH HOH A . 
G 4 HOH 37 237 39  HOH HOH A . 
G 4 HOH 38 238 17  HOH HOH A . 
G 4 HOH 39 239 9   HOH HOH A . 
G 4 HOH 40 240 41  HOH HOH A . 
G 4 HOH 41 241 38  HOH HOH A . 
G 4 HOH 42 242 33  HOH HOH A . 
G 4 HOH 43 243 45  HOH HOH A . 
G 4 HOH 44 244 52  HOH HOH A . 
G 4 HOH 45 245 21  HOH HOH A . 
G 4 HOH 46 246 26  HOH HOH A . 
G 4 HOH 47 247 40  HOH HOH A . 
G 4 HOH 48 248 48  HOH HOH A . 
G 4 HOH 49 249 36  HOH HOH A . 
G 4 HOH 50 250 32  HOH HOH A . 
G 4 HOH 51 251 43  HOH HOH A . 
G 4 HOH 52 252 49  HOH HOH A . 
G 4 HOH 53 253 42  HOH HOH A . 
# 
loop_
_software.citation_id 
_software.classification 
_software.compiler_name 
_software.compiler_version 
_software.contact_author 
_software.contact_author_email 
_software.date 
_software.description 
_software.dependencies 
_software.hardware 
_software.language 
_software.location 
_software.mods 
_software.name 
_software.os 
_software.os_version 
_software.type 
_software.version 
_software.pdbx_ordinal 
? refinement       ? ? ? ? ? ? ? ? ? ? ? PHENIX ? ? ? 1.20.1_4487 1 
? refinement       ? ? ? ? ? ? ? ? ? ? ? PHENIX ? ? ? 1.20.1_4487 2 
? 'data reduction' ? ? ? ? ? ? ? ? ? ? ? XDS    ? ? ? .           3 
? 'data scaling'   ? ? ? ? ? ? ? ? ? ? ? DIALS  ? ? ? .           4 
? phasing          ? ? ? ? ? ? ? ? ? ? ? PHASER ? ? ? .           5 
# 
_cell.angle_alpha                  90.000 
_cell.angle_alpha_esd              ? 
_cell.angle_beta                   90.000 
_cell.angle_beta_esd               ? 
_cell.angle_gamma                  120.000 
_cell.angle_gamma_esd              ? 
_cell.entry_id                     8K0V 
_cell.details                      ? 
_cell.formula_units_Z              ? 
_cell.length_a                     49.292 
_cell.length_a_esd                 ? 
_cell.length_b                     49.292 
_cell.length_b_esd                 ? 
_cell.length_c                     50.960 
_cell.length_c_esd                 ? 
_cell.volume                       107228.282 
_cell.volume_esd                   ? 
_cell.Z_PDB                        6 
_cell.reciprocal_angle_alpha       ? 
_cell.reciprocal_angle_beta        ? 
_cell.reciprocal_angle_gamma       ? 
_cell.reciprocal_angle_alpha_esd   ? 
_cell.reciprocal_angle_beta_esd    ? 
_cell.reciprocal_angle_gamma_esd   ? 
_cell.reciprocal_length_a          ? 
_cell.reciprocal_length_b          ? 
_cell.reciprocal_length_c          ? 
_cell.reciprocal_length_a_esd      ? 
_cell.reciprocal_length_b_esd      ? 
_cell.reciprocal_length_c_esd      ? 
_cell.pdbx_unique_axis             ? 
_cell.pdbx_esd_method              ? 
# 
_symmetry.entry_id                         8K0V 
_symmetry.cell_setting                     ? 
_symmetry.Int_Tables_number                154 
_symmetry.space_group_name_Hall            
;P 32 2"
;
_symmetry.space_group_name_H-M             'P 32 2 1' 
_symmetry.pdbx_full_space_group_name_H-M   ? 
# 
_exptl.absorpt_coefficient_mu     ? 
_exptl.absorpt_correction_T_max   ? 
_exptl.absorpt_correction_T_min   ? 
_exptl.absorpt_correction_type    ? 
_exptl.absorpt_process_details    ? 
_exptl.entry_id                   8K0V 
_exptl.crystals_number            1 
_exptl.details                    ? 
_exptl.method                     'X-RAY DIFFRACTION' 
_exptl.method_details             ? 
# 
_exptl_crystal.colour                       ? 
_exptl_crystal.density_diffrn               ? 
_exptl_crystal.density_Matthews             2.00 
_exptl_crystal.density_method               ? 
_exptl_crystal.density_percent_sol          38.62 
_exptl_crystal.description                  ? 
_exptl_crystal.F_000                        ? 
_exptl_crystal.id                           1 
_exptl_crystal.preparation                  ? 
_exptl_crystal.size_max                     ? 
_exptl_crystal.size_mid                     ? 
_exptl_crystal.size_min                     ? 
_exptl_crystal.size_rad                     ? 
_exptl_crystal.colour_lustre                ? 
_exptl_crystal.colour_modifier              ? 
_exptl_crystal.colour_primary               ? 
_exptl_crystal.density_meas                 ? 
_exptl_crystal.density_meas_esd             ? 
_exptl_crystal.density_meas_gt              ? 
_exptl_crystal.density_meas_lt              ? 
_exptl_crystal.density_meas_temp            ? 
_exptl_crystal.density_meas_temp_esd        ? 
_exptl_crystal.density_meas_temp_gt         ? 
_exptl_crystal.density_meas_temp_lt         ? 
_exptl_crystal.pdbx_crystal_image_url       ? 
_exptl_crystal.pdbx_crystal_image_format    ? 
_exptl_crystal.pdbx_mosaicity               ? 
_exptl_crystal.pdbx_mosaicity_esd           ? 
_exptl_crystal.pdbx_mosaic_method           ? 
_exptl_crystal.pdbx_mosaic_block_size       ? 
_exptl_crystal.pdbx_mosaic_block_size_esd   ? 
# 
_exptl_crystal_grow.apparatus       ? 
_exptl_crystal_grow.atmosphere      ? 
_exptl_crystal_grow.crystal_id      1 
_exptl_crystal_grow.details         ? 
_exptl_crystal_grow.method          'VAPOR DIFFUSION, HANGING DROP' 
_exptl_crystal_grow.method_ref      ? 
_exptl_crystal_grow.pH              8.0 
_exptl_crystal_grow.pressure        ? 
_exptl_crystal_grow.pressure_esd    ? 
_exptl_crystal_grow.seeding         ? 
_exptl_crystal_grow.seeding_ref     ? 
_exptl_crystal_grow.temp_details    ? 
_exptl_crystal_grow.temp_esd        ? 
_exptl_crystal_grow.time            ? 
_exptl_crystal_grow.pdbx_details    
;0.2 M Calcium chloride dihydrate
24% v/v Polyethylene glycol 400
;
_exptl_crystal_grow.pdbx_pH_range   ? 
_exptl_crystal_grow.temp            291 
# 
_diffrn.ambient_environment              ? 
_diffrn.ambient_temp                     100 
_diffrn.ambient_temp_details             ? 
_diffrn.ambient_temp_esd                 ? 
_diffrn.crystal_id                       1 
_diffrn.crystal_support                  ? 
_diffrn.crystal_treatment                ? 
_diffrn.details                          ? 
_diffrn.id                               1 
_diffrn.ambient_pressure                 ? 
_diffrn.ambient_pressure_esd             ? 
_diffrn.ambient_pressure_gt              ? 
_diffrn.ambient_pressure_lt              ? 
_diffrn.ambient_temp_gt                  ? 
_diffrn.ambient_temp_lt                  ? 
_diffrn.pdbx_serial_crystal_experiment   N 
# 
_diffrn_detector.details                      ? 
_diffrn_detector.detector                     PIXEL 
_diffrn_detector.diffrn_id                    1 
_diffrn_detector.type                         'DECTRIS EIGER2 X 4M' 
_diffrn_detector.area_resol_mean              ? 
_diffrn_detector.dtime                        ? 
_diffrn_detector.pdbx_frames_total            ? 
_diffrn_detector.pdbx_collection_time_total   ? 
_diffrn_detector.pdbx_collection_date         2023-03-25 
_diffrn_detector.pdbx_frequency               ? 
_diffrn_detector.id                           ? 
_diffrn_detector.number_of_axes               ? 
# 
_diffrn_radiation.collimation                      ? 
_diffrn_radiation.diffrn_id                        1 
_diffrn_radiation.filter_edge                      ? 
_diffrn_radiation.inhomogeneity                    ? 
_diffrn_radiation.monochromator                    ? 
_diffrn_radiation.polarisn_norm                    ? 
_diffrn_radiation.polarisn_ratio                   ? 
_diffrn_radiation.probe                            ? 
_diffrn_radiation.type                             ? 
_diffrn_radiation.xray_symbol                      ? 
_diffrn_radiation.wavelength_id                    1 
_diffrn_radiation.pdbx_monochromatic_or_laue_m_l   M 
_diffrn_radiation.pdbx_wavelength_list             ? 
_diffrn_radiation.pdbx_wavelength                  ? 
_diffrn_radiation.pdbx_diffrn_protocol             'SINGLE WAVELENGTH' 
_diffrn_radiation.pdbx_analyzer                    ? 
_diffrn_radiation.pdbx_scattering_type             x-ray 
# 
_diffrn_radiation_wavelength.id           1 
_diffrn_radiation_wavelength.wavelength   0.979183 
_diffrn_radiation_wavelength.wt           1.0 
# 
_diffrn_source.current                     ? 
_diffrn_source.details                     ? 
_diffrn_source.diffrn_id                   1 
_diffrn_source.power                       ? 
_diffrn_source.size                        ? 
_diffrn_source.source                      SYNCHROTRON 
_diffrn_source.target                      ? 
_diffrn_source.type                        'SSRF BEAMLINE BL02U1' 
_diffrn_source.voltage                     ? 
_diffrn_source.take-off_angle              ? 
_diffrn_source.pdbx_wavelength_list        0.979183 
_diffrn_source.pdbx_wavelength             ? 
_diffrn_source.pdbx_synchrotron_beamline   BL02U1 
_diffrn_source.pdbx_synchrotron_site       SSRF 
# 
_reflns.B_iso_Wilson_estimate                          19.25 
_reflns.entry_id                                       8K0V 
_reflns.data_reduction_details                         ? 
_reflns.data_reduction_method                          ? 
_reflns.d_resolution_high                              1.67 
_reflns.d_resolution_low                               50.96 
_reflns.details                                        ? 
_reflns.limit_h_max                                    ? 
_reflns.limit_h_min                                    ? 
_reflns.limit_k_max                                    ? 
_reflns.limit_k_min                                    ? 
_reflns.limit_l_max                                    ? 
_reflns.limit_l_min                                    ? 
_reflns.number_all                                     ? 
_reflns.number_obs                                     8671 
_reflns.observed_criterion                             ? 
_reflns.observed_criterion_F_max                       ? 
_reflns.observed_criterion_F_min                       ? 
_reflns.observed_criterion_I_max                       ? 
_reflns.observed_criterion_I_min                       ? 
_reflns.observed_criterion_sigma_F                     ? 
_reflns.observed_criterion_sigma_I                     ? 
_reflns.percent_possible_obs                           100.0 
_reflns.R_free_details                                 ? 
_reflns.Rmerge_F_all                                   ? 
_reflns.Rmerge_F_obs                                   ? 
_reflns.Friedel_coverage                               ? 
_reflns.number_gt                                      ? 
_reflns.threshold_expression                           ? 
_reflns.pdbx_redundancy                                17.2 
_reflns.pdbx_netI_over_av_sigmaI                       ? 
_reflns.pdbx_netI_over_sigmaI                          12.500 
_reflns.pdbx_res_netI_over_av_sigmaI_2                 ? 
_reflns.pdbx_res_netI_over_sigmaI_2                    ? 
_reflns.pdbx_chi_squared                               ? 
_reflns.pdbx_scaling_rejects                           ? 
_reflns.pdbx_d_res_high_opt                            ? 
_reflns.pdbx_d_res_low_opt                             ? 
_reflns.pdbx_d_res_opt_method                          ? 
_reflns.phase_calculation_details                      ? 
_reflns.pdbx_Rrim_I_all                                ? 
_reflns.pdbx_Rpim_I_all                                ? 
_reflns.pdbx_d_opt                                     ? 
_reflns.pdbx_number_measured_all                       ? 
_reflns.pdbx_diffrn_id                                 1 
_reflns.pdbx_ordinal                                   1 
_reflns.pdbx_CC_half                                   0.999 
_reflns.pdbx_CC_star                                   ? 
_reflns.pdbx_R_split                                   ? 
_reflns.pdbx_Rmerge_I_obs                              ? 
_reflns.pdbx_Rmerge_I_all                              ? 
_reflns.pdbx_Rsym_value                                ? 
_reflns.pdbx_CC_split_method                           ? 
_reflns.pdbx_aniso_diffraction_limit_axis_1_ortho[1]   ? 
_reflns.pdbx_aniso_diffraction_limit_axis_1_ortho[2]   ? 
_reflns.pdbx_aniso_diffraction_limit_axis_1_ortho[3]   ? 
_reflns.pdbx_aniso_diffraction_limit_axis_2_ortho[1]   ? 
_reflns.pdbx_aniso_diffraction_limit_axis_2_ortho[2]   ? 
_reflns.pdbx_aniso_diffraction_limit_axis_2_ortho[3]   ? 
_reflns.pdbx_aniso_diffraction_limit_axis_3_ortho[1]   ? 
_reflns.pdbx_aniso_diffraction_limit_axis_3_ortho[2]   ? 
_reflns.pdbx_aniso_diffraction_limit_axis_3_ortho[3]   ? 
_reflns.pdbx_aniso_diffraction_limit_1                 ? 
_reflns.pdbx_aniso_diffraction_limit_2                 ? 
_reflns.pdbx_aniso_diffraction_limit_3                 ? 
_reflns.pdbx_aniso_B_tensor_eigenvector_1_ortho[1]     ? 
_reflns.pdbx_aniso_B_tensor_eigenvector_1_ortho[2]     ? 
_reflns.pdbx_aniso_B_tensor_eigenvector_1_ortho[3]     ? 
_reflns.pdbx_aniso_B_tensor_eigenvector_2_ortho[1]     ? 
_reflns.pdbx_aniso_B_tensor_eigenvector_2_ortho[2]     ? 
_reflns.pdbx_aniso_B_tensor_eigenvector_2_ortho[3]     ? 
_reflns.pdbx_aniso_B_tensor_eigenvector_3_ortho[1]     ? 
_reflns.pdbx_aniso_B_tensor_eigenvector_3_ortho[2]     ? 
_reflns.pdbx_aniso_B_tensor_eigenvector_3_ortho[3]     ? 
_reflns.pdbx_aniso_B_tensor_eigenvalue_1               ? 
_reflns.pdbx_aniso_B_tensor_eigenvalue_2               ? 
_reflns.pdbx_aniso_B_tensor_eigenvalue_3               ? 
_reflns.pdbx_orthogonalization_convention              ? 
_reflns.pdbx_percent_possible_ellipsoidal              ? 
_reflns.pdbx_percent_possible_spherical                ? 
_reflns.pdbx_percent_possible_ellipsoidal_anomalous    ? 
_reflns.pdbx_percent_possible_spherical_anomalous      ? 
_reflns.pdbx_redundancy_anomalous                      ? 
_reflns.pdbx_CC_half_anomalous                         ? 
_reflns.pdbx_absDiff_over_sigma_anomalous              ? 
_reflns.pdbx_percent_possible_anomalous                ? 
_reflns.pdbx_observed_signal_threshold                 ? 
_reflns.pdbx_signal_type                               ? 
_reflns.pdbx_signal_details                            ? 
_reflns.pdbx_signal_software_id                        ? 
# 
_reflns_shell.d_res_high                                    1.67 
_reflns_shell.d_res_low                                     1.71 
_reflns_shell.meanI_over_sigI_all                           ? 
_reflns_shell.meanI_over_sigI_obs                           ? 
_reflns_shell.number_measured_all                           ? 
_reflns_shell.number_measured_obs                           ? 
_reflns_shell.number_possible                               ? 
_reflns_shell.number_unique_all                             ? 
_reflns_shell.number_unique_obs                             640 
_reflns_shell.percent_possible_obs                          ? 
_reflns_shell.Rmerge_F_all                                  ? 
_reflns_shell.Rmerge_F_obs                                  ? 
_reflns_shell.meanI_over_sigI_gt                            ? 
_reflns_shell.meanI_over_uI_all                             ? 
_reflns_shell.meanI_over_uI_gt                              ? 
_reflns_shell.number_measured_gt                            ? 
_reflns_shell.number_unique_gt                              ? 
_reflns_shell.percent_possible_gt                           ? 
_reflns_shell.Rmerge_F_gt                                   ? 
_reflns_shell.Rmerge_I_gt                                   ? 
_reflns_shell.pdbx_redundancy                               ? 
_reflns_shell.pdbx_chi_squared                              ? 
_reflns_shell.pdbx_netI_over_sigmaI_all                     ? 
_reflns_shell.pdbx_netI_over_sigmaI_obs                     ? 
_reflns_shell.pdbx_Rrim_I_all                               ? 
_reflns_shell.pdbx_Rpim_I_all                               ? 
_reflns_shell.pdbx_rejects                                  ? 
_reflns_shell.pdbx_ordinal                                  1 
_reflns_shell.pdbx_diffrn_id                                1 
_reflns_shell.pdbx_CC_half                                  0.954 
_reflns_shell.pdbx_CC_star                                  ? 
_reflns_shell.pdbx_R_split                                  ? 
_reflns_shell.percent_possible_all                          ? 
_reflns_shell.Rmerge_I_all                                  ? 
_reflns_shell.Rmerge_I_obs                                  ? 
_reflns_shell.pdbx_Rsym_value                               ? 
_reflns_shell.pdbx_percent_possible_ellipsoidal             ? 
_reflns_shell.pdbx_percent_possible_spherical               ? 
_reflns_shell.pdbx_percent_possible_ellipsoidal_anomalous   ? 
_reflns_shell.pdbx_percent_possible_spherical_anomalous     ? 
_reflns_shell.pdbx_redundancy_anomalous                     ? 
_reflns_shell.pdbx_CC_half_anomalous                        ? 
_reflns_shell.pdbx_absDiff_over_sigma_anomalous             ? 
_reflns_shell.pdbx_percent_possible_anomalous               ? 
# 
_refine.aniso_B[1][1]                            ? 
_refine.aniso_B[1][2]                            ? 
_refine.aniso_B[1][3]                            ? 
_refine.aniso_B[2][2]                            ? 
_refine.aniso_B[2][3]                            ? 
_refine.aniso_B[3][3]                            ? 
_refine.B_iso_max                                ? 
_refine.B_iso_mean                               31.99 
_refine.B_iso_min                                ? 
_refine.correlation_coeff_Fo_to_Fc               ? 
_refine.correlation_coeff_Fo_to_Fc_free          ? 
_refine.details                                  ? 
_refine.diff_density_max                         ? 
_refine.diff_density_max_esd                     ? 
_refine.diff_density_min                         ? 
_refine.diff_density_min_esd                     ? 
_refine.diff_density_rms                         ? 
_refine.diff_density_rms_esd                     ? 
_refine.entry_id                                 8K0V 
_refine.pdbx_refine_id                           'X-RAY DIFFRACTION' 
_refine.ls_abs_structure_details                 ? 
_refine.ls_abs_structure_Flack                   ? 
_refine.ls_abs_structure_Flack_esd               ? 
_refine.ls_abs_structure_Rogers                  ? 
_refine.ls_abs_structure_Rogers_esd              ? 
_refine.ls_d_res_high                            1.67 
_refine.ls_d_res_low                             42.69 
_refine.ls_extinction_coef                       ? 
_refine.ls_extinction_coef_esd                   ? 
_refine.ls_extinction_expression                 ? 
_refine.ls_extinction_method                     ? 
_refine.ls_goodness_of_fit_all                   ? 
_refine.ls_goodness_of_fit_all_esd               ? 
_refine.ls_goodness_of_fit_obs                   ? 
_refine.ls_goodness_of_fit_obs_esd               ? 
_refine.ls_hydrogen_treatment                    ? 
_refine.ls_matrix_type                           ? 
_refine.ls_number_constraints                    ? 
_refine.ls_number_parameters                     ? 
_refine.ls_number_reflns_all                     ? 
_refine.ls_number_reflns_obs                     8503 
_refine.ls_number_reflns_R_free                  469 
_refine.ls_number_reflns_R_work                  8034 
_refine.ls_number_restraints                     ? 
_refine.ls_percent_reflns_obs                    98.28 
_refine.ls_percent_reflns_R_free                 5.52 
_refine.ls_R_factor_all                          ? 
_refine.ls_R_factor_obs                          0.2415 
_refine.ls_R_factor_R_free                       0.2465 
_refine.ls_R_factor_R_free_error                 ? 
_refine.ls_R_factor_R_free_error_details         ? 
_refine.ls_R_factor_R_work                       0.2412 
_refine.ls_R_Fsqd_factor_obs                     ? 
_refine.ls_R_I_factor_obs                        ? 
_refine.ls_redundancy_reflns_all                 ? 
_refine.ls_redundancy_reflns_obs                 ? 
_refine.ls_restrained_S_all                      ? 
_refine.ls_restrained_S_obs                      ? 
_refine.ls_shift_over_esd_max                    ? 
_refine.ls_shift_over_esd_mean                   ? 
_refine.ls_structure_factor_coef                 ? 
_refine.ls_weighting_details                     ? 
_refine.ls_weighting_scheme                      ? 
_refine.ls_wR_factor_all                         ? 
_refine.ls_wR_factor_obs                         ? 
_refine.ls_wR_factor_R_free                      ? 
_refine.ls_wR_factor_R_work                      ? 
_refine.occupancy_max                            ? 
_refine.occupancy_min                            ? 
_refine.solvent_model_details                    'FLAT BULK SOLVENT MODEL' 
_refine.solvent_model_param_bsol                 ? 
_refine.solvent_model_param_ksol                 ? 
_refine.pdbx_R_complete                          ? 
_refine.ls_R_factor_gt                           ? 
_refine.ls_goodness_of_fit_gt                    ? 
_refine.ls_goodness_of_fit_ref                   ? 
_refine.ls_shift_over_su_max                     ? 
_refine.ls_shift_over_su_max_lt                  ? 
_refine.ls_shift_over_su_mean                    ? 
_refine.ls_shift_over_su_mean_lt                 ? 
_refine.pdbx_ls_sigma_I                          ? 
_refine.pdbx_ls_sigma_F                          1.34 
_refine.pdbx_ls_sigma_Fsqd                       ? 
_refine.pdbx_data_cutoff_high_absF               ? 
_refine.pdbx_data_cutoff_high_rms_absF           ? 
_refine.pdbx_data_cutoff_low_absF                ? 
_refine.pdbx_isotropic_thermal_model             ? 
_refine.pdbx_ls_cross_valid_method               'FREE R-VALUE' 
_refine.pdbx_method_to_determine_struct          'MOLECULAR REPLACEMENT' 
_refine.pdbx_starting_model                      ? 
_refine.pdbx_stereochemistry_target_values       'GeoStd + Monomer Library + CDL v1.2' 
_refine.pdbx_R_Free_selection_details            ? 
_refine.pdbx_stereochem_target_val_spec_case     ? 
_refine.pdbx_overall_ESU_R                       ? 
_refine.pdbx_overall_ESU_R_Free                  ? 
_refine.pdbx_solvent_vdw_probe_radii             1.1000 
_refine.pdbx_solvent_ion_probe_radii             ? 
_refine.pdbx_solvent_shrinkage_radii             0.9000 
_refine.pdbx_real_space_R                        ? 
_refine.pdbx_density_correlation                 ? 
_refine.pdbx_pd_number_of_powder_patterns        ? 
_refine.pdbx_pd_number_of_points                 ? 
_refine.pdbx_pd_meas_number_of_points            ? 
_refine.pdbx_pd_proc_ls_prof_R_factor            ? 
_refine.pdbx_pd_proc_ls_prof_wR_factor           ? 
_refine.pdbx_pd_Marquardt_correlation_coeff      ? 
_refine.pdbx_pd_Fsqrd_R_factor                   ? 
_refine.pdbx_pd_ls_matrix_band_width             ? 
_refine.pdbx_overall_phase_error                 36.0781 
_refine.pdbx_overall_SU_R_free_Cruickshank_DPI   ? 
_refine.pdbx_overall_SU_R_free_Blow_DPI          ? 
_refine.pdbx_overall_SU_R_Blow_DPI               ? 
_refine.pdbx_TLS_residual_ADP_flag               ? 
_refine.pdbx_diffrn_id                           1 
_refine.overall_SU_B                             ? 
_refine.overall_SU_ML                            0.2559 
_refine.overall_SU_R_Cruickshank_DPI             ? 
_refine.overall_SU_R_free                        ? 
_refine.overall_FOM_free_R_set                   ? 
_refine.overall_FOM_work_R_set                   ? 
_refine.pdbx_average_fsc_overall                 ? 
_refine.pdbx_average_fsc_work                    ? 
_refine.pdbx_average_fsc_free                    ? 
# 
_refine_hist.pdbx_refine_id                   'X-RAY DIFFRACTION' 
_refine_hist.cycle_id                         LAST 
_refine_hist.details                          ? 
_refine_hist.d_res_high                       1.67 
_refine_hist.d_res_low                        42.69 
_refine_hist.number_atoms_solvent             53 
_refine_hist.number_atoms_total               660 
_refine_hist.number_reflns_all                ? 
_refine_hist.number_reflns_obs                ? 
_refine_hist.number_reflns_R_free             ? 
_refine_hist.number_reflns_R_work             ? 
_refine_hist.R_factor_all                     ? 
_refine_hist.R_factor_obs                     ? 
_refine_hist.R_factor_R_free                  ? 
_refine_hist.R_factor_R_work                  ? 
_refine_hist.pdbx_number_residues_total       ? 
_refine_hist.pdbx_B_iso_mean_ligand           ? 
_refine_hist.pdbx_B_iso_mean_solvent          ? 
_refine_hist.pdbx_number_atoms_protein        0 
_refine_hist.pdbx_number_atoms_nucleic_acid   591 
_refine_hist.pdbx_number_atoms_ligand         16 
_refine_hist.pdbx_number_atoms_lipid          ? 
_refine_hist.pdbx_number_atoms_carb           ? 
_refine_hist.pdbx_pseudo_atom_details         ? 
# 
loop_
_refine_ls_restr.pdbx_refine_id 
_refine_ls_restr.criterion 
_refine_ls_restr.dev_ideal 
_refine_ls_restr.dev_ideal_target 
_refine_ls_restr.number 
_refine_ls_restr.rejects 
_refine_ls_restr.type 
_refine_ls_restr.weight 
_refine_ls_restr.pdbx_restraint_function 
'X-RAY DIFFRACTION' ? 0.0140  ? 674  ? f_bond_d           ? ? 
'X-RAY DIFFRACTION' ? 1.5121  ? 1038 ? f_angle_d          ? ? 
'X-RAY DIFFRACTION' ? 0.0831  ? 115  ? f_chiral_restr     ? ? 
'X-RAY DIFFRACTION' ? 0.0116  ? 30   ? f_plane_restr      ? ? 
'X-RAY DIFFRACTION' ? 32.6284 ? 286  ? f_dihedral_angle_d ? ? 
# 
loop_
_refine_ls_shell.pdbx_refine_id 
_refine_ls_shell.d_res_high 
_refine_ls_shell.d_res_low 
_refine_ls_shell.number_reflns_all 
_refine_ls_shell.number_reflns_obs 
_refine_ls_shell.number_reflns_R_free 
_refine_ls_shell.number_reflns_R_work 
_refine_ls_shell.percent_reflns_obs 
_refine_ls_shell.percent_reflns_R_free 
_refine_ls_shell.R_factor_all 
_refine_ls_shell.R_factor_obs 
_refine_ls_shell.R_factor_R_free_error 
_refine_ls_shell.R_factor_R_work 
_refine_ls_shell.redundancy_reflns_all 
_refine_ls_shell.redundancy_reflns_obs 
_refine_ls_shell.wR_factor_all 
_refine_ls_shell.wR_factor_obs 
_refine_ls_shell.wR_factor_R_free 
_refine_ls_shell.wR_factor_R_work 
_refine_ls_shell.pdbx_R_complete 
_refine_ls_shell.pdbx_total_number_of_bins_used 
_refine_ls_shell.pdbx_phase_error 
_refine_ls_shell.pdbx_fsc_work 
_refine_ls_shell.pdbx_fsc_free 
_refine_ls_shell.R_factor_R_free 
'X-RAY DIFFRACTION' 1.67 1.91  . . 113 2581 95.23 . . . . 0.4397 . . . . . . . . . . . 0.4699 
'X-RAY DIFFRACTION' 1.91 2.41  . . 180 2663 99.82 . . . . 0.2819 . . . . . . . . . . . 0.3270 
'X-RAY DIFFRACTION' 2.41 42.69 . . 176 2790 99.70 . . . . 0.1944 . . . . . . . . . . . 0.1969 
# 
_struct.entry_id                     8K0V 
_struct.title                        'Crystal structure of theophylline DNA aptamer bound to 3-methylxanthine' 
_struct.pdbx_model_details           ? 
_struct.pdbx_formula_weight          ? 
_struct.pdbx_formula_weight_method   ? 
_struct.pdbx_model_type_details      ? 
_struct.pdbx_CASP_flag               N 
# 
_struct_keywords.entry_id        8K0V 
_struct_keywords.text            'Aptamer, Theophylline, 3-methylxanthine, DNA' 
_struct_keywords.pdbx_keywords   DNA 
# 
loop_
_struct_asym.id 
_struct_asym.pdbx_blank_PDB_chainid_flag 
_struct_asym.pdbx_modified 
_struct_asym.entity_id 
_struct_asym.details 
A N N 1 ? 
B N N 2 ? 
C N N 3 ? 
D N N 3 ? 
E N N 3 ? 
F N N 3 ? 
G N N 4 ? 
# 
_struct_ref.id                         1 
_struct_ref.db_name                    PDB 
_struct_ref.db_code                    8K0V 
_struct_ref.pdbx_db_accession          8K0V 
_struct_ref.pdbx_db_isoform            ? 
_struct_ref.entity_id                  1 
_struct_ref.pdbx_seq_one_letter_code   ? 
_struct_ref.pdbx_align_begin           1 
# 
_struct_ref_seq.align_id                      1 
_struct_ref_seq.ref_id                        1 
_struct_ref_seq.pdbx_PDB_id_code              8K0V 
_struct_ref_seq.pdbx_strand_id                A 
_struct_ref_seq.seq_align_beg                 1 
_struct_ref_seq.pdbx_seq_align_beg_ins_code   ? 
_struct_ref_seq.seq_align_end                 29 
_struct_ref_seq.pdbx_seq_align_end_ins_code   ? 
_struct_ref_seq.pdbx_db_accession             8K0V 
_struct_ref_seq.db_align_beg                  1 
_struct_ref_seq.pdbx_db_align_beg_ins_code    ? 
_struct_ref_seq.db_align_end                  29 
_struct_ref_seq.pdbx_db_align_end_ins_code    ? 
_struct_ref_seq.pdbx_auth_seq_align_beg       1 
_struct_ref_seq.pdbx_auth_seq_align_end       29 
# 
_pdbx_struct_assembly.id                   1 
_pdbx_struct_assembly.details              author_and_software_defined_assembly 
_pdbx_struct_assembly.method_details       PISA 
_pdbx_struct_assembly.oligomeric_details   monomeric 
_pdbx_struct_assembly.oligomeric_count     1 
# 
loop_
_pdbx_struct_assembly_prop.biol_id 
_pdbx_struct_assembly_prop.type 
_pdbx_struct_assembly_prop.value 
_pdbx_struct_assembly_prop.details 
1 'ABSA (A^2)' 160  ? 
1 MORE         -10  ? 
1 'SSA (A^2)'  4830 ? 
# 
_pdbx_struct_assembly_gen.assembly_id       1 
_pdbx_struct_assembly_gen.oper_expression   1 
_pdbx_struct_assembly_gen.asym_id_list      A,B,C,D,E,F,G 
# 
_pdbx_struct_assembly_auth_evidence.id                     1 
_pdbx_struct_assembly_auth_evidence.assembly_id            1 
_pdbx_struct_assembly_auth_evidence.experimental_support   none 
_pdbx_struct_assembly_auth_evidence.details                ? 
# 
_pdbx_struct_oper_list.id                   1 
_pdbx_struct_oper_list.type                 'identity operation' 
_pdbx_struct_oper_list.name                 1_555 
_pdbx_struct_oper_list.symmetry_operation   x,y,z 
_pdbx_struct_oper_list.matrix[1][1]         1.0000000000 
_pdbx_struct_oper_list.matrix[1][2]         0.0000000000 
_pdbx_struct_oper_list.matrix[1][3]         0.0000000000 
_pdbx_struct_oper_list.vector[1]            0.0000000000 
_pdbx_struct_oper_list.matrix[2][1]         0.0000000000 
_pdbx_struct_oper_list.matrix[2][2]         1.0000000000 
_pdbx_struct_oper_list.matrix[2][3]         0.0000000000 
_pdbx_struct_oper_list.vector[2]            0.0000000000 
_pdbx_struct_oper_list.matrix[3][1]         0.0000000000 
_pdbx_struct_oper_list.matrix[3][2]         0.0000000000 
_pdbx_struct_oper_list.matrix[3][3]         1.0000000000 
_pdbx_struct_oper_list.vector[3]            0.0000000000 
# 
loop_
_struct_conn.id 
_struct_conn.conn_type_id 
_struct_conn.pdbx_leaving_atom_flag 
_struct_conn.pdbx_PDB_id 
_struct_conn.ptnr1_label_asym_id 
_struct_conn.ptnr1_label_comp_id 
_struct_conn.ptnr1_label_seq_id 
_struct_conn.ptnr1_label_atom_id 
_struct_conn.pdbx_ptnr1_label_alt_id 
_struct_conn.pdbx_ptnr1_PDB_ins_code 
_struct_conn.pdbx_ptnr1_standard_comp_id 
_struct_conn.ptnr1_symmetry 
_struct_conn.ptnr2_label_asym_id 
_struct_conn.ptnr2_label_comp_id 
_struct_conn.ptnr2_label_seq_id 
_struct_conn.ptnr2_label_atom_id 
_struct_conn.pdbx_ptnr2_label_alt_id 
_struct_conn.pdbx_ptnr2_PDB_ins_code 
_struct_conn.ptnr1_auth_asym_id 
_struct_conn.ptnr1_auth_comp_id 
_struct_conn.ptnr1_auth_seq_id 
_struct_conn.ptnr2_auth_asym_id 
_struct_conn.ptnr2_auth_comp_id 
_struct_conn.ptnr2_auth_seq_id 
_struct_conn.ptnr2_symmetry 
_struct_conn.pdbx_ptnr3_label_atom_id 
_struct_conn.pdbx_ptnr3_label_seq_id 
_struct_conn.pdbx_ptnr3_label_comp_id 
_struct_conn.pdbx_ptnr3_label_asym_id 
_struct_conn.pdbx_ptnr3_label_alt_id 
_struct_conn.pdbx_ptnr3_PDB_ins_code 
_struct_conn.details 
_struct_conn.pdbx_dist_value 
_struct_conn.pdbx_value_order 
_struct_conn.pdbx_role 
metalc1  metalc ? ? A DG 4  O6  ? ? ? 1_555 C NA  .  NA ? ? A DG 4   A NA  102 1_555 ? ? ? ? ? ? ?            2.758 ? ? 
metalc2  metalc ? ? A DA 17 OP1 ? ? ? 1_555 E NA  .  NA ? ? A DA 17  A NA  104 3_655 ? ? ? ? ? ? ?            2.186 ? ? 
metalc3  metalc ? ? A DG 21 OP1 ? ? ? 1_555 E NA  .  NA ? ? A DG 21  A NA  104 1_555 ? ? ? ? ? ? ?            2.203 ? ? 
metalc4  metalc ? ? A DT 22 OP2 ? ? ? 1_555 E NA  .  NA ? ? A DT 22  A NA  104 1_555 ? ? ? ? ? ? ?            2.170 ? ? 
metalc5  metalc ? ? C NA .  NA  ? ? ? 1_555 G HOH .  O  ? ? A NA 102 A HOH 210 6_554 ? ? ? ? ? ? ?            1.938 ? ? 
metalc6  metalc ? ? C NA .  NA  ? ? ? 1_555 G HOH .  O  ? ? A NA 102 A HOH 238 1_555 ? ? ? ? ? ? ?            2.699 ? ? 
metalc7  metalc ? ? C NA .  NA  ? ? ? 1_555 G HOH .  O  ? ? A NA 102 A HOH 241 1_555 ? ? ? ? ? ? ?            2.177 ? ? 
metalc8  metalc ? ? D NA .  NA  ? ? ? 1_555 G HOH .  O  ? ? A NA 103 A HOH 204 4_655 ? ? ? ? ? ? ?            2.472 ? ? 
metalc9  metalc ? ? D NA .  NA  ? ? ? 1_555 G HOH .  O  ? ? A NA 103 A HOH 240 1_555 ? ? ? ? ? ? ?            2.543 ? ? 
metalc10 metalc ? ? E NA .  NA  ? ? ? 1_555 G HOH .  O  ? ? A NA 104 A HOH 216 2_544 ? ? ? ? ? ? ?            2.271 ? ? 
metalc11 metalc ? ? E NA .  NA  ? ? ? 1_555 G HOH .  O  ? ? A NA 104 A HOH 219 2_544 ? ? ? ? ? ? ?            2.346 ? ? 
metalc12 metalc ? ? E NA .  NA  ? ? ? 1_555 G HOH .  O  ? ? A NA 104 A HOH 245 1_555 ? ? ? ? ? ? ?            2.482 ? ? 
metalc13 metalc ? ? F NA .  NA  ? ? ? 1_555 G HOH .  O  ? ? A NA 105 A HOH 207 1_555 ? ? ? ? ? ? ?            2.555 ? ? 
metalc14 metalc ? ? F NA .  NA  ? ? ? 1_555 G HOH .  O  ? ? A NA 105 A HOH 221 1_555 ? ? ? ? ? ? ?            2.684 ? ? 
metalc15 metalc ? ? F NA .  NA  ? ? ? 1_555 G HOH .  O  ? ? A NA 105 A HOH 222 1_555 ? ? ? ? ? ? ?            2.393 ? ? 
metalc16 metalc ? ? F NA .  NA  ? ? ? 1_555 G HOH .  O  ? ? A NA 105 A HOH 231 1_555 ? ? ? ? ? ? ?            2.596 ? ? 
metalc17 metalc ? ? F NA .  NA  ? ? ? 1_555 G HOH .  O  ? ? A NA 105 A HOH 248 1_555 ? ? ? ? ? ? ?            2.138 ? ? 
hydrog1  hydrog ? ? A DG 1  N1  ? ? ? 1_555 A DC  29 N3 ? ? A DG 1   A DC  29  1_555 ? ? ? ? ? ? WATSON-CRICK ?     ? ? 
hydrog2  hydrog ? ? A DG 1  N2  ? ? ? 1_555 A DC  29 O2 ? ? A DG 1   A DC  29  1_555 ? ? ? ? ? ? WATSON-CRICK ?     ? ? 
hydrog3  hydrog ? ? A DG 1  O6  ? ? ? 1_555 A DC  29 N4 ? ? A DG 1   A DC  29  1_555 ? ? ? ? ? ? WATSON-CRICK ?     ? ? 
hydrog4  hydrog ? ? A DC 2  N3  ? ? ? 1_555 A DG  28 N1 ? ? A DC 2   A DG  28  1_555 ? ? ? ? ? ? WATSON-CRICK ?     ? ? 
hydrog5  hydrog ? ? A DC 2  N4  ? ? ? 1_555 A DG  28 O6 ? ? A DC 2   A DG  28  1_555 ? ? ? ? ? ? WATSON-CRICK ?     ? ? 
hydrog6  hydrog ? ? A DC 2  O2  ? ? ? 1_555 A DG  28 N2 ? ? A DC 2   A DG  28  1_555 ? ? ? ? ? ? WATSON-CRICK ?     ? ? 
hydrog7  hydrog ? ? A DG 3  N1  ? ? ? 1_555 A DC  27 N3 ? ? A DG 3   A DC  27  1_555 ? ? ? ? ? ? WATSON-CRICK ?     ? ? 
hydrog8  hydrog ? ? A DG 3  N2  ? ? ? 1_555 A DC  27 O2 ? ? A DG 3   A DC  27  1_555 ? ? ? ? ? ? WATSON-CRICK ?     ? ? 
hydrog9  hydrog ? ? A DG 3  O6  ? ? ? 1_555 A DC  27 N4 ? ? A DG 3   A DC  27  1_555 ? ? ? ? ? ? WATSON-CRICK ?     ? ? 
hydrog10 hydrog ? ? A DG 4  N1  ? ? ? 1_555 A DC  26 N3 ? ? A DG 4   A DC  26  1_555 ? ? ? ? ? ? WATSON-CRICK ?     ? ? 
hydrog11 hydrog ? ? A DG 4  N2  ? ? ? 1_555 A DC  26 O2 ? ? A DG 4   A DC  26  1_555 ? ? ? ? ? ? WATSON-CRICK ?     ? ? 
hydrog12 hydrog ? ? A DG 4  O6  ? ? ? 1_555 A DC  26 N4 ? ? A DG 4   A DC  26  1_555 ? ? ? ? ? ? WATSON-CRICK ?     ? ? 
hydrog13 hydrog ? ? A DT 5  N3  ? ? ? 1_555 A DG  25 O6 ? ? A DT 5   A DG  25  1_555 ? ? ? ? ? ? TYPE_28_PAIR ?     ? ? 
hydrog14 hydrog ? ? A DT 5  O2  ? ? ? 1_555 A DG  25 N1 ? ? A DT 5   A DG  25  1_555 ? ? ? ? ? ? TYPE_28_PAIR ?     ? ? 
hydrog15 hydrog ? ? A DG 6  N7  ? ? ? 1_555 A DG  19 N1 ? ? A DG 6   A DG  19  1_555 ? ? ? ? ? ? TYPE_7_PAIR  ?     ? ? 
hydrog16 hydrog ? ? A DG 6  O6  ? ? ? 1_555 A DG  19 N2 ? ? A DG 6   A DG  19  1_555 ? ? ? ? ? ? TYPE_7_PAIR  ?     ? ? 
hydrog17 hydrog ? ? A DG 6  N1  ? ? ? 1_555 A DC  24 N3 ? ? A DG 6   A DC  24  1_555 ? ? ? ? ? ? WATSON-CRICK ?     ? ? 
hydrog18 hydrog ? ? A DG 6  N2  ? ? ? 1_555 A DC  24 O2 ? ? A DG 6   A DC  24  1_555 ? ? ? ? ? ? WATSON-CRICK ?     ? ? 
hydrog19 hydrog ? ? A DG 6  O6  ? ? ? 1_555 A DC  24 N4 ? ? A DG 6   A DC  24  1_555 ? ? ? ? ? ? WATSON-CRICK ?     ? ? 
hydrog20 hydrog ? ? A DG 7  N7  ? ? ? 1_555 A DG  18 N1 ? ? A DG 7   A DG  18  1_555 ? ? ? ? ? ? TYPE_7_PAIR  ?     ? ? 
hydrog21 hydrog ? ? A DG 7  O6  ? ? ? 1_555 A DG  18 N2 ? ? A DG 7   A DG  18  1_555 ? ? ? ? ? ? TYPE_7_PAIR  ?     ? ? 
hydrog22 hydrog ? ? A DG 7  N1  ? ? ? 1_555 A DC  23 N3 ? ? A DG 7   A DC  23  1_555 ? ? ? ? ? ? WATSON-CRICK ?     ? ? 
hydrog23 hydrog ? ? A DG 7  N2  ? ? ? 1_555 A DC  23 O2 ? ? A DG 7   A DC  23  1_555 ? ? ? ? ? ? WATSON-CRICK ?     ? ? 
hydrog24 hydrog ? ? A DG 7  O6  ? ? ? 1_555 A DC  23 N4 ? ? A DG 7   A DC  23  1_555 ? ? ? ? ? ? WATSON-CRICK ?     ? ? 
hydrog25 hydrog ? ? A DC 9  N3  ? ? ? 1_555 A DG  21 N1 ? ? A DC 9   A DG  21  1_555 ? ? ? ? ? ? WATSON-CRICK ?     ? ? 
hydrog26 hydrog ? ? A DC 9  N4  ? ? ? 1_555 A DG  21 O6 ? ? A DC 9   A DG  21  1_555 ? ? ? ? ? ? WATSON-CRICK ?     ? ? 
hydrog27 hydrog ? ? A DC 9  O2  ? ? ? 1_555 A DG  21 N2 ? ? A DC 9   A DG  21  1_555 ? ? ? ? ? ? WATSON-CRICK ?     ? ? 
hydrog28 hydrog ? ? A DA 11 N1  ? ? ? 1_555 A DT  16 N3 ? ? A DA 11  A DT  16  1_555 ? ? ? ? ? ? WATSON-CRICK ?     ? ? 
hydrog29 hydrog ? ? A DA 11 N6  ? ? ? 1_555 A DT  16 O4 ? ? A DA 11  A DT  16  1_555 ? ? ? ? ? ? WATSON-CRICK ?     ? ? 
hydrog30 hydrog ? ? A DT 12 N3  ? ? ? 1_555 A DA  15 N7 ? ? A DT 12  A DA  15  1_555 ? ? ? ? ? ? HOOGSTEEN    ?     ? ? 
hydrog31 hydrog ? ? A DT 12 O4  ? ? ? 1_555 A DA  15 N6 ? ? A DT 12  A DA  15  1_555 ? ? ? ? ? ? HOOGSTEEN    ?     ? ? 
# 
loop_
_struct_conn_type.id 
_struct_conn_type.criteria 
_struct_conn_type.reference 
metalc ? ? 
hydrog ? ? 
# 
loop_
_pdbx_struct_conn_angle.id 
_pdbx_struct_conn_angle.ptnr1_label_atom_id 
_pdbx_struct_conn_angle.ptnr1_label_alt_id 
_pdbx_struct_conn_angle.ptnr1_label_asym_id 
_pdbx_struct_conn_angle.ptnr1_label_comp_id 
_pdbx_struct_conn_angle.ptnr1_label_seq_id 
_pdbx_struct_conn_angle.ptnr1_auth_atom_id 
_pdbx_struct_conn_angle.ptnr1_auth_asym_id 
_pdbx_struct_conn_angle.ptnr1_auth_comp_id 
_pdbx_struct_conn_angle.ptnr1_auth_seq_id 
_pdbx_struct_conn_angle.ptnr1_PDB_ins_code 
_pdbx_struct_conn_angle.ptnr1_symmetry 
_pdbx_struct_conn_angle.ptnr2_label_atom_id 
_pdbx_struct_conn_angle.ptnr2_label_alt_id 
_pdbx_struct_conn_angle.ptnr2_label_asym_id 
_pdbx_struct_conn_angle.ptnr2_label_comp_id 
_pdbx_struct_conn_angle.ptnr2_label_seq_id 
_pdbx_struct_conn_angle.ptnr2_auth_atom_id 
_pdbx_struct_conn_angle.ptnr2_auth_asym_id 
_pdbx_struct_conn_angle.ptnr2_auth_comp_id 
_pdbx_struct_conn_angle.ptnr2_auth_seq_id 
_pdbx_struct_conn_angle.ptnr2_PDB_ins_code 
_pdbx_struct_conn_angle.ptnr2_symmetry 
_pdbx_struct_conn_angle.ptnr3_label_atom_id 
_pdbx_struct_conn_angle.ptnr3_label_alt_id 
_pdbx_struct_conn_angle.ptnr3_label_asym_id 
_pdbx_struct_conn_angle.ptnr3_label_comp_id 
_pdbx_struct_conn_angle.ptnr3_label_seq_id 
_pdbx_struct_conn_angle.ptnr3_auth_atom_id 
_pdbx_struct_conn_angle.ptnr3_auth_asym_id 
_pdbx_struct_conn_angle.ptnr3_auth_comp_id 
_pdbx_struct_conn_angle.ptnr3_auth_seq_id 
_pdbx_struct_conn_angle.ptnr3_PDB_ins_code 
_pdbx_struct_conn_angle.ptnr3_symmetry 
_pdbx_struct_conn_angle.value 
_pdbx_struct_conn_angle.value_esd 
1  O6  ? A DG  4  ? A DG  4   ? 1_555 NA ? C NA . ? A NA 102 ? 1_555 O   ? G HOH .  ? A HOH 210 ? 6_554 158.7 ? 
2  O6  ? A DG  4  ? A DG  4   ? 1_555 NA ? C NA . ? A NA 102 ? 1_555 O   ? G HOH .  ? A HOH 238 ? 1_555 80.8  ? 
3  O   ? G HOH .  ? A HOH 210 ? 6_554 NA ? C NA . ? A NA 102 ? 1_555 O   ? G HOH .  ? A HOH 238 ? 1_555 119.4 ? 
4  O6  ? A DG  4  ? A DG  4   ? 1_555 NA ? C NA . ? A NA 102 ? 1_555 O   ? G HOH .  ? A HOH 241 ? 1_555 83.7  ? 
5  O   ? G HOH .  ? A HOH 210 ? 6_554 NA ? C NA . ? A NA 102 ? 1_555 O   ? G HOH .  ? A HOH 241 ? 1_555 81.8  ? 
6  O   ? G HOH .  ? A HOH 238 ? 1_555 NA ? C NA . ? A NA 102 ? 1_555 O   ? G HOH .  ? A HOH 241 ? 1_555 113.5 ? 
7  OP1 ? A DA  17 ? A DA  17  ? 1_555 NA ? E NA . ? A NA 104 ? 3_655 OP1 ? A DG  21 ? A DG  21  ? 1_555 71.0  ? 
8  OP1 ? A DA  17 ? A DA  17  ? 1_555 NA ? E NA . ? A NA 104 ? 3_655 OP2 ? A DT  22 ? A DT  22  ? 1_555 66.4  ? 
9  OP1 ? A DG  21 ? A DG  21  ? 1_555 NA ? E NA . ? A NA 104 ? 3_655 OP2 ? A DT  22 ? A DT  22  ? 1_555 4.9   ? 
10 OP1 ? A DA  17 ? A DA  17  ? 1_555 NA ? E NA . ? A NA 104 ? 3_655 O   ? G HOH .  ? A HOH 216 ? 2_544 76.5  ? 
11 OP1 ? A DG  21 ? A DG  21  ? 1_555 NA ? E NA . ? A NA 104 ? 3_655 O   ? G HOH .  ? A HOH 216 ? 2_544 7.6   ? 
12 OP2 ? A DT  22 ? A DT  22  ? 1_555 NA ? E NA . ? A NA 104 ? 3_655 O   ? G HOH .  ? A HOH 216 ? 2_544 12.3  ? 
13 OP1 ? A DA  17 ? A DA  17  ? 1_555 NA ? E NA . ? A NA 104 ? 3_655 O   ? G HOH .  ? A HOH 219 ? 2_544 70.8  ? 
14 OP1 ? A DG  21 ? A DG  21  ? 1_555 NA ? E NA . ? A NA 104 ? 3_655 O   ? G HOH .  ? A HOH 219 ? 2_544 2.5   ? 
15 OP2 ? A DT  22 ? A DT  22  ? 1_555 NA ? E NA . ? A NA 104 ? 3_655 O   ? G HOH .  ? A HOH 219 ? 2_544 6.2   ? 
16 O   ? G HOH .  ? A HOH 216 ? 2_544 NA ? E NA . ? A NA 104 ? 3_655 O   ? G HOH .  ? A HOH 219 ? 2_544 6.3   ? 
17 OP1 ? A DA  17 ? A DA  17  ? 1_555 NA ? E NA . ? A NA 104 ? 3_655 O   ? G HOH .  ? A HOH 245 ? 1_555 67.8  ? 
18 OP1 ? A DG  21 ? A DG  21  ? 1_555 NA ? E NA . ? A NA 104 ? 3_655 O   ? G HOH .  ? A HOH 245 ? 1_555 8.0   ? 
19 OP2 ? A DT  22 ? A DT  22  ? 1_555 NA ? E NA . ? A NA 104 ? 3_655 O   ? G HOH .  ? A HOH 245 ? 1_555 9.1   ? 
20 O   ? G HOH .  ? A HOH 216 ? 2_544 NA ? E NA . ? A NA 104 ? 3_655 O   ? G HOH .  ? A HOH 245 ? 1_555 8.9   ? 
21 O   ? G HOH .  ? A HOH 219 ? 2_544 NA ? E NA . ? A NA 104 ? 3_655 O   ? G HOH .  ? A HOH 245 ? 1_555 5.7   ? 
22 O   ? G HOH .  ? A HOH 204 ? 4_655 NA ? D NA . ? A NA 103 ? 1_555 O   ? G HOH .  ? A HOH 240 ? 1_555 149.0 ? 
23 O   ? G HOH .  ? A HOH 207 ? 1_555 NA ? F NA . ? A NA 105 ? 1_555 O   ? G HOH .  ? A HOH 221 ? 1_555 94.5  ? 
24 O   ? G HOH .  ? A HOH 207 ? 1_555 NA ? F NA . ? A NA 105 ? 1_555 O   ? G HOH .  ? A HOH 222 ? 1_555 86.8  ? 
25 O   ? G HOH .  ? A HOH 221 ? 1_555 NA ? F NA . ? A NA 105 ? 1_555 O   ? G HOH .  ? A HOH 222 ? 1_555 67.9  ? 
26 O   ? G HOH .  ? A HOH 207 ? 1_555 NA ? F NA . ? A NA 105 ? 1_555 O   ? G HOH .  ? A HOH 231 ? 1_555 150.3 ? 
27 O   ? G HOH .  ? A HOH 221 ? 1_555 NA ? F NA . ? A NA 105 ? 1_555 O   ? G HOH .  ? A HOH 231 ? 1_555 109.5 ? 
28 O   ? G HOH .  ? A HOH 222 ? 1_555 NA ? F NA . ? A NA 105 ? 1_555 O   ? G HOH .  ? A HOH 231 ? 1_555 86.3  ? 
29 O   ? G HOH .  ? A HOH 207 ? 1_555 NA ? F NA . ? A NA 105 ? 1_555 O   ? G HOH .  ? A HOH 248 ? 1_555 135.2 ? 
30 O   ? G HOH .  ? A HOH 221 ? 1_555 NA ? F NA . ? A NA 105 ? 1_555 O   ? G HOH .  ? A HOH 248 ? 1_555 115.8 ? 
31 O   ? G HOH .  ? A HOH 222 ? 1_555 NA ? F NA . ? A NA 105 ? 1_555 O   ? G HOH .  ? A HOH 248 ? 1_555 133.8 ? 
32 O   ? G HOH .  ? A HOH 231 ? 1_555 NA ? F NA . ? A NA 105 ? 1_555 O   ? G HOH .  ? A HOH 248 ? 1_555 48.0  ? 
# 
_pdbx_entry_details.entry_id                   8K0V 
_pdbx_entry_details.nonpolymer_details         ? 
_pdbx_entry_details.sequence_details           ? 
_pdbx_entry_details.compound_details           ? 
_pdbx_entry_details.source_details             ? 
_pdbx_entry_details.has_ligand_of_interest     Y 
_pdbx_entry_details.has_protein_modification   N 
# 
loop_
_pdbx_validate_close_contact.id 
_pdbx_validate_close_contact.PDB_model_num 
_pdbx_validate_close_contact.auth_atom_id_1 
_pdbx_validate_close_contact.auth_asym_id_1 
_pdbx_validate_close_contact.auth_comp_id_1 
_pdbx_validate_close_contact.auth_seq_id_1 
_pdbx_validate_close_contact.PDB_ins_code_1 
_pdbx_validate_close_contact.label_alt_id_1 
_pdbx_validate_close_contact.auth_atom_id_2 
_pdbx_validate_close_contact.auth_asym_id_2 
_pdbx_validate_close_contact.auth_comp_id_2 
_pdbx_validate_close_contact.auth_seq_id_2 
_pdbx_validate_close_contact.PDB_ins_code_2 
_pdbx_validate_close_contact.label_alt_id_2 
_pdbx_validate_close_contact.dist 
1 1 O6    A DG  1   ? ? H42 A DC  29  ? ? 1.58 
2 1 O     A HOH 231 ? ? O   A HOH 248 ? ? 1.97 
3 1 "O3'" A DC  26  ? ? O   A HOH 201 ? ? 2.15 
# 
_pdbx_validate_symm_contact.id                1 
_pdbx_validate_symm_contact.PDB_model_num     1 
_pdbx_validate_symm_contact.auth_atom_id_1    O 
_pdbx_validate_symm_contact.auth_asym_id_1    A 
_pdbx_validate_symm_contact.auth_comp_id_1    HOH 
_pdbx_validate_symm_contact.auth_seq_id_1     202 
_pdbx_validate_symm_contact.PDB_ins_code_1    ? 
_pdbx_validate_symm_contact.label_alt_id_1    ? 
_pdbx_validate_symm_contact.site_symmetry_1   1_555 
_pdbx_validate_symm_contact.auth_atom_id_2    O 
_pdbx_validate_symm_contact.auth_asym_id_2    A 
_pdbx_validate_symm_contact.auth_comp_id_2    HOH 
_pdbx_validate_symm_contact.auth_seq_id_2     227 
_pdbx_validate_symm_contact.PDB_ins_code_2    ? 
_pdbx_validate_symm_contact.label_alt_id_2    ? 
_pdbx_validate_symm_contact.site_symmetry_2   2_544 
_pdbx_validate_symm_contact.dist              1.93 
# 
loop_
_pdbx_validate_rmsd_bond.id 
_pdbx_validate_rmsd_bond.PDB_model_num 
_pdbx_validate_rmsd_bond.auth_atom_id_1 
_pdbx_validate_rmsd_bond.auth_asym_id_1 
_pdbx_validate_rmsd_bond.auth_comp_id_1 
_pdbx_validate_rmsd_bond.auth_seq_id_1 
_pdbx_validate_rmsd_bond.PDB_ins_code_1 
_pdbx_validate_rmsd_bond.label_alt_id_1 
_pdbx_validate_rmsd_bond.auth_atom_id_2 
_pdbx_validate_rmsd_bond.auth_asym_id_2 
_pdbx_validate_rmsd_bond.auth_comp_id_2 
_pdbx_validate_rmsd_bond.auth_seq_id_2 
_pdbx_validate_rmsd_bond.PDB_ins_code_2 
_pdbx_validate_rmsd_bond.label_alt_id_2 
_pdbx_validate_rmsd_bond.bond_value 
_pdbx_validate_rmsd_bond.bond_target_value 
_pdbx_validate_rmsd_bond.bond_deviation 
_pdbx_validate_rmsd_bond.bond_standard_deviation 
_pdbx_validate_rmsd_bond.linker_flag 
1 1 "O3'" A DG 6  ? ? "C3'" A DG 6  ? ? 1.378 1.419 -0.041 0.006 N 
2 1 "O3'" A DT 10 ? ? "C3'" A DT 10 ? ? 1.367 1.419 -0.052 0.006 N 
3 1 "O3'" A DC 14 ? ? "C3'" A DC 14 ? ? 1.379 1.419 -0.040 0.006 N 
4 1 "O3'" A DT 22 ? ? "C3'" A DT 22 ? ? 1.378 1.419 -0.041 0.006 N 
# 
loop_
_pdbx_validate_rmsd_angle.id 
_pdbx_validate_rmsd_angle.PDB_model_num 
_pdbx_validate_rmsd_angle.auth_atom_id_1 
_pdbx_validate_rmsd_angle.auth_asym_id_1 
_pdbx_validate_rmsd_angle.auth_comp_id_1 
_pdbx_validate_rmsd_angle.auth_seq_id_1 
_pdbx_validate_rmsd_angle.PDB_ins_code_1 
_pdbx_validate_rmsd_angle.label_alt_id_1 
_pdbx_validate_rmsd_angle.auth_atom_id_2 
_pdbx_validate_rmsd_angle.auth_asym_id_2 
_pdbx_validate_rmsd_angle.auth_comp_id_2 
_pdbx_validate_rmsd_angle.auth_seq_id_2 
_pdbx_validate_rmsd_angle.PDB_ins_code_2 
_pdbx_validate_rmsd_angle.label_alt_id_2 
_pdbx_validate_rmsd_angle.auth_atom_id_3 
_pdbx_validate_rmsd_angle.auth_asym_id_3 
_pdbx_validate_rmsd_angle.auth_comp_id_3 
_pdbx_validate_rmsd_angle.auth_seq_id_3 
_pdbx_validate_rmsd_angle.PDB_ins_code_3 
_pdbx_validate_rmsd_angle.label_alt_id_3 
_pdbx_validate_rmsd_angle.angle_value 
_pdbx_validate_rmsd_angle.angle_target_value 
_pdbx_validate_rmsd_angle.angle_deviation 
_pdbx_validate_rmsd_angle.angle_standard_deviation 
_pdbx_validate_rmsd_angle.linker_flag 
1 1 "O4'" A DG 7  ? ? "C1'" A DG 7  ? ? N9 A DG 7  ? ? 110.69 108.30 2.39 0.30 N 
2 1 "O4'" A DG 18 ? ? "C1'" A DG 18 ? ? N9 A DG 18 ? ? 110.46 108.30 2.16 0.30 N 
# 
_pdbx_struct_special_symmetry.id              1 
_pdbx_struct_special_symmetry.PDB_model_num   1 
_pdbx_struct_special_symmetry.auth_asym_id    A 
_pdbx_struct_special_symmetry.auth_comp_id    HOH 
_pdbx_struct_special_symmetry.auth_seq_id     208 
_pdbx_struct_special_symmetry.PDB_ins_code    ? 
_pdbx_struct_special_symmetry.label_asym_id   G 
_pdbx_struct_special_symmetry.label_comp_id   HOH 
_pdbx_struct_special_symmetry.label_seq_id    . 
# 
loop_
_space_group_symop.id 
_space_group_symop.operation_xyz 
1 x,y,z          
2 -y,x-y,z+2/3   
3 -x+y,-x,z+1/3  
4 x-y,-y,-z+1/3  
5 -x,-x+y,-z+2/3 
6 y,x,-z         
# 
loop_
_pdbx_refine_tls.id 
_pdbx_refine_tls.pdbx_refine_id 
_pdbx_refine_tls.details 
_pdbx_refine_tls.method 
_pdbx_refine_tls.origin_x 
_pdbx_refine_tls.origin_y 
_pdbx_refine_tls.origin_z 
_pdbx_refine_tls.T[1][1] 
_pdbx_refine_tls.T[1][1]_esd 
_pdbx_refine_tls.T[1][2] 
_pdbx_refine_tls.T[1][2]_esd 
_pdbx_refine_tls.T[1][3] 
_pdbx_refine_tls.T[1][3]_esd 
_pdbx_refine_tls.T[2][2] 
_pdbx_refine_tls.T[2][2]_esd 
_pdbx_refine_tls.T[2][3] 
_pdbx_refine_tls.T[2][3]_esd 
_pdbx_refine_tls.T[3][3] 
_pdbx_refine_tls.T[3][3]_esd 
_pdbx_refine_tls.L[1][1] 
_pdbx_refine_tls.L[1][1]_esd 
_pdbx_refine_tls.L[1][2] 
_pdbx_refine_tls.L[1][2]_esd 
_pdbx_refine_tls.L[1][3] 
_pdbx_refine_tls.L[1][3]_esd 
_pdbx_refine_tls.L[2][2] 
_pdbx_refine_tls.L[2][2]_esd 
_pdbx_refine_tls.L[2][3] 
_pdbx_refine_tls.L[2][3]_esd 
_pdbx_refine_tls.L[3][3] 
_pdbx_refine_tls.L[3][3]_esd 
_pdbx_refine_tls.S[1][1] 
_pdbx_refine_tls.S[1][1]_esd 
_pdbx_refine_tls.S[1][2] 
_pdbx_refine_tls.S[1][2]_esd 
_pdbx_refine_tls.S[1][3] 
_pdbx_refine_tls.S[1][3]_esd 
_pdbx_refine_tls.S[2][1] 
_pdbx_refine_tls.S[2][1]_esd 
_pdbx_refine_tls.S[2][2] 
_pdbx_refine_tls.S[2][2]_esd 
_pdbx_refine_tls.S[2][3] 
_pdbx_refine_tls.S[2][3]_esd 
_pdbx_refine_tls.S[3][1] 
_pdbx_refine_tls.S[3][1]_esd 
_pdbx_refine_tls.S[3][2] 
_pdbx_refine_tls.S[3][2]_esd 
_pdbx_refine_tls.S[3][3] 
_pdbx_refine_tls.S[3][3]_esd 
1 'X-RAY DIFFRACTION' ? refined -0.250559710  -0.19008642932 -12.4680778346 0.410803485523 ? -0.013899480818 ? 0.066258357387  ? 0.51202466704  ? -0.018277239201 ? 0.238206239830 ? 2.9134419636  ? -1.302605099302 ? -1.58429748260  ? 4.53836274043 ? -0.45255063949 ? 5.88000311939 ? -0.470480228696 ? -0.595561962583 ? -0.461375973182 ? -0.259710746968 ? 0.734316230348  ? -0.109014964495 ? -0.147376248579 ? -0.415842584068 ? -0.163317976538 ? 
2 'X-RAY DIFFRACTION' ? refined 2.458879328   -0.6734381826  7.27337510588  0.192615263521 ? -0.014959129791 ? 0.022970161417  ? 0.220315790659 ? 0.013503287047  ? 0.157350154913 ? 7.65104421221 ? -0.07767386028  ? -0.359416709165 ? 2.82080395077 ? 1.317974733882 ? 3.94184603832 ? 0.203780404889  ? -0.409395233188 ? -0.007524969489 ? 0.13273543177   ? -0.081780766771 ? -0.029536417410 ? -0.194032162249 ? 0.130744936531  ? -0.136837718307 ? 
3 'X-RAY DIFFRACTION' ? refined -3.9002902114 1.59007577224  -5.72064484138 0.260217080244 ? 0.029018379787  ? -0.002841341016 ? 0.239400032695 ? -0.022801256359 ? 0.202224315604 ? 4.53599407274 ? 0.30978546463   ? -2.26559849943  ? 3.34382418177 ? -2.58018364873 ? 9.52192693867 ? 0.290954581779  ? 0.29391764183   ? 0.346599421886  ? 0.040175596634  ? 0.398456643506  ? 0.49950619212   ? -0.89062754101  ? -0.401738301420 ? -0.632355143369 ? 
# 
loop_
_pdbx_refine_tls_group.id 
_pdbx_refine_tls_group.pdbx_refine_id 
_pdbx_refine_tls_group.refine_tls_id 
_pdbx_refine_tls_group.beg_label_asym_id 
_pdbx_refine_tls_group.beg_label_seq_id 
_pdbx_refine_tls_group.beg_auth_asym_id 
_pdbx_refine_tls_group.beg_auth_seq_id 
_pdbx_refine_tls_group.beg_PDB_ins_code 
_pdbx_refine_tls_group.end_label_asym_id 
_pdbx_refine_tls_group.end_label_seq_id 
_pdbx_refine_tls_group.end_auth_asym_id 
_pdbx_refine_tls_group.end_auth_seq_id 
_pdbx_refine_tls_group.end_PDB_ins_code 
_pdbx_refine_tls_group.selection 
_pdbx_refine_tls_group.selection_details 
1 'X-RAY DIFFRACTION' 1 A ? A 1  ? A ? A 5  ? ? 
;chain 'A' and (resid 1 through 5 )
;
2 'X-RAY DIFFRACTION' 2 A ? A 6  ? A ? A 20 ? ? 
;chain 'A' and (resid 6 through 20 )
;
3 'X-RAY DIFFRACTION' 3 A ? A 21 ? A ? A 29 ? ? 
;chain 'A' and (resid 21 through 29 )
;
# 
loop_
_chem_comp_atom.comp_id 
_chem_comp_atom.atom_id 
_chem_comp_atom.type_symbol 
_chem_comp_atom.pdbx_aromatic_flag 
_chem_comp_atom.pdbx_stereo_config 
_chem_comp_atom.pdbx_ordinal 
DA  OP3    O  N N 1   
DA  P      P  N N 2   
DA  OP1    O  N N 3   
DA  OP2    O  N N 4   
DA  "O5'"  O  N N 5   
DA  "C5'"  C  N N 6   
DA  "C4'"  C  N R 7   
DA  "O4'"  O  N N 8   
DA  "C3'"  C  N S 9   
DA  "O3'"  O  N N 10  
DA  "C2'"  C  N N 11  
DA  "C1'"  C  N R 12  
DA  N9     N  Y N 13  
DA  C8     C  Y N 14  
DA  N7     N  Y N 15  
DA  C5     C  Y N 16  
DA  C6     C  Y N 17  
DA  N6     N  N N 18  
DA  N1     N  Y N 19  
DA  C2     C  Y N 20  
DA  N3     N  Y N 21  
DA  C4     C  Y N 22  
DA  HOP3   H  N N 23  
DA  HOP2   H  N N 24  
DA  "H5'"  H  N N 25  
DA  "H5''" H  N N 26  
DA  "H4'"  H  N N 27  
DA  "H3'"  H  N N 28  
DA  "HO3'" H  N N 29  
DA  "H2'"  H  N N 30  
DA  "H2''" H  N N 31  
DA  "H1'"  H  N N 32  
DA  H8     H  N N 33  
DA  H61    H  N N 34  
DA  H62    H  N N 35  
DA  H2     H  N N 36  
DC  OP3    O  N N 37  
DC  P      P  N N 38  
DC  OP1    O  N N 39  
DC  OP2    O  N N 40  
DC  "O5'"  O  N N 41  
DC  "C5'"  C  N N 42  
DC  "C4'"  C  N R 43  
DC  "O4'"  O  N N 44  
DC  "C3'"  C  N S 45  
DC  "O3'"  O  N N 46  
DC  "C2'"  C  N N 47  
DC  "C1'"  C  N R 48  
DC  N1     N  N N 49  
DC  C2     C  N N 50  
DC  O2     O  N N 51  
DC  N3     N  N N 52  
DC  C4     C  N N 53  
DC  N4     N  N N 54  
DC  C5     C  N N 55  
DC  C6     C  N N 56  
DC  HOP3   H  N N 57  
DC  HOP2   H  N N 58  
DC  "H5'"  H  N N 59  
DC  "H5''" H  N N 60  
DC  "H4'"  H  N N 61  
DC  "H3'"  H  N N 62  
DC  "HO3'" H  N N 63  
DC  "H2'"  H  N N 64  
DC  "H2''" H  N N 65  
DC  "H1'"  H  N N 66  
DC  H41    H  N N 67  
DC  H42    H  N N 68  
DC  H5     H  N N 69  
DC  H6     H  N N 70  
DG  OP3    O  N N 71  
DG  P      P  N N 72  
DG  OP1    O  N N 73  
DG  OP2    O  N N 74  
DG  "O5'"  O  N N 75  
DG  "C5'"  C  N N 76  
DG  "C4'"  C  N R 77  
DG  "O4'"  O  N N 78  
DG  "C3'"  C  N S 79  
DG  "O3'"  O  N N 80  
DG  "C2'"  C  N N 81  
DG  "C1'"  C  N R 82  
DG  N9     N  Y N 83  
DG  C8     C  Y N 84  
DG  N7     N  Y N 85  
DG  C5     C  Y N 86  
DG  C6     C  N N 87  
DG  O6     O  N N 88  
DG  N1     N  N N 89  
DG  C2     C  N N 90  
DG  N2     N  N N 91  
DG  N3     N  N N 92  
DG  C4     C  Y N 93  
DG  HOP3   H  N N 94  
DG  HOP2   H  N N 95  
DG  "H5'"  H  N N 96  
DG  "H5''" H  N N 97  
DG  "H4'"  H  N N 98  
DG  "H3'"  H  N N 99  
DG  "HO3'" H  N N 100 
DG  "H2'"  H  N N 101 
DG  "H2''" H  N N 102 
DG  "H1'"  H  N N 103 
DG  H8     H  N N 104 
DG  H1     H  N N 105 
DG  H21    H  N N 106 
DG  H22    H  N N 107 
DT  OP3    O  N N 108 
DT  P      P  N N 109 
DT  OP1    O  N N 110 
DT  OP2    O  N N 111 
DT  "O5'"  O  N N 112 
DT  "C5'"  C  N N 113 
DT  "C4'"  C  N R 114 
DT  "O4'"  O  N N 115 
DT  "C3'"  C  N S 116 
DT  "O3'"  O  N N 117 
DT  "C2'"  C  N N 118 
DT  "C1'"  C  N R 119 
DT  N1     N  N N 120 
DT  C2     C  N N 121 
DT  O2     O  N N 122 
DT  N3     N  N N 123 
DT  C4     C  N N 124 
DT  O4     O  N N 125 
DT  C5     C  N N 126 
DT  C7     C  N N 127 
DT  C6     C  N N 128 
DT  HOP3   H  N N 129 
DT  HOP2   H  N N 130 
DT  "H5'"  H  N N 131 
DT  "H5''" H  N N 132 
DT  "H4'"  H  N N 133 
DT  "H3'"  H  N N 134 
DT  "HO3'" H  N N 135 
DT  "H2'"  H  N N 136 
DT  "H2''" H  N N 137 
DT  "H1'"  H  N N 138 
DT  H3     H  N N 139 
DT  H71    H  N N 140 
DT  H72    H  N N 141 
DT  H73    H  N N 142 
DT  H6     H  N N 143 
HOH O      O  N N 144 
HOH H1     H  N N 145 
HOH H2     H  N N 146 
I7U C11    C  Y N 147 
I7U C01    C  N N 148 
I7U C03    C  Y N 149 
I7U C04    C  Y N 150 
I7U C05    C  N N 151 
I7U C08    C  N N 152 
I7U N02    N  N N 153 
I7U N07    N  N N 154 
I7U N10    N  Y N 155 
I7U N12    N  Y N 156 
I7U O06    O  N N 157 
I7U O09    O  N N 158 
I7U H111   H  N N 159 
I7U H013   H  N N 160 
I7U H012   H  N N 161 
I7U H011   H  N N 162 
I7U H071   H  N N 163 
I7U H101   H  N N 164 
NA  NA     NA N N 165 
# 
loop_
_chem_comp_bond.comp_id 
_chem_comp_bond.atom_id_1 
_chem_comp_bond.atom_id_2 
_chem_comp_bond.value_order 
_chem_comp_bond.pdbx_aromatic_flag 
_chem_comp_bond.pdbx_stereo_config 
_chem_comp_bond.pdbx_ordinal 
DA  OP3   P      sing N N 1   
DA  OP3   HOP3   sing N N 2   
DA  P     OP1    doub N N 3   
DA  P     OP2    sing N N 4   
DA  P     "O5'"  sing N N 5   
DA  OP2   HOP2   sing N N 6   
DA  "O5'" "C5'"  sing N N 7   
DA  "C5'" "C4'"  sing N N 8   
DA  "C5'" "H5'"  sing N N 9   
DA  "C5'" "H5''" sing N N 10  
DA  "C4'" "O4'"  sing N N 11  
DA  "C4'" "C3'"  sing N N 12  
DA  "C4'" "H4'"  sing N N 13  
DA  "O4'" "C1'"  sing N N 14  
DA  "C3'" "O3'"  sing N N 15  
DA  "C3'" "C2'"  sing N N 16  
DA  "C3'" "H3'"  sing N N 17  
DA  "O3'" "HO3'" sing N N 18  
DA  "C2'" "C1'"  sing N N 19  
DA  "C2'" "H2'"  sing N N 20  
DA  "C2'" "H2''" sing N N 21  
DA  "C1'" N9     sing N N 22  
DA  "C1'" "H1'"  sing N N 23  
DA  N9    C8     sing Y N 24  
DA  N9    C4     sing Y N 25  
DA  C8    N7     doub Y N 26  
DA  C8    H8     sing N N 27  
DA  N7    C5     sing Y N 28  
DA  C5    C6     sing Y N 29  
DA  C5    C4     doub Y N 30  
DA  C6    N6     sing N N 31  
DA  C6    N1     doub Y N 32  
DA  N6    H61    sing N N 33  
DA  N6    H62    sing N N 34  
DA  N1    C2     sing Y N 35  
DA  C2    N3     doub Y N 36  
DA  C2    H2     sing N N 37  
DA  N3    C4     sing Y N 38  
DC  OP3   P      sing N N 39  
DC  OP3   HOP3   sing N N 40  
DC  P     OP1    doub N N 41  
DC  P     OP2    sing N N 42  
DC  P     "O5'"  sing N N 43  
DC  OP2   HOP2   sing N N 44  
DC  "O5'" "C5'"  sing N N 45  
DC  "C5'" "C4'"  sing N N 46  
DC  "C5'" "H5'"  sing N N 47  
DC  "C5'" "H5''" sing N N 48  
DC  "C4'" "O4'"  sing N N 49  
DC  "C4'" "C3'"  sing N N 50  
DC  "C4'" "H4'"  sing N N 51  
DC  "O4'" "C1'"  sing N N 52  
DC  "C3'" "O3'"  sing N N 53  
DC  "C3'" "C2'"  sing N N 54  
DC  "C3'" "H3'"  sing N N 55  
DC  "O3'" "HO3'" sing N N 56  
DC  "C2'" "C1'"  sing N N 57  
DC  "C2'" "H2'"  sing N N 58  
DC  "C2'" "H2''" sing N N 59  
DC  "C1'" N1     sing N N 60  
DC  "C1'" "H1'"  sing N N 61  
DC  N1    C2     sing N N 62  
DC  N1    C6     sing N N 63  
DC  C2    O2     doub N N 64  
DC  C2    N3     sing N N 65  
DC  N3    C4     doub N N 66  
DC  C4    N4     sing N N 67  
DC  C4    C5     sing N N 68  
DC  N4    H41    sing N N 69  
DC  N4    H42    sing N N 70  
DC  C5    C6     doub N N 71  
DC  C5    H5     sing N N 72  
DC  C6    H6     sing N N 73  
DG  OP3   P      sing N N 74  
DG  OP3   HOP3   sing N N 75  
DG  P     OP1    doub N N 76  
DG  P     OP2    sing N N 77  
DG  P     "O5'"  sing N N 78  
DG  OP2   HOP2   sing N N 79  
DG  "O5'" "C5'"  sing N N 80  
DG  "C5'" "C4'"  sing N N 81  
DG  "C5'" "H5'"  sing N N 82  
DG  "C5'" "H5''" sing N N 83  
DG  "C4'" "O4'"  sing N N 84  
DG  "C4'" "C3'"  sing N N 85  
DG  "C4'" "H4'"  sing N N 86  
DG  "O4'" "C1'"  sing N N 87  
DG  "C3'" "O3'"  sing N N 88  
DG  "C3'" "C2'"  sing N N 89  
DG  "C3'" "H3'"  sing N N 90  
DG  "O3'" "HO3'" sing N N 91  
DG  "C2'" "C1'"  sing N N 92  
DG  "C2'" "H2'"  sing N N 93  
DG  "C2'" "H2''" sing N N 94  
DG  "C1'" N9     sing N N 95  
DG  "C1'" "H1'"  sing N N 96  
DG  N9    C8     sing Y N 97  
DG  N9    C4     sing Y N 98  
DG  C8    N7     doub Y N 99  
DG  C8    H8     sing N N 100 
DG  N7    C5     sing Y N 101 
DG  C5    C6     sing N N 102 
DG  C5    C4     doub Y N 103 
DG  C6    O6     doub N N 104 
DG  C6    N1     sing N N 105 
DG  N1    C2     sing N N 106 
DG  N1    H1     sing N N 107 
DG  C2    N2     sing N N 108 
DG  C2    N3     doub N N 109 
DG  N2    H21    sing N N 110 
DG  N2    H22    sing N N 111 
DG  N3    C4     sing N N 112 
DT  OP3   P      sing N N 113 
DT  OP3   HOP3   sing N N 114 
DT  P     OP1    doub N N 115 
DT  P     OP2    sing N N 116 
DT  P     "O5'"  sing N N 117 
DT  OP2   HOP2   sing N N 118 
DT  "O5'" "C5'"  sing N N 119 
DT  "C5'" "C4'"  sing N N 120 
DT  "C5'" "H5'"  sing N N 121 
DT  "C5'" "H5''" sing N N 122 
DT  "C4'" "O4'"  sing N N 123 
DT  "C4'" "C3'"  sing N N 124 
DT  "C4'" "H4'"  sing N N 125 
DT  "O4'" "C1'"  sing N N 126 
DT  "C3'" "O3'"  sing N N 127 
DT  "C3'" "C2'"  sing N N 128 
DT  "C3'" "H3'"  sing N N 129 
DT  "O3'" "HO3'" sing N N 130 
DT  "C2'" "C1'"  sing N N 131 
DT  "C2'" "H2'"  sing N N 132 
DT  "C2'" "H2''" sing N N 133 
DT  "C1'" N1     sing N N 134 
DT  "C1'" "H1'"  sing N N 135 
DT  N1    C2     sing N N 136 
DT  N1    C6     sing N N 137 
DT  C2    O2     doub N N 138 
DT  C2    N3     sing N N 139 
DT  N3    C4     sing N N 140 
DT  N3    H3     sing N N 141 
DT  C4    O4     doub N N 142 
DT  C4    C5     sing N N 143 
DT  C5    C7     sing N N 144 
DT  C5    C6     doub N N 145 
DT  C7    H71    sing N N 146 
DT  C7    H72    sing N N 147 
DT  C7    H73    sing N N 148 
DT  C6    H6     sing N N 149 
HOH O     H1     sing N N 150 
HOH O     H2     sing N N 151 
I7U C01   N02    sing N N 152 
I7U C03   C04    doub Y N 153 
I7U C03   N02    sing N N 154 
I7U C03   N12    sing Y N 155 
I7U C04   C05    sing N N 156 
I7U C04   N10    sing Y N 157 
I7U C05   N07    sing N N 158 
I7U C05   O06    doub N N 159 
I7U C08   N02    sing N N 160 
I7U C08   N07    sing N N 161 
I7U C08   O09    doub N N 162 
I7U C11   N10    sing Y N 163 
I7U C11   N12    doub Y N 164 
I7U C11   H111   sing N N 165 
I7U C01   H013   sing N N 166 
I7U C01   H012   sing N N 167 
I7U C01   H011   sing N N 168 
I7U N07   H071   sing N N 169 
I7U N10   H101   sing N N 170 
# 
loop_
_ndb_struct_conf_na.entry_id 
_ndb_struct_conf_na.feature 
8K0V 'double helix'         
8K0V 'b-form double helix'  
8K0V 'hairpin loop'         
8K0V 'mismatched base pair' 
8K0V 'triple helix'         
# 
loop_
_ndb_struct_na_base_pair.model_number 
_ndb_struct_na_base_pair.i_label_asym_id 
_ndb_struct_na_base_pair.i_label_comp_id 
_ndb_struct_na_base_pair.i_label_seq_id 
_ndb_struct_na_base_pair.i_symmetry 
_ndb_struct_na_base_pair.j_label_asym_id 
_ndb_struct_na_base_pair.j_label_comp_id 
_ndb_struct_na_base_pair.j_label_seq_id 
_ndb_struct_na_base_pair.j_symmetry 
_ndb_struct_na_base_pair.shear 
_ndb_struct_na_base_pair.stretch 
_ndb_struct_na_base_pair.stagger 
_ndb_struct_na_base_pair.buckle 
_ndb_struct_na_base_pair.propeller 
_ndb_struct_na_base_pair.opening 
_ndb_struct_na_base_pair.pair_number 
_ndb_struct_na_base_pair.pair_name 
_ndb_struct_na_base_pair.i_auth_asym_id 
_ndb_struct_na_base_pair.i_auth_seq_id 
_ndb_struct_na_base_pair.i_PDB_ins_code 
_ndb_struct_na_base_pair.j_auth_asym_id 
_ndb_struct_na_base_pair.j_auth_seq_id 
_ndb_struct_na_base_pair.j_PDB_ins_code 
_ndb_struct_na_base_pair.hbond_type_28 
_ndb_struct_na_base_pair.hbond_type_12 
1 A DG 1  1_555 A DC 29 1_555 -0.090 -0.392 0.056  -2.598 -3.889  -5.103  1  A_DG1:DC29_A  A 1  ? A 29 ? 19 1 
1 A DC 2  1_555 A DG 28 1_555 0.123  -0.261 0.380  -7.247 -15.459 -1.142  2  A_DC2:DG28_A  A 2  ? A 28 ? 19 1 
1 A DG 3  1_555 A DC 27 1_555 -0.185 -0.245 0.335  3.299  -12.408 -2.103  3  A_DG3:DC27_A  A 3  ? A 27 ? 19 1 
1 A DG 4  1_555 A DC 26 1_555 0.162  -0.156 0.066  -3.697 -10.169 1.705   4  A_DG4:DC26_A  A 4  ? A 26 ? 19 1 
1 A DT 5  1_555 A DG 25 1_555 2.402  -0.740 0.274  -7.741 -8.771  -3.711  5  A_DT5:DG25_A  A 5  ? A 25 ? 28 1 
1 A DG 6  1_555 A DC 24 1_555 -0.288 -0.316 0.264  3.610  -9.960  0.684   6  A_DG6:DC24_A  A 6  ? A 24 ? 19 1 
1 A DG 7  1_555 A DC 23 1_555 -0.171 -0.246 0.304  3.782  -9.988  1.580   7  A_DG7:DC23_A  A 7  ? A 23 ? 19 1 
1 A DC 9  1_555 A DG 21 1_555 0.352  -0.271 0.333  8.374  -11.545 -1.196  8  A_DC9:DG21_A  A 9  ? A 21 ? 19 1 
1 A DA 11 1_555 A DT 16 1_555 0.001  -0.224 0.234  -7.212 -5.366  7.540   9  A_DA11:DT16_A A 11 ? A 16 ? 20 1 
1 A DT 12 1_555 A DA 15 1_555 -0.675 3.476  -0.528 10.629 -7.403  -68.548 10 A_DT12:DA15_A A 12 ? A 15 ? 23 3 
# 
loop_
_ndb_struct_na_base_pair_step.model_number 
_ndb_struct_na_base_pair_step.i_label_asym_id_1 
_ndb_struct_na_base_pair_step.i_label_comp_id_1 
_ndb_struct_na_base_pair_step.i_label_seq_id_1 
_ndb_struct_na_base_pair_step.i_symmetry_1 
_ndb_struct_na_base_pair_step.j_label_asym_id_1 
_ndb_struct_na_base_pair_step.j_label_comp_id_1 
_ndb_struct_na_base_pair_step.j_label_seq_id_1 
_ndb_struct_na_base_pair_step.j_symmetry_1 
_ndb_struct_na_base_pair_step.i_label_asym_id_2 
_ndb_struct_na_base_pair_step.i_label_comp_id_2 
_ndb_struct_na_base_pair_step.i_label_seq_id_2 
_ndb_struct_na_base_pair_step.i_symmetry_2 
_ndb_struct_na_base_pair_step.j_label_asym_id_2 
_ndb_struct_na_base_pair_step.j_label_comp_id_2 
_ndb_struct_na_base_pair_step.j_label_seq_id_2 
_ndb_struct_na_base_pair_step.j_symmetry_2 
_ndb_struct_na_base_pair_step.shift 
_ndb_struct_na_base_pair_step.slide 
_ndb_struct_na_base_pair_step.rise 
_ndb_struct_na_base_pair_step.tilt 
_ndb_struct_na_base_pair_step.roll 
_ndb_struct_na_base_pair_step.twist 
_ndb_struct_na_base_pair_step.x_displacement 
_ndb_struct_na_base_pair_step.y_displacement 
_ndb_struct_na_base_pair_step.helical_rise 
_ndb_struct_na_base_pair_step.inclination 
_ndb_struct_na_base_pair_step.tip 
_ndb_struct_na_base_pair_step.helical_twist 
_ndb_struct_na_base_pair_step.step_number 
_ndb_struct_na_base_pair_step.step_name 
_ndb_struct_na_base_pair_step.i_auth_asym_id_1 
_ndb_struct_na_base_pair_step.i_auth_seq_id_1 
_ndb_struct_na_base_pair_step.i_PDB_ins_code_1 
_ndb_struct_na_base_pair_step.j_auth_asym_id_1 
_ndb_struct_na_base_pair_step.j_auth_seq_id_1 
_ndb_struct_na_base_pair_step.j_PDB_ins_code_1 
_ndb_struct_na_base_pair_step.i_auth_asym_id_2 
_ndb_struct_na_base_pair_step.i_auth_seq_id_2 
_ndb_struct_na_base_pair_step.i_PDB_ins_code_2 
_ndb_struct_na_base_pair_step.j_auth_asym_id_2 
_ndb_struct_na_base_pair_step.j_auth_seq_id_2 
_ndb_struct_na_base_pair_step.j_PDB_ins_code_2 
1 A DG 1  1_555 A DC 29 1_555 A DC 2  1_555 A DG 28 1_555 -0.268 0.081  3.331 -2.615 -4.677 36.885  0.760  0.066  3.307 -7.344 
4.106  37.259  1 AA_DG1DC2:DG28DC29_AA   A 1  ? A 29 ? A 2  ? A 28 ? 
1 A DC 2  1_555 A DG 28 1_555 A DG 3  1_555 A DC 27 1_555 -0.246 0.457  3.177 0.133  5.832  29.840  -0.279 0.496  3.206 11.191 
-0.255 30.392  2 AA_DC2DG3:DC27DG28_AA   A 2  ? A 28 ? A 3  ? A 27 ? 
1 A DG 3  1_555 A DC 27 1_555 A DG 4  1_555 A DC 26 1_555 0.397  -0.383 3.511 0.847  4.976  34.400  -1.452 -0.527 3.432 8.358  
-1.422 34.757  3 AA_DG3DG4:DC26DC27_AA   A 3  ? A 27 ? A 4  ? A 26 ? 
1 A DG 4  1_555 A DC 26 1_555 A DT 5  1_555 A DG 25 1_555 0.001  -0.581 3.452 -1.734 -2.869 38.724  -0.503 -0.226 3.481 -4.316 
2.610  38.864  4 AA_DG4DT5:DG25DC26_AA   A 4  ? A 26 ? A 5  ? A 25 ? 
1 A DT 5  1_555 A DG 25 1_555 A DG 6  1_555 A DC 24 1_555 -0.198 0.033  2.951 3.030  7.752  25.532  -1.731 1.132  2.798 16.974 
-6.636 26.833  5 AA_DT5DG6:DC24DG25_AA   A 5  ? A 25 ? A 6  ? A 24 ? 
1 A DG 6  1_555 A DC 24 1_555 A DG 7  1_555 A DC 23 1_555 0.385  -0.584 3.218 -2.175 6.233  29.728  -2.311 -1.151 3.001 11.964 
4.175  30.436  6 AA_DG6DG7:DC23DC24_AA   A 6  ? A 24 ? A 7  ? A 23 ? 
1 A DG 7  1_555 A DC 23 1_555 A DC 9  1_555 A DG 21 1_555 0.718  -1.783 6.185 0.242  5.321  66.508  -2.015 -0.635 6.046 4.844  
-0.221 66.697  7 AA_DG7DC9:DG21DC23_AA   A 7  ? A 23 ? A 9  ? A 21 ? 
1 A DC 9  1_555 A DG 21 1_555 A DA 11 1_555 A DT 16 1_555 5.742  -0.692 3.991 -3.307 -3.739 108.863 -0.369 -3.578 3.887 -2.298 
2.032  108.941 8 AA_DC9DA11:DT16DG21_AA  A 9  ? A 21 ? A 11 ? A 16 ? 
1 A DA 11 1_555 A DT 16 1_555 A DT 12 1_555 A DA 15 1_555 1.426  -1.865 2.925 5.122  2.180  74.031  -1.607 -1.037 2.957 1.808  
-4.248 74.210  9 AA_DA11DT12:DA15DT16_AA A 11 ? A 16 ? A 12 ? A 15 ? 
# 
_pdbx_audit_support.funding_organization   'National Natural Science Foundation of China (NSFC)' 
_pdbx_audit_support.country                China 
_pdbx_audit_support.grant_number           32171191 
_pdbx_audit_support.ordinal                1 
# 
_pdbx_initial_refinement_model.id               1 
_pdbx_initial_refinement_model.entity_id_list   ? 
_pdbx_initial_refinement_model.type             'experimental model' 
_pdbx_initial_refinement_model.source_name      PDB 
_pdbx_initial_refinement_model.accession_code   8K0T 
_pdbx_initial_refinement_model.details          ? 
# 
_space_group.name_H-M_alt     'P 32 2 1' 
_space_group.name_Hall        
;P 32 2"
;
_space_group.IT_number        154 
_space_group.crystal_system   trigonal 
_space_group.id               1 
# 
_atom_sites.entry_id                    8K0V 
_atom_sites.Cartn_transf_matrix[1][1]   ? 
_atom_sites.Cartn_transf_matrix[1][2]   ? 
_atom_sites.Cartn_transf_matrix[1][3]   ? 
_atom_sites.Cartn_transf_matrix[2][1]   ? 
_atom_sites.Cartn_transf_matrix[2][2]   ? 
_atom_sites.Cartn_transf_matrix[2][3]   ? 
_atom_sites.Cartn_transf_matrix[3][1]   ? 
_atom_sites.Cartn_transf_matrix[3][2]   ? 
_atom_sites.Cartn_transf_matrix[3][3]   ? 
_atom_sites.Cartn_transf_vector[1]      ? 
_atom_sites.Cartn_transf_vector[2]      ? 
_atom_sites.Cartn_transf_vector[3]      ? 
_atom_sites.fract_transf_matrix[1][1]   0.02176625 
_atom_sites.fract_transf_matrix[1][2]   0.00112301 
_atom_sites.fract_transf_matrix[1][3]   -0.00858637 
_atom_sites.fract_transf_matrix[2][1]   0.00772172 
_atom_sites.fract_transf_matrix[2][2]   0.01983301 
_atom_sites.fract_transf_matrix[2][3]   -0.00978797 
_atom_sites.fract_transf_matrix[3][1]   0.00657763 
_atom_sites.fract_transf_matrix[3][2]   0.00605920 
_atom_sites.fract_transf_matrix[3][3]   0.01746662 
_atom_sites.fract_transf_vector[1]      0.166498 
_atom_sites.fract_transf_vector[2]      -0.258585 
_atom_sites.fract_transf_vector[3]      0.011768 
_atom_sites.solution_primary            ? 
_atom_sites.solution_secondary          ? 
_atom_sites.solution_hydrogens          ? 
_atom_sites.special_details             ? 
# 
loop_
_atom_type.symbol 
_atom_type.scat_dispersion_real 
_atom_type.scat_dispersion_imag 
_atom_type.scat_Cromer_Mann_a1 
_atom_type.scat_Cromer_Mann_a2 
_atom_type.scat_Cromer_Mann_a3 
_atom_type.scat_Cromer_Mann_a4 
_atom_type.scat_Cromer_Mann_b1 
_atom_type.scat_Cromer_Mann_b2 
_atom_type.scat_Cromer_Mann_b3 
_atom_type.scat_Cromer_Mann_b4 
_atom_type.scat_Cromer_Mann_c 
_atom_type.scat_source 
_atom_type.scat_dispersion_source 
C  ? ? 3.54356 2.42580 ? ? 25.62398 1.50364  ? ? 0.0 
;2-Gaussian fit: Grosse-Kunstleve RW, Sauter NK, Adams PD: Newsletter of the IUCr Commission on Crystallographic Computing 2004, 3, 22-31.
;
? 
H  ? ? 0.51345 0.48472 ? ? 24.73122 6.32584  ? ? 0.0 
;2-Gaussian fit: Grosse-Kunstleve RW, Sauter NK, Adams PD: Newsletter of the IUCr Commission on Crystallographic Computing 2004, 3, 22-31.
;
? 
N  ? ? 4.01032 2.96436 ? ? 19.97189 1.75589  ? ? 0.0 
;2-Gaussian fit: Grosse-Kunstleve RW, Sauter NK, Adams PD: Newsletter of the IUCr Commission on Crystallographic Computing 2004, 3, 22-31.
;
? 
NA ? ? 9.38062 1.54875 ? ? 3.38349  72.32734 ? ? 0.0 
;2-Gaussian fit: Grosse-Kunstleve RW, Sauter NK, Adams PD: Newsletter of the IUCr Commission on Crystallographic Computing 2004, 3, 22-31.
;
? 
O  ? ? 4.49882 3.47563 ? ? 15.80542 1.70748  ? ? 0.0 
;2-Gaussian fit: Grosse-Kunstleve RW, Sauter NK, Adams PD: Newsletter of the IUCr Commission on Crystallographic Computing 2004, 3, 22-31.
;
? 
P  ? ? 9.51135 5.44231 ? ? 1.42069  35.72801 ? ? 0.0 
;2-Gaussian fit: Grosse-Kunstleve RW, Sauter NK, Adams PD: Newsletter of the IUCr Commission on Crystallographic Computing 2004, 3, 22-31.
;
? 
# 
loop_
_atom_site.group_PDB 
_atom_site.id 
_atom_site.type_symbol 
_atom_site.label_atom_id 
_atom_site.label_alt_id 
_atom_site.label_comp_id 
_atom_site.label_asym_id 
_atom_site.label_entity_id 
_atom_site.label_seq_id 
_atom_site.pdbx_PDB_ins_code 
_atom_site.Cartn_x 
_atom_site.Cartn_y 
_atom_site.Cartn_z 
_atom_site.occupancy 
_atom_site.B_iso_or_equiv 
_atom_site.pdbx_formal_charge 
_atom_site.auth_seq_id 
_atom_site.auth_comp_id 
_atom_site.auth_asym_id 
_atom_site.auth_atom_id 
_atom_site.pdbx_PDB_model_num 
ATOM   1   O  "O5'"  . DG  A 1 1  ? -8.93880  -1.95474  -20.76900 1.000 59.98258 ? 1   DG  A "O5'"  1 
ATOM   2   C  "C5'"  . DG  A 1 1  ? -8.65919  -2.57567  -19.51625 1.000 51.66890 ? 1   DG  A "C5'"  1 
ATOM   3   C  "C4'"  . DG  A 1 1  ? -7.16717  -2.78197  -19.34211 1.000 43.62454 ? 1   DG  A "C4'"  1 
ATOM   4   O  "O4'"  . DG  A 1 1  ? -6.47445  -1.51608  -19.55937 1.000 48.02745 ? 1   DG  A "O4'"  1 
ATOM   5   C  "C3'"  . DG  A 1 1  ? -6.74303  -3.24494  -17.95690 1.000 38.99489 ? 1   DG  A "C3'"  1 
ATOM   6   O  "O3'"  . DG  A 1 1  ? -5.56635  -4.03548  -18.04095 1.000 51.00294 ? 1   DG  A "O3'"  1 
ATOM   7   C  "C2'"  . DG  A 1 1  ? -6.50338  -1.93188  -17.24801 1.000 44.04524 ? 1   DG  A "C2'"  1 
ATOM   8   C  "C1'"  . DG  A 1 1  ? -5.85983  -1.09130  -18.35093 1.000 42.75977 ? 1   DG  A "C1'"  1 
ATOM   9   N  N9     . DG  A 1 1  ? -6.02893  0.36950   -18.18187 1.000 37.37958 ? 1   DG  A N9     1 
ATOM   10  C  C8     . DG  A 1 1  ? -7.19756  1.05069   -17.92669 1.000 37.12719 ? 1   DG  A C8     1 
ATOM   11  N  N7     . DG  A 1 1  ? -7.03214  2.35643   -17.82115 1.000 36.55567 ? 1   DG  A N7     1 
ATOM   12  C  C5     . DG  A 1 1  ? -5.66165  2.55241   -18.01811 1.000 34.73763 ? 1   DG  A C5     1 
ATOM   13  C  C6     . DG  A 1 1  ? -4.88091  3.75489   -18.01510 1.000 38.09502 ? 1   DG  A C6     1 
ATOM   14  O  O6     . DG  A 1 1  ? -5.24354  4.92694   -17.81856 1.000 37.25255 ? 1   DG  A O6     1 
ATOM   15  N  N1     . DG  A 1 1  ? -3.54638  3.49640   -18.26791 1.000 39.92080 ? 1   DG  A N1     1 
ATOM   16  C  C2     . DG  A 1 1  ? -3.01905  2.25841   -18.49242 1.000 39.24049 ? 1   DG  A C2     1 
ATOM   17  N  N2     . DG  A 1 1  ? -1.70420  2.21823   -18.69292 1.000 39.39531 ? 1   DG  A N2     1 
ATOM   18  N  N3     . DG  A 1 1  ? -3.71926  1.13202   -18.48825 1.000 37.10990 ? 1   DG  A N3     1 
ATOM   19  C  C4     . DG  A 1 1  ? -5.03181  1.34894   -18.25022 1.000 34.23484 ? 1   DG  A C4     1 
ATOM   20  H  "H5'"  . DG  A 1 1  ? -9.10806  -3.43467  -19.47720 1.000 62.06474 ? 1   DG  A "H5'"  1 
ATOM   21  H  "H5''" . DG  A 1 1  ? -8.99069  -2.01322  -18.79886 1.000 62.06474 ? 1   DG  A "H5''" 1 
ATOM   22  H  "H4'"  . DG  A 1 1  ? -6.85785  -3.42625  -19.99795 1.000 52.41151 ? 1   DG  A "H4'"  1 
ATOM   23  H  "H3'"  . DG  A 1 1  ? -7.45048  -3.74570  -17.52138 1.000 46.61568 ? 1   DG  A "H3'"  1 
ATOM   24  H  "H2'"  . DG  A 1 1  ? -7.33463  -1.53761  -16.94063 1.000 52.91635 ? 1   DG  A "H2'"  1 
ATOM   25  H  "H2''" . DG  A 1 1  ? -5.90669  -2.04096  -16.49105 1.000 52.91635 ? 1   DG  A "H2''" 1 
ATOM   26  H  "H1'"  . DG  A 1 1  ? -4.90805  -1.27303  -18.39537 1.000 51.37378 ? 1   DG  A "H1'"  1 
ATOM   27  H  H8     . DG  A 1 1  ? -8.02318  0.63204   -17.83733 1.000 44.24233 ? 1   DG  A H8     1 
ATOM   28  H  H1     . DG  A 1 1  ? -3.00798  4.16680   -18.28492 1.000 47.96702 ? 1   DG  A H1     1 
ATOM   29  H  H21    . DG  A 1 1  ? -1.31135  1.46370   -18.81921 1.000 47.33643 ? 1   DG  A H21    1 
ATOM   30  H  H22    . DG  A 1 1  ? -1.24727  2.94679   -18.69622 1.000 47.33643 ? 1   DG  A H22    1 
ATOM   31  H  "HO5'" . DG  A 1 1  ? -8.31007  -1.66481  -21.24467 1.000 72.04115 ? 1   DG  A "HO5'" 1 
ATOM   32  P  P      . DC  A 1 2  ? -5.29284  -5.27877  -17.04754 1.000 56.53132 ? 2   DC  A P      1 
ATOM   33  O  OP1    . DC  A 1 2  ? -5.41614  -6.56074  -17.79389 1.000 44.29908 ? 2   DC  A OP1    1 
ATOM   34  O  OP2    . DC  A 1 2  ? -6.02099  -5.04885  -15.76576 1.000 46.81064 ? 2   DC  A OP2    1 
ATOM   35  O  "O5'"  . DC  A 1 2  ? -3.73524  -5.14231  -16.76541 1.000 48.54082 ? 2   DC  A "O5'"  1 
ATOM   36  C  "C5'"  . DC  A 1 2  ? -2.86497  -4.82647  -17.81930 1.000 40.52413 ? 2   DC  A "C5'"  1 
ATOM   37  C  "C4'"  . DC  A 1 2  ? -1.83612  -3.82063  -17.37615 1.000 39.39274 ? 2   DC  A "C4'"  1 
ATOM   38  O  "O4'"  . DC  A 1 2  ? -2.38558  -2.48636  -17.42638 1.000 38.81853 ? 2   DC  A "O4'"  1 
ATOM   39  C  "C3'"  . DC  A 1 2  ? -1.38053  -3.98337  -15.94899 1.000 38.79504 ? 2   DC  A "C3'"  1 
ATOM   40  O  "O3'"  . DC  A 1 2  ? -0.33942  -4.90963  -15.86560 1.000 36.14717 ? 2   DC  A "O3'"  1 
ATOM   41  C  "C2'"  . DC  A 1 2  ? -0.94468  -2.56992  -15.54547 1.000 40.28099 ? 2   DC  A "C2'"  1 
ATOM   42  C  "C1'"  . DC  A 1 2  ? -1.61592  -1.65264  -16.56908 1.000 39.35786 ? 2   DC  A "C1'"  1 
ATOM   43  N  N1     . DC  A 1 2  ? -2.52595  -0.63815  -15.97211 1.000 37.90909 ? 2   DC  A N1     1 
ATOM   44  C  C2     . DC  A 1 2  ? -2.10378  0.69162   -15.80960 1.000 32.90245 ? 2   DC  A C2     1 
ATOM   45  O  O2     . DC  A 1 2  ? -0.95268  1.01138   -16.13252 1.000 34.62591 ? 2   DC  A O2     1 
ATOM   46  N  N3     . DC  A 1 2  ? -2.97208  1.59450   -15.28495 1.000 36.85752 ? 2   DC  A N3     1 
ATOM   47  C  C4     . DC  A 1 2  ? -4.20260  1.21539   -14.94704 1.000 36.41710 ? 2   DC  A C4     1 
ATOM   48  N  N4     . DC  A 1 2  ? -5.02596  2.13361   -14.43644 1.000 33.11645 ? 2   DC  A N4     1 
ATOM   49  C  C5     . DC  A 1 2  ? -4.64641  -0.13153  -15.10893 1.000 40.02022 ? 2   DC  A C5     1 
ATOM   50  C  C6     . DC  A 1 2  ? -3.78156  -1.01264  -15.61101 1.000 32.98570 ? 2   DC  A C6     1 
ATOM   51  H  "H5'"  . DC  A 1 2  ? -3.37579  -4.45832  -18.55715 1.000 48.69102 ? 2   DC  A "H5'"  1 
ATOM   52  H  "H5''" . DC  A 1 2  ? -2.41655  -5.63336  -18.11718 1.000 48.69102 ? 2   DC  A "H5''" 1 
ATOM   53  H  "H4'"  . DC  A 1 2  ? -1.07824  -3.87155  -17.97942 1.000 47.33334 ? 2   DC  A "H4'"  1 
ATOM   54  H  "H3'"  . DC  A 1 2  ? -2.12483  -4.26499  -15.39435 1.000 46.61611 ? 2   DC  A "H3'"  1 
ATOM   55  H  "H2'"  . DC  A 1 2  ? -1.24389  -2.36053  -14.64684 1.000 48.39925 ? 2   DC  A "H2'"  1 
ATOM   56  H  "H2''" . DC  A 1 2  ? 0.02055   -2.48252  -15.58532 1.000 48.39925 ? 2   DC  A "H2''" 1 
ATOM   57  H  "H1'"  . DC  A 1 2  ? -0.92669  -1.20422  -17.08364 1.000 47.29150 ? 2   DC  A "H1'"  1 
ATOM   58  H  H41    . DC  A 1 2  ? -5.82628  1.91508   -14.20987 1.000 39.42944 ? 2   DC  A H41    1 
ATOM   59  H  H42    . DC  A 1 2  ? -4.75611  2.94373   -14.33404 1.000 39.42944 ? 2   DC  A H42    1 
ATOM   60  H  H5     . DC  A 1 2  ? -5.50918  -0.38551  -14.87225 1.000 48.08633 ? 2   DC  A H5     1 
ATOM   61  H  H6     . DC  A 1 2  ? -4.04184  -1.89926  -15.71610 1.000 39.64491 ? 2   DC  A H6     1 
ATOM   62  P  P      . DG  A 1 3  ? 0.16274   -5.36611  -14.42299 1.000 36.34632 ? 3   DG  A P      1 
ATOM   63  O  OP1    . DG  A 1 3  ? 0.79996   -6.69682  -14.52562 1.000 38.74148 ? 3   DG  A OP1    1 
ATOM   64  O  OP2    . DG  A 1 3  ? -0.94865  -5.18725  -13.47463 1.000 33.87395 ? 3   DG  A OP2    1 
ATOM   65  O  "O5'"  . DG  A 1 3  ? 1.23704   -4.26549  -14.04522 1.000 33.70210 ? 3   DG  A "O5'"  1 
ATOM   66  C  "C5'"  . DG  A 1 3  ? 2.18682   -3.87617  -14.97845 1.000 32.87872 ? 3   DG  A "C5'"  1 
ATOM   67  C  "C4'"  . DG  A 1 3  ? 2.93461   -2.65263  -14.49338 1.000 37.25882 ? 3   DG  A "C4'"  1 
ATOM   68  O  "O4'"  . DG  A 1 3  ? 2.02408   -1.52940  -14.35635 1.000 30.90995 ? 3   DG  A "O4'"  1 
ATOM   69  C  "C3'"  . DG  A 1 3  ? 3.59966   -2.81262  -13.13361 1.000 31.50936 ? 3   DG  A "C3'"  1 
ATOM   70  O  "O3'"  . DG  A 1 3  ? 4.82414   -2.16797  -13.15536 1.000 32.53253 ? 3   DG  A "O3'"  1 
ATOM   71  C  "C2'"  . DG  A 1 3  ? 2.62048   -2.16744  -12.16573 1.000 33.04863 ? 3   DG  A "C2'"  1 
ATOM   72  C  "C1'"  . DG  A 1 3  ? 2.02669   -1.05920  -13.00574 1.000 30.43480 ? 3   DG  A "C1'"  1 
ATOM   73  N  N9     . DG  A 1 3  ? 0.66929   -0.70161  -12.65889 1.000 30.46439 ? 3   DG  A N9     1 
ATOM   74  C  C8     . DG  A 1 3  ? -0.38790  -1.55082  -12.51379 1.000 31.11117 ? 3   DG  A C8     1 
ATOM   75  N  N7     . DG  A 1 3  ? -1.50460  -0.95090  -12.25750 1.000 31.38209 ? 3   DG  A N7     1 
ATOM   76  C  C5     . DG  A 1 3  ? -1.16065  0.39407   -12.20538 1.000 30.80766 ? 3   DG  A C5     1 
ATOM   77  C  C6     . DG  A 1 3  ? -1.96200  1.53764   -11.95232 1.000 31.09371 ? 3   DG  A C6     1 
ATOM   78  O  O6     . DG  A 1 3  ? -3.15996  1.59114   -11.70601 1.000 34.01100 ? 3   DG  A O6     1 
ATOM   79  N  N1     . DG  A 1 3  ? -1.22349  2.70203   -11.98461 1.000 31.00243 ? 3   DG  A N1     1 
ATOM   80  C  C2     . DG  A 1 3  ? 0.12143   2.76848   -12.25396 1.000 30.32601 ? 3   DG  A C2     1 
ATOM   81  N  N2     . DG  A 1 3  ? 0.66318   3.98948   -12.24381 1.000 30.55926 ? 3   DG  A N2     1 
ATOM   82  N  N3     . DG  A 1 3  ? 0.88753   1.70995   -12.50916 1.000 30.08189 ? 3   DG  A N3     1 
ATOM   83  C  C4     . DG  A 1 3  ? 0.17702   0.55862   -12.45679 1.000 30.28592 ? 3   DG  A C4     1 
ATOM   84  H  "H5'"  . DG  A 1 3  ? 1.74690   -3.67177  -15.81845 1.000 39.51653 ? 3   DG  A "H5'"  1 
ATOM   85  H  "H5''" . DG  A 1 3  ? 2.81502   -4.60172  -15.11933 1.000 39.51653 ? 3   DG  A "H5''" 1 
ATOM   86  H  "H4'"  . DG  A 1 3  ? 3.60648   -2.41648  -15.15195 1.000 44.77264 ? 3   DG  A "H4'"  1 
ATOM   87  H  "H3'"  . DG  A 1 3  ? 3.69560   -3.75001  -12.90340 1.000 37.50093 ? 3   DG  A "H3'"  1 
ATOM   88  H  "H2'"  . DG  A 1 3  ? 1.94058   -2.79664  -11.87808 1.000 39.72042 ? 3   DG  A "H2'"  1 
ATOM   89  H  "H2''" . DG  A 1 3  ? 3.07512   -1.81485  -11.38478 1.000 39.72042 ? 3   DG  A "H2''" 1 
ATOM   90  H  "H1'"  . DG  A 1 3  ? 2.59276   -0.27565  -12.92501 1.000 36.21146 ? 3   DG  A "H1'"  1 
ATOM   91  H  H8     . DG  A 1 3  ? -0.31287  -2.47449  -12.59182 1.000 37.02310 ? 3   DG  A H8     1 
ATOM   92  H  H1     . DG  A 1 3  ? -1.63509  3.43996   -11.82444 1.000 37.26498 ? 3   DG  A H1     1 
ATOM   93  H  H21    . DG  A 1 3  ? 1.50273   4.08873   -12.40160 1.000 36.52197 ? 3   DG  A H21    1 
ATOM   94  H  H22    . DG  A 1 3  ? 0.17241   4.67632   -12.07948 1.000 36.52197 ? 3   DG  A H22    1 
ATOM   95  P  P      . DG  A 1 4  ? 5.81373   -2.26633  -11.90321 1.000 34.47075 ? 4   DG  A P      1 
ATOM   96  O  OP1    . DG  A 1 4  ? 7.17885   -2.18876  -12.51547 1.000 33.59867 ? 4   DG  A OP1    1 
ATOM   97  O  OP2    . DG  A 1 4  ? 5.35198   -3.41587  -11.11326 1.000 41.58077 ? 4   DG  A OP2    1 
ATOM   98  O  "O5'"  . DG  A 1 4  ? 5.46173   -1.00274  -11.00134 1.000 34.81349 ? 4   DG  A "O5'"  1 
ATOM   99  C  "C5'"  . DG  A 1 4  ? 5.55595   0.28529   -11.54698 1.000 34.36378 ? 4   DG  A "C5'"  1 
ATOM   100 C  "C4'"  . DG  A 1 4  ? 5.13987   1.33307   -10.54497 1.000 32.45938 ? 4   DG  A "C4'"  1 
ATOM   101 O  "O4'"  . DG  A 1 4  ? 3.68787   1.46538   -10.52782 1.000 32.14533 ? 4   DG  A "O4'"  1 
ATOM   102 C  "C3'"  . DG  A 1 4  ? 5.53804   1.02982   -9.09442  1.000 34.04154 ? 4   DG  A "C3'"  1 
ATOM   103 O  "O3'"  . DG  A 1 4  ? 6.05744   2.18444   -8.46962  1.000 43.29701 ? 4   DG  A "O3'"  1 
ATOM   104 C  "C2'"  . DG  A 1 4  ? 4.23013   0.58239   -8.46270  1.000 35.38468 ? 4   DG  A "C2'"  1 
ATOM   105 C  "C1'"  . DG  A 1 4  ? 3.24687   1.46447   -9.18229  1.000 32.41988 ? 4   DG  A "C1'"  1 
ATOM   106 N  N9     . DG  A 1 4  ? 1.90274   0.97082   -9.12585  1.000 32.05948 ? 4   DG  A N9     1 
ATOM   107 C  C8     . DG  A 1 4  ? 1.51485   -0.32963  -9.25845  1.000 32.10291 ? 4   DG  A C8     1 
ATOM   108 N  N7     . DG  A 1 4  ? 0.24051   -0.50124  -9.14416  1.000 32.25200 ? 4   DG  A N7     1 
ATOM   109 C  C5     . DG  A 1 4  ? -0.24963  0.77200   -8.90924  1.000 32.22441 ? 4   DG  A C5     1 
ATOM   110 C  C6     . DG  A 1 4  ? -1.56341  1.19976   -8.71763  1.000 32.67871 ? 4   DG  A C6     1 
ATOM   111 O  O6     . DG  A 1 4  ? -2.58180  0.51449   -8.70335  1.000 33.27043 ? 4   DG  A O6     1 
ATOM   112 N  N1     . DG  A 1 4  ? -1.63840  2.56556   -8.52630  1.000 32.85424 ? 4   DG  A N1     1 
ATOM   113 C  C2     . DG  A 1 4  ? -0.56912  3.40990   -8.50773  1.000 32.73715 ? 4   DG  A C2     1 
ATOM   114 N  N2     . DG  A 1 4  ? -0.84072  4.69533   -8.27363  1.000 33.39689 ? 4   DG  A N2     1 
ATOM   115 N  N3     . DG  A 1 4  ? 0.67859   3.02552   -8.69277  1.000 32.42481 ? 4   DG  A N3     1 
ATOM   116 C  C4     . DG  A 1 4  ? 0.76024   1.69129   -8.89702  1.000 32.10838 ? 4   DG  A C4     1 
ATOM   117 H  "H5'"  . DG  A 1 4  ? 4.98112   0.34382   -12.32611 1.000 41.29860 ? 4   DG  A "H5'"  1 
ATOM   118 H  "H5''" . DG  A 1 4  ? 6.47270   0.45003   -11.81781 1.000 41.29860 ? 4   DG  A "H5''" 1 
ATOM   119 H  "H4'"  . DG  A 1 4  ? 5.52108   2.18413   -10.81197 1.000 38.64095 ? 4   DG  A "H4'"  1 
ATOM   120 H  "H3'"  . DG  A 1 4  ? 6.18717   0.30943   -9.07074  1.000 40.91190 ? 4   DG  A "H3'"  1 
ATOM   121 H  "H2'"  . DG  A 1 4  ? 4.05572   -0.35745  -8.62758  1.000 42.52368 ? 4   DG  A "H2'"  1 
ATOM   122 H  "H2''" . DG  A 1 4  ? 4.22130   0.74211   -7.50598  1.000 42.52368 ? 4   DG  A "H2''" 1 
ATOM   123 H  "H1'"  . DG  A 1 4  ? 3.26067   2.36715   -8.82748  1.000 38.59355 ? 4   DG  A "H1'"  1 
ATOM   124 H  H8     . DG  A 1 4  ? 2.11091   -1.02589  -9.41604  1.000 38.21319 ? 4   DG  A H8     1 
ATOM   125 H  H1     . DG  A 1 4  ? -2.41835  2.90876   -8.41020  1.000 39.11478 ? 4   DG  A H1     1 
ATOM   126 H  H21    . DG  A 1 4  ? -1.65385  4.94793   -8.15270  1.000 40.08361 ? 4   DG  A H21    1 
ATOM   127 H  H22    . DG  A 1 4  ? -0.20263  5.27112   -8.24369  1.000 40.08361 ? 4   DG  A H22    1 
ATOM   128 P  P      . DT  A 1 5  ? 6.87339   2.06861   -7.09181  1.000 39.19346 ? 5   DT  A P      1 
ATOM   129 O  OP1    . DT  A 1 5  ? 7.34725   3.45166   -6.84392  1.000 43.39426 ? 5   DT  A OP1    1 
ATOM   130 O  OP2    . DT  A 1 5  ? 7.80372   0.93919   -7.20892  1.000 42.98699 ? 5   DT  A OP2    1 
ATOM   131 O  "O5'"  . DT  A 1 5  ? 5.80493   1.47550   -6.01787  1.000 37.43289 ? 5   DT  A "O5'"  1 
ATOM   132 C  "C5'"  . DT  A 1 5  ? 5.10776   2.30136   -5.08674  1.000 38.11347 ? 5   DT  A "C5'"  1 
ATOM   133 C  "C4'"  . DT  A 1 5  ? 4.43042   3.49996   -5.74902  1.000 43.02373 ? 5   DT  A "C4'"  1 
ATOM   134 O  "O4'"  . DT  A 1 5  ? 3.21584   3.09826   -6.43470  1.000 35.67398 ? 5   DT  A "O4'"  1 
ATOM   135 C  "C3'"  . DT  A 1 5  ? 3.94545   4.53747   -4.78126  1.000 45.72498 ? 5   DT  A "C3'"  1 
ATOM   136 O  "O3'"  . DT  A 1 5  ? 3.78886   5.75968   -5.43649  1.000 45.99478 ? 5   DT  A "O3'"  1 
ATOM   137 C  "C2'"  . DT  A 1 5  ? 2.61859   3.95016   -4.31917  1.000 39.35082 ? 5   DT  A "C2'"  1 
ATOM   138 C  "C1'"  . DT  A 1 5  ? 2.07393   3.42089   -5.62922  1.000 35.89354 ? 5   DT  A "C1'"  1 
ATOM   139 N  N1     . DT  A 1 5  ? 1.26502   2.21129   -5.53322  1.000 35.51249 ? 5   DT  A N1     1 
ATOM   140 C  C2     . DT  A 1 5  ? -0.07708  2.31240   -5.35747  1.000 35.61461 ? 5   DT  A C2     1 
ATOM   141 O  O2     . DT  A 1 5  ? -0.65011  3.37249   -5.20550  1.000 36.02659 ? 5   DT  A O2     1 
ATOM   142 N  N3     . DT  A 1 5  ? -0.73808  1.11858   -5.34651  1.000 35.65117 ? 5   DT  A N3     1 
ATOM   143 C  C4     . DT  A 1 5  ? -0.19506  -0.13316  -5.51586  1.000 35.57109 ? 5   DT  A C4     1 
ATOM   144 O  O4     . DT  A 1 5  ? -0.87076  -1.15502  -5.47432  1.000 36.04166 ? 5   DT  A O4     1 
ATOM   145 C  C5     . DT  A 1 5  ? 1.22859   -0.15932  -5.70112  1.000 35.39466 ? 5   DT  A C5     1 
ATOM   146 C  C7     . DT  A 1 5  ? 1.94835   -1.45460  -5.89190  1.000 37.16594 ? 5   DT  A C7     1 
ATOM   147 C  C6     . DT  A 1 5  ? 1.87873   1.00152   -5.71161  1.000 35.38094 ? 5   DT  A C6     1 
ATOM   148 H  "H5'"  . DT  A 1 5  ? 5.73844   2.62613   -4.42517  1.000 45.42586 ? 5   DT  A "H5'"  1 
ATOM   149 H  "H5''" . DT  A 1 5  ? 4.43093   1.76723   -4.64234  1.000 45.42586 ? 5   DT  A "H5''" 1 
ATOM   150 H  "H4'"  . DT  A 1 5  ? 5.05162   3.87400   -6.39330  1.000 51.69054 ? 5   DT  A "H4'"  1 
ATOM   151 H  "H3'"  . DT  A 1 5  ? 4.55137   4.63307   -4.02985  1.000 54.93203 ? 5   DT  A "H3'"  1 
ATOM   152 H  "H2'"  . DT  A 1 5  ? 2.74616   3.24068   -3.67012  1.000 47.28305 ? 5   DT  A "H2'"  1 
ATOM   153 H  "H2''" . DT  A 1 5  ? 2.03938   4.62772   -3.93664  1.000 47.28305 ? 5   DT  A "H2''" 1 
ATOM   154 H  "H1'"  . DT  A 1 5  ? 1.54200   4.12378   -6.03406  1.000 42.95815 ? 5   DT  A "H1'"  1 
ATOM   155 H  H3     . DT  A 1 5  ? -1.58799  1.15298   -5.21971  1.000 42.47110 ? 5   DT  A H3     1 
ATOM   156 H  H71    . DT  A 1 5  ? 1.30579   -2.18057  -5.86036  1.000 44.66119 ? 5   DT  A H71    1 
ATOM   157 H  H72    . DT  A 1 5  ? 2.39388   -1.44440  -6.75347  1.000 44.66119 ? 5   DT  A H72    1 
ATOM   158 H  H73    . DT  A 1 5  ? 2.60179   -1.56021  -5.18283  1.000 44.66119 ? 5   DT  A H73    1 
ATOM   159 H  H6     . DT  A 1 5  ? 2.79870   0.98999   -5.84734  1.000 42.14683 ? 5   DT  A H6     1 
ATOM   160 P  P      . DG  A 1 6  ? 4.22612   7.08907   -4.66107  1.000 54.31283 ? 6   DG  A P      1 
ATOM   161 O  OP1    . DG  A 1 6  ? 4.32573   8.19382   -5.65519  1.000 56.87719 ? 6   DG  A OP1    1 
ATOM   162 O  OP2    . DG  A 1 6  ? 5.27505   6.74748   -3.64030  1.000 45.43029 ? 6   DG  A OP2    1 
ATOM   163 O  "O5'"  . DG  A 1 6  ? 2.99558   7.37885   -3.71716  1.000 48.90076 ? 6   DG  A "O5'"  1 
ATOM   164 C  "C5'"  . DG  A 1 6  ? 3.24804   7.56672   -2.37092  1.000 33.74446 ? 6   DG  A "C5'"  1 
ATOM   165 C  "C4'"  . DG  A 1 6  ? 1.98510   7.84472   -1.62588  1.000 34.76881 ? 6   DG  A "C4'"  1 
ATOM   166 O  "O4'"  . DG  A 1 6  ? 0.97200   6.83248   -1.94654  1.000 31.16119 ? 6   DG  A "O4'"  1 
ATOM   167 C  "C3'"  . DG  A 1 6  ? 2.18013   7.80429   -0.14733  1.000 32.84188 ? 6   DG  A "C3'"  1 
ATOM   168 O  "O3'"  . DG  A 1 6  ? 1.44804   8.80946   0.44687   1.000 35.16259 ? 6   DG  A "O3'"  1 
ATOM   169 C  "C2'"  . DG  A 1 6  ? 1.71659   6.39639   0.22012   1.000 31.06593 ? 6   DG  A "C2'"  1 
ATOM   170 C  "C1'"  . DG  A 1 6  ? 0.61372   6.12535   -0.78965  1.000 28.07910 ? 6   DG  A "C1'"  1 
ATOM   171 N  N9     . DG  A 1 6  ? 0.44550   4.72127   -1.13415  1.000 27.48747 ? 6   DG  A N9     1 
ATOM   172 C  C8     . DG  A 1 6  ? 1.44133   3.79978   -1.34193  1.000 26.14129 ? 6   DG  A C8     1 
ATOM   173 N  N7     . DG  A 1 6  ? 0.99771   2.61394   -1.63617  1.000 25.89693 ? 6   DG  A N7     1 
ATOM   174 C  C5     . DG  A 1 6  ? -0.38442  2.75107   -1.61504  1.000 25.20078 ? 6   DG  A C5     1 
ATOM   175 C  C6     . DG  A 1 6  ? -1.40181  1.79854   -1.86424  1.000 24.88651 ? 6   DG  A C6     1 
ATOM   176 O  O6     . DG  A 1 6  ? -1.27529  0.61110   -2.17813  1.000 22.83301 ? 6   DG  A O6     1 
ATOM   177 N  N1     . DG  A 1 6  ? -2.67578  2.35422   -1.74624  1.000 22.53303 ? 6   DG  A N1     1 
ATOM   178 C  C2     . DG  A 1 6  ? -2.92427  3.65390   -1.42303  1.000 23.90761 ? 6   DG  A C2     1 
ATOM   179 N  N2     . DG  A 1 6  ? -4.21304  4.01432   -1.35533  1.000 27.17234 ? 6   DG  A N2     1 
ATOM   180 N  N3     . DG  A 1 6  ? -1.98604  4.55162   -1.20213  1.000 25.65456 ? 6   DG  A N3     1 
ATOM   181 C  C4     . DG  A 1 6  ? -0.74269  4.03663   -1.30748  1.000 25.86164 ? 6   DG  A C4     1 
ATOM   182 H  "H5'"  . DG  A 1 6  ? 3.85501   8.31535   -2.26119  1.000 40.55541 ? 6   DG  A "H5'"  1 
ATOM   183 H  "H5''" . DG  A 1 6  ? 3.66305   6.76804   -2.00927  1.000 40.55541 ? 6   DG  A "H5''" 1 
ATOM   184 H  "H4'"  . DG  A 1 6  ? 1.61336   8.70022   -1.89196  1.000 41.78463 ? 6   DG  A "H4'"  1 
ATOM   185 H  "H3'"  . DG  A 1 6  ? 3.11571   7.89650   0.09162   1.000 39.47232 ? 6   DG  A "H3'"  1 
ATOM   186 H  "H2'"  . DG  A 1 6  ? 2.43884   5.75502   0.13121   1.000 37.34118 ? 6   DG  A "H2'"  1 
ATOM   187 H  "H2''" . DG  A 1 6  ? 1.37634   6.36498   1.12795   1.000 37.34118 ? 6   DG  A "H2''" 1 
ATOM   188 H  "H1'"  . DG  A 1 6  ? -0.22815  6.46063   -0.44362  1.000 33.75699 ? 6   DG  A "H1'"  1 
ATOM   189 H  H8     . DG  A 1 6  ? 2.34635   4.00418   -1.27831  1.000 31.43161 ? 6   DG  A H8     1 
ATOM   190 H  H1     . DG  A 1 6  ? -3.35107  1.84072   -1.88732  1.000 27.10169 ? 6   DG  A H1     1 
ATOM   191 H  H21    . DG  A 1 6  ? -4.42299  4.82713   -1.16867  1.000 32.66887 ? 6   DG  A H21    1 
ATOM   192 H  H22    . DG  A 1 6  ? -4.83025  3.43281   -1.49854  1.000 32.66887 ? 6   DG  A H22    1 
ATOM   193 P  P      . DG  A 1 7  ? 1.54188   8.99657   2.01711   1.000 41.17044 ? 7   DG  A P      1 
ATOM   194 O  OP1    . DG  A 1 7  ? 1.37515   10.44698  2.25690   1.000 51.09360 ? 7   DG  A OP1    1 
ATOM   195 O  OP2    . DG  A 1 7  ? 2.70913   8.23339   2.53752   1.000 34.62590 ? 7   DG  A OP2    1 
ATOM   196 O  "O5'"  . DG  A 1 7  ? 0.24919   8.23154   2.52896   1.000 33.03630 ? 7   DG  A "O5'"  1 
ATOM   197 C  "C5'"  . DG  A 1 7  ? -0.99207  8.44061   1.88852   1.000 32.41392 ? 7   DG  A "C5'"  1 
ATOM   198 C  "C4'"  . DG  A 1 7  ? -2.04894  7.52854   2.46630   1.000 34.83713 ? 7   DG  A "C4'"  1 
ATOM   199 O  "O4'"  . DG  A 1 7  ? -1.99701  6.23638   1.79569   1.000 27.10296 ? 7   DG  A "O4'"  1 
ATOM   200 C  "C3'"  . DG  A 1 7  ? -1.89241  7.21450   3.95603   1.000 31.83116 ? 7   DG  A "C3'"  1 
ATOM   201 O  "O3'"  . DG  A 1 7  ? -3.15833  7.19676   4.59385   1.000 37.47123 ? 7   DG  A "O3'"  1 
ATOM   202 C  "C2'"  . DG  A 1 7  ? -1.26909  5.83575   3.94187   1.000 28.71851 ? 7   DG  A "C2'"  1 
ATOM   203 C  "C1'"  . DG  A 1 7  ? -2.00125  5.22996   2.78098   1.000 26.80238 ? 7   DG  A "C1'"  1 
ATOM   204 N  N9     . DG  A 1 7  ? -1.40294  4.00695   2.26899   1.000 24.78218 ? 7   DG  A N9     1 
ATOM   205 C  C8     . DG  A 1 7  ? -0.07231  3.73533   2.08973   1.000 24.66437 ? 7   DG  A C8     1 
ATOM   206 N  N7     . DG  A 1 7  ? 0.15596   2.52708   1.63811   1.000 25.01915 ? 7   DG  A N7     1 
ATOM   207 C  C5     . DG  A 1 7  ? -1.10162  1.96338   1.54761   1.000 21.93495 ? 7   DG  A C5     1 
ATOM   208 C  C6     . DG  A 1 7  ? -1.48445  0.67855   1.12724   1.000 21.91020 ? 7   DG  A C6     1 
ATOM   209 O  O6     . DG  A 1 7  ? -0.76678  -0.23914  0.74876   1.000 24.99970 ? 7   DG  A O6     1 
ATOM   210 N  N1     . DG  A 1 7  ? -2.86177  0.51291   1.17016   1.000 23.53788 ? 7   DG  A N1     1 
ATOM   211 C  C2     . DG  A 1 7  ? -3.74785  1.47701   1.57040   1.000 24.79095 ? 7   DG  A C2     1 
ATOM   212 N  N2     . DG  A 1 7  ? -5.04937  1.14022   1.54565   1.000 22.09712 ? 7   DG  A N2     1 
ATOM   213 N  N3     . DG  A 1 7  ? -3.39291  2.69236   1.96644   1.000 17.88704 ? 7   DG  A N3     1 
ATOM   214 C  C4     . DG  A 1 7  ? -2.06498  2.85807   1.93156   1.000 24.70113 ? 7   DG  A C4     1 
ATOM   215 H  "H5'"  . DG  A 1 7  ? -0.89763  8.26137   0.93992   1.000 38.95877 ? 7   DG  A "H5'"  1 
ATOM   216 H  "H5''" . DG  A 1 7  ? -1.26403  9.36376   2.00994   1.000 38.95877 ? 7   DG  A "H5''" 1 
ATOM   217 H  "H4'"  . DG  A 1 7  ? -2.92003  7.92854   2.31758   1.000 41.86661 ? 7   DG  A "H4'"  1 
ATOM   218 H  "H3'"  . DG  A 1 7  ? -1.30201  7.85991   4.37528   1.000 38.25946 ? 7   DG  A "H3'"  1 
ATOM   219 H  "H2'"  . DG  A 1 7  ? -0.31225  5.87266   3.78692   1.000 34.52428 ? 7   DG  A "H2'"  1 
ATOM   220 H  "H2''" . DG  A 1 7  ? -1.43704  5.35410   4.76692   1.000 34.52428 ? 7   DG  A "H2''" 1 
ATOM   221 H  "H1'"  . DG  A 1 7  ? -2.91668  5.01746   3.02129   1.000 32.22491 ? 7   DG  A "H1'"  1 
ATOM   222 H  H8     . DG  A 1 7  ? 0.60288   4.34866   2.27093   1.000 29.65931 ? 7   DG  A H8     1 
ATOM   223 H  H1     . DG  A 1 7  ? -3.18089  -0.24825  0.92855   1.000 28.30751 ? 7   DG  A H1     1 
ATOM   224 H  H21    . DG  A 1 7  ? -5.64593  1.71127   1.78567   1.000 26.57860 ? 7   DG  A H21    1 
ATOM   225 H  H22    . DG  A 1 7  ? -5.28523  0.35375   1.28980   1.000 26.57860 ? 7   DG  A H22    1 
ATOM   226 P  P      . DT  A 1 8  ? -3.34608  7.76334   6.08376   1.000 37.27691 ? 8   DT  A P      1 
ATOM   227 O  OP1    . DT  A 1 8  ? -4.70289  8.33360   6.12908   1.000 52.71471 ? 8   DT  A OP1    1 
ATOM   228 O  OP2    . DT  A 1 8  ? -2.16149  8.57709   6.45893   1.000 36.60205 ? 8   DT  A OP2    1 
ATOM   229 O  "O5'"  . DT  A 1 8  ? -3.42551  6.44805   6.95267   1.000 36.29230 ? 8   DT  A "O5'"  1 
ATOM   230 C  "C5'"  . DT  A 1 8  ? -2.44689  6.18672   7.91692   1.000 35.24606 ? 8   DT  A "C5'"  1 
ATOM   231 C  "C4'"  . DT  A 1 8  ? -2.21564  4.70387   8.01015   1.000 25.13384 ? 8   DT  A "C4'"  1 
ATOM   232 O  "O4'"  . DT  A 1 8  ? -0.86233  4.45661   7.68087   1.000 27.03978 ? 8   DT  A "O4'"  1 
ATOM   233 C  "C3'"  . DT  A 1 8  ? -2.44290  4.05484   9.38983   1.000 24.06399 ? 8   DT  A "C3'"  1 
ATOM   234 O  "O3'"  . DT  A 1 8  ? -3.44014  3.06075   9.29433   1.000 21.44807 ? 8   DT  A "O3'"  1 
ATOM   235 C  "C2'"  . DT  A 1 8  ? -1.07977  3.44264   9.73438   1.000 24.53516 ? 8   DT  A "C2'"  1 
ATOM   236 C  "C1'"  . DT  A 1 8  ? -0.42868  3.33704   8.37518   1.000 25.20569 ? 8   DT  A "C1'"  1 
ATOM   237 N  N1     . DT  A 1 8  ? 1.02126   3.37363   8.36914   1.000 25.37748 ? 8   DT  A N1     1 
ATOM   238 C  C2     . DT  A 1 8  ? 1.72271   2.22069   8.14870   1.000 22.66561 ? 8   DT  A C2     1 
ATOM   239 O  O2     . DT  A 1 8  ? 1.19503   1.14587   7.98977   1.000 22.63353 ? 8   DT  A O2     1 
ATOM   240 N  N3     . DT  A 1 8  ? 3.07169   2.37255   8.12398   1.000 24.01511 ? 8   DT  A N3     1 
ATOM   241 C  C4     . DT  A 1 8  ? 3.78265   3.54092   8.29775   1.000 23.87895 ? 8   DT  A C4     1 
ATOM   242 O  O4     . DT  A 1 8  ? 4.99660   3.57400   8.25637   1.000 23.26070 ? 8   DT  A O4     1 
ATOM   243 C  C5     . DT  A 1 8  ? 2.98533   4.71878   8.51908   1.000 25.69190 ? 8   DT  A C5     1 
ATOM   244 C  C7     . DT  A 1 8  ? 3.63371   6.04810   8.73939   1.000 32.20753 ? 8   DT  A C7     1 
ATOM   245 C  C6     . DT  A 1 8  ? 1.65576   4.58021   8.52699   1.000 27.68172 ? 8   DT  A C6     1 
ATOM   246 H  "H5'"  . DT  A 1 8  ? -2.74038  6.52452   8.77753   1.000 42.35733 ? 8   DT  A "H5'"  1 
ATOM   247 H  "H5''" . DT  A 1 8  ? -1.62019  6.62952   7.66911   1.000 42.35733 ? 8   DT  A "H5''" 1 
ATOM   248 H  "H4'"  . DT  A 1 8  ? -2.80361  4.25075   7.38575   1.000 30.22267 ? 8   DT  A "H4'"  1 
ATOM   249 H  "H3'"  . DT  A 1 8  ? -2.67844  4.73420   10.04089  1.000 28.93885 ? 8   DT  A "H3'"  1 
ATOM   250 H  "H2'"  . DT  A 1 8  ? -0.57200  4.01913   10.32661  1.000 29.50425 ? 8   DT  A "H2'"  1 
ATOM   251 H  "H2''" . DT  A 1 8  ? -1.17740  2.57122   10.14910  1.000 29.50425 ? 8   DT  A "H2''" 1 
ATOM   252 H  "H1'"  . DT  A 1 8  ? -0.71957  2.51063   7.95884   1.000 30.30889 ? 8   DT  A "H1'"  1 
ATOM   253 H  H3     . DT  A 1 8  ? 3.53398   1.66091   7.98443   1.000 28.88019 ? 8   DT  A H3     1 
ATOM   254 H  H71    . DT  A 1 8  ? 3.34852   6.65815   8.04125   1.000 38.71110 ? 8   DT  A H71    1 
ATOM   255 H  H72    . DT  A 1 8  ? 3.36638   6.38996   9.60691   1.000 38.71110 ? 8   DT  A H72    1 
ATOM   256 H  H73    . DT  A 1 8  ? 4.59703   5.93842   8.70963   1.000 38.71110 ? 8   DT  A H73    1 
ATOM   257 H  H6     . DT  A 1 8  ? 1.13382   5.34074   8.64559   1.000 33.28012 ? 8   DT  A H6     1 
ATOM   258 P  P      . DC  A 1 9  ? -4.40672  2.70962   10.52006  1.000 32.85099 ? 9   DC  A P      1 
ATOM   259 O  OP1    . DC  A 1 9  ? -5.41036  3.78226   10.53871  1.000 31.75753 ? 9   DC  A OP1    1 
ATOM   260 O  OP2    . DC  A 1 9  ? -3.66198  2.38347   11.76068  1.000 36.23406 ? 9   DC  A OP2    1 
ATOM   261 O  "O5'"  . DC  A 1 9  ? -5.09139  1.38821   10.01516  1.000 30.64786 ? 9   DC  A "O5'"  1 
ATOM   262 C  "C5'"  . DC  A 1 9  ? -6.20799  1.48907   9.22524   1.000 28.21371 ? 9   DC  A "C5'"  1 
ATOM   263 C  "C4'"  . DC  A 1 9  ? -6.60938  0.12987   8.72088   1.000 28.02336 ? 9   DC  A "C4'"  1 
ATOM   264 O  "O4'"  . DC  A 1 9  ? -5.61919  -0.31601  7.78129   1.000 24.26041 ? 9   DC  A "O4'"  1 
ATOM   265 C  "C3'"  . DC  A 1 9  ? -6.70226  -0.96616  9.77468   1.000 25.74512 ? 9   DC  A "C3'"  1 
ATOM   266 O  "O3'"  . DC  A 1 9  ? -7.77804  -1.80250  9.48087   1.000 22.44784 ? 9   DC  A "O3'"  1 
ATOM   267 C  "C2'"  . DC  A 1 9  ? -5.38229  -1.68939  9.64915   1.000 24.30070 ? 9   DC  A "C2'"  1 
ATOM   268 C  "C1'"  . DC  A 1 9  ? -5.08511  -1.54553  8.16494   1.000 22.19955 ? 9   DC  A "C1'"  1 
ATOM   269 N  N1     . DC  A 1 9  ? -3.64983  -1.51780  7.82656   1.000 21.18726 ? 9   DC  A N1     1 
ATOM   270 C  C2     . DC  A 1 9  ? -3.07803  -2.58265  7.13251   1.000 21.76706 ? 9   DC  A C2     1 
ATOM   271 O  O2     . DC  A 1 9  ? -3.79866  -3.51684  6.81687   1.000 26.14022 ? 9   DC  A O2     1 
ATOM   272 N  N3     . DC  A 1 9  ? -1.74250  -2.54475  6.82850   1.000 22.18197 ? 9   DC  A N3     1 
ATOM   273 C  C4     . DC  A 1 9  ? -1.02004  -1.48834  7.20003   1.000 23.28081 ? 9   DC  A C4     1 
ATOM   274 N  N4     . DC  A 1 9  ? 0.26455   -1.47106  6.89273   1.000 18.89574 ? 9   DC  A N4     1 
ATOM   275 C  C5     . DC  A 1 9  ? -1.59476  -0.39090  7.89930   1.000 24.28582 ? 9   DC  A C5     1 
ATOM   276 C  C6     . DC  A 1 9  ? -2.90210  -0.44144  8.18086   1.000 24.71419 ? 9   DC  A C6     1 
ATOM   277 H  "H5'"  . DC  A 1 9  ? -6.01873  2.06986   8.47174   1.000 33.91852 ? 9   DC  A "H5'"  1 
ATOM   278 H  "H5''" . DC  A 1 9  ? -6.93552  1.86922   9.74205   1.000 33.91852 ? 9   DC  A "H5''" 1 
ATOM   279 H  "H4'"  . DC  A 1 9  ? -7.47217  0.19482   8.28240   1.000 33.69010 ? 9   DC  A "H4'"  1 
ATOM   280 H  "H3'"  . DC  A 1 9  ? -6.78426  -0.58115  10.66121  1.000 30.95621 ? 9   DC  A "H3'"  1 
ATOM   281 H  "H2'"  . DC  A 1 9  ? -4.69527  -1.27038  10.19076  1.000 29.22291 ? 9   DC  A "H2'"  1 
ATOM   282 H  "H2''" . DC  A 1 9  ? -5.46249  -2.62125  9.90620   1.000 29.22291 ? 9   DC  A "H2''" 1 
ATOM   283 H  "H1'"  . DC  A 1 9  ? -5.51580  -2.27492  7.69231   1.000 26.70152 ? 9   DC  A "H1'"  1 
ATOM   284 H  H41    . DC  A 1 9  ? 0.75237   -0.80069  7.12127   1.000 22.73695 ? 9   DC  A H41    1 
ATOM   285 H  H42    . DC  A 1 9  ? 0.61306   -2.13019  6.46412   1.000 22.73695 ? 9   DC  A H42    1 
ATOM   286 H  H5     . DC  A 1 9  ? -1.07779  0.33935   8.15303   1.000 29.20504 ? 9   DC  A H5     1 
ATOM   287 H  H6     . DC  A 1 9  ? -3.30368  0.27011   8.62507   1.000 29.71909 ? 9   DC  A H6     1 
ATOM   288 P  P      . DT  A 1 10 ? -8.25800  -2.90556  10.52297  1.000 28.93522 ? 10  DT  A P      1 
ATOM   289 O  OP1    . DT  A 1 10 ? -9.66300  -3.25303  10.19661  1.000 25.46591 ? 10  DT  A OP1    1 
ATOM   290 O  OP2    . DT  A 1 10 ? -7.99694  -2.42812  11.90910  1.000 29.97732 ? 10  DT  A OP2    1 
ATOM   291 O  "O5'"  . DT  A 1 10 ? -7.30439  -4.14066  10.21166  1.000 24.63946 ? 10  DT  A "O5'"  1 
ATOM   292 C  "C5'"  . DT  A 1 10 ? -7.63256  -5.40060  10.76676  1.000 31.74085 ? 10  DT  A "C5'"  1 
ATOM   293 C  "C4'"  . DT  A 1 10 ? -6.96224  -6.50044  10.00088  1.000 31.54900 ? 10  DT  A "C4'"  1 
ATOM   294 O  "O4'"  . DT  A 1 10 ? -7.47701  -6.51708  8.65400   1.000 28.18364 ? 10  DT  A "O4'"  1 
ATOM   295 C  "C3'"  . DT  A 1 10 ? -5.45548  -6.34384  9.87855   1.000 28.97983 ? 10  DT  A "C3'"  1 
ATOM   296 O  "O3'"  . DT  A 1 10 ? -4.83483  -7.55076  10.04450  1.000 29.64650 ? 10  DT  A "O3'"  1 
ATOM   297 C  "C2'"  . DT  A 1 10 ? -5.25088  -5.81246  8.49503   1.000 28.58286 ? 10  DT  A "C2'"  1 
ATOM   298 C  "C1'"  . DT  A 1 10 ? -6.41976  -6.39440  7.73885   1.000 30.02646 ? 10  DT  A "C1'"  1 
ATOM   299 N  N1     . DT  A 1 10 ? -6.86747  -5.54007  6.66049   1.000 27.45174 ? 10  DT  A N1     1 
ATOM   300 C  C2     . DT  A 1 10 ? -6.57899  -5.88219  5.35370   1.000 30.16256 ? 10  DT  A C2     1 
ATOM   301 O  O2     . DT  A 1 10 ? -5.94472  -6.88075  5.04328   1.000 31.05125 ? 10  DT  A O2     1 
ATOM   302 N  N3     . DT  A 1 10 ? -7.05790  -4.99808  4.41822   1.000 29.33462 ? 10  DT  A N3     1 
ATOM   303 C  C4     . DT  A 1 10 ? -7.77835  -3.84627  4.65735   1.000 24.94645 ? 10  DT  A C4     1 
ATOM   304 O  O4     . DT  A 1 10 ? -8.16121  -3.11636  3.75172   1.000 25.54067 ? 10  DT  A O4     1 
ATOM   305 C  C5     . DT  A 1 10 ? -8.05307  -3.56296  6.05307   1.000 22.56586 ? 10  DT  A C5     1 
ATOM   306 C  C7     . DT  A 1 10 ? -8.81141  -2.34438  6.43464   1.000 25.54274 ? 10  DT  A C7     1 
ATOM   307 C  C6     . DT  A 1 10 ? -7.59043  -4.41327  6.96983   1.000 25.62897 ? 10  DT  A C6     1 
ATOM   308 H  "H5'"  . DT  A 1 10 ? -8.59389  -5.52573  10.73373  1.000 38.15108 ? 10  DT  A "H5'"  1 
ATOM   309 H  "H5''" . DT  A 1 10 ? -7.34190  -5.42976  11.69172  1.000 38.15108 ? 10  DT  A "H5''" 1 
ATOM   310 H  "H4'"  . DT  A 1 10 ? -7.15572  -7.35700  10.41291  1.000 37.92087 ? 10  DT  A "H4'"  1 
ATOM   311 H  "H3'"  . DT  A 1 10 ? -5.14685  -5.69582  10.53101  1.000 34.83785 ? 10  DT  A "H3'"  1 
ATOM   312 H  "H2'"  . DT  A 1 10 ? -5.27256  -4.84277  8.48399   1.000 34.36149 ? 10  DT  A "H2'"  1 
ATOM   313 H  "H2''" . DT  A 1 10 ? -4.40684  -6.11372  8.12388   1.000 34.36149 ? 10  DT  A "H2''" 1 
ATOM   314 H  "H1'"  . DT  A 1 10 ? -6.18273  -7.27266  7.40214   1.000 36.09381 ? 10  DT  A "H1'"  1 
ATOM   315 H  H3     . DT  A 1 10 ? -6.89072  -5.18231  3.59499   1.000 35.26361 ? 10  DT  A H3     1 
ATOM   316 H  H71    . DT  A 1 10 ? -9.60023  -2.60688  6.93438   1.000 30.71335 ? 10  DT  A H71    1 
ATOM   317 H  H72    . DT  A 1 10 ? -8.24536  -1.77897  6.98308   1.000 30.71335 ? 10  DT  A H72    1 
ATOM   318 H  H73    . DT  A 1 10 ? -9.07240  -1.86993  5.62984   1.000 30.71335 ? 10  DT  A H73    1 
ATOM   319 H  H6     . DT  A 1 10 ? -7.76621  -4.23443  7.86538   1.000 30.81683 ? 10  DT  A H6     1 
ATOM   320 P  P      . DA  A 1 11 ? -3.54929  -7.62707  10.98149  1.000 31.66029 ? 11  DA  A P      1 
ATOM   321 O  OP1    . DA  A 1 11 ? -3.24103  -9.05342  11.20633  1.000 31.13582 ? 11  DA  A OP1    1 
ATOM   322 O  OP2    . DA  A 1 11 ? -3.83131  -6.72667  12.13426  1.000 34.36380 ? 11  DA  A OP2    1 
ATOM   323 O  "O5'"  . DA  A 1 11 ? -2.41174  -7.00561  10.09391  1.000 27.89285 ? 11  DA  A "O5'"  1 
ATOM   324 C  "C5'"  . DA  A 1 11 ? -1.94228  -7.69962  8.99111   1.000 27.71062 ? 11  DA  A "C5'"  1 
ATOM   325 C  "C4'"  . DA  A 1 11 ? -0.59160  -7.18580  8.60969   1.000 23.32565 ? 11  DA  A "C4'"  1 
ATOM   326 O  "O4'"  . DA  A 1 11 ? -0.72352  -5.81785  8.23374   1.000 22.66949 ? 11  DA  A "O4'"  1 
ATOM   327 C  "C3'"  . DA  A 1 11 ? 0.41440   -7.20705  9.72724   1.000 19.83713 ? 11  DA  A "C3'"  1 
ATOM   328 O  "O3'"  . DA  A 1 11 ? 1.09138   -8.41646  9.74307   1.000 28.43171 ? 11  DA  A "O3'"  1 
ATOM   329 C  "C2'"  . DA  A 1 11 ? 1.31626   -6.05598  9.39038   1.000 25.77644 ? 11  DA  A "C2'"  1 
ATOM   330 C  "C1'"  . DA  A 1 11 ? 0.38827   -5.09059  8.68281   1.000 22.80655 ? 11  DA  A "C1'"  1 
ATOM   331 N  N9     . DA  A 1 11 ? -0.10508  -3.98499  9.49128   1.000 23.64995 ? 11  DA  A N9     1 
ATOM   332 C  C8     . DA  A 1 11 ? -1.39250  -3.76379  9.89908   1.000 23.25299 ? 11  DA  A C8     1 
ATOM   333 N  N7     . DA  A 1 11 ? -1.55155  -2.63250  10.55089  1.000 22.25139 ? 11  DA  A N7     1 
ATOM   334 C  C5     . DA  A 1 11 ? -0.28109  -2.08855  10.55524  1.000 21.73996 ? 11  DA  A C5     1 
ATOM   335 C  C6     . DA  A 1 11 ? 0.23985   -0.90179  11.09402  1.000 24.99562 ? 11  DA  A C6     1 
ATOM   336 N  N6     . DA  A 1 11 ? -0.49658  -0.01048  11.75910  1.000 27.54944 ? 11  DA  A N6     1 
ATOM   337 N  N1     . DA  A 1 11 ? 1.54787   -0.65674  10.92631  1.000 24.17588 ? 11  DA  A N1     1 
ATOM   338 C  C2     . DA  A 1 11 ? 2.29122   -1.55131  10.27650  1.000 24.51524 ? 11  DA  A C2     1 
ATOM   339 N  N3     . DA  A 1 11 ? 1.91943   -2.70279  9.73470   1.000 23.26433 ? 11  DA  A N3     1 
ATOM   340 C  C4     . DA  A 1 11 ? 0.60724   -2.90988  9.90497   1.000 22.12311 ? 11  DA  A C4     1 
ATOM   341 H  "H5'"  . DA  A 1 11 ? -2.55548  -7.58194  8.24879   1.000 33.31480 ? 11  DA  A "H5'"  1 
ATOM   342 H  "H5''" . DA  A 1 11 ? -1.88170  -8.64403  9.20399   1.000 33.31480 ? 11  DA  A "H5''" 1 
ATOM   343 H  "H4'"  . DA  A 1 11 ? -0.23935  -7.69184  7.86085   1.000 28.05284 ? 11  DA  A "H4'"  1 
ATOM   344 H  "H3'"  . DA  A 1 11 ? -0.02121  -7.05164  10.57987  1.000 23.79869 ? 11  DA  A "H3'"  1 
ATOM   345 H  "H2'"  . DA  A 1 11 ? 1.69111   -5.65820  10.19173  1.000 30.99378 ? 11  DA  A "H2'"  1 
ATOM   346 H  "H2''" . DA  A 1 11 ? 2.04010   -6.33638  8.80872   1.000 30.99378 ? 11  DA  A "H2''" 1 
ATOM   347 H  "H1'"  . DA  A 1 11 ? 0.87686   -4.73461  7.92422   1.000 27.42992 ? 11  DA  A "H1'"  1 
ATOM   348 H  H8     . DA  A 1 11 ? -2.08882  -4.35700  9.73129   1.000 27.96565 ? 11  DA  A H8     1 
ATOM   349 H  H61    . DA  A 1 11 ? -0.13095  0.70318   12.06991  1.000 33.12139 ? 11  DA  A H61    1 
ATOM   350 H  H62    . DA  A 1 11 ? -1.33703  -0.14946  11.87711  1.000 33.12139 ? 11  DA  A H62    1 
ATOM   351 H  H2     . DA  A 1 11 ? 3.19275   -1.33937  10.19150  1.000 29.48034 ? 11  DA  A H2     1 
ATOM   352 P  P      . DT  A 1 12 ? 1.65055   -9.03775  11.10464  1.000 33.02219 ? 12  DT  A P      1 
ATOM   353 O  OP1    . DT  A 1 12 ? 2.10317   -10.39591 10.73082  1.000 40.51287 ? 12  DT  A OP1    1 
ATOM   354 O  OP2    . DT  A 1 12 ? 0.70934   -8.88033  12.23362  1.000 30.44879 ? 12  DT  A OP2    1 
ATOM   355 O  "O5'"  . DT  A 1 12 ? 2.94396   -8.16415  11.43211  1.000 31.87536 ? 12  DT  A "O5'"  1 
ATOM   356 C  "C5'"  . DT  A 1 12 ? 4.01602   -8.12360  10.55928  1.000 29.28795 ? 12  DT  A "C5'"  1 
ATOM   357 C  "C4'"  . DT  A 1 12 ? 4.99552   -7.10298  11.02912  1.000 22.07187 ? 12  DT  A "C4'"  1 
ATOM   358 O  "O4'"  . DT  A 1 12 ? 4.30351   -5.84348  11.15777  1.000 24.43097 ? 12  DT  A "O4'"  1 
ATOM   359 C  "C3'"  . DT  A 1 12 ? 5.60596   -7.37646  12.39131  1.000 30.94604 ? 12  DT  A "C3'"  1 
ATOM   360 O  "O3'"  . DT  A 1 12 ? 6.93975   -6.95400  12.40084  1.000 28.34335 ? 12  DT  A "O3'"  1 
ATOM   361 C  "C2'"  . DT  A 1 12 ? 4.73722   -6.55344  13.32118  1.000 31.40442 ? 12  DT  A "C2'"  1 
ATOM   362 C  "C1'"  . DT  A 1 12 ? 4.44512   -5.33937  12.47118  1.000 29.43451 ? 12  DT  A "C1'"  1 
ATOM   363 N  N1     . DT  A 1 12 ? 3.20072   -4.59361  12.84767  1.000 24.31498 ? 12  DT  A N1     1 
ATOM   364 C  C2     . DT  A 1 12 ? 3.26481   -3.24095  13.12387  1.000 27.62437 ? 12  DT  A C2     1 
ATOM   365 O  O2     . DT  A 1 12 ? 4.29502   -2.59188  13.09151  1.000 28.34625 ? 12  DT  A O2     1 
ATOM   366 N  N3     . DT  A 1 12 ? 2.07715   -2.66874  13.42759  1.000 27.06812 ? 12  DT  A N3     1 
ATOM   367 C  C4     . DT  A 1 12 ? 0.85492   -3.29114  13.49383  1.000 26.90945 ? 12  DT  A C4     1 
ATOM   368 O  O4     . DT  A 1 12 ? -0.17008  -2.68338  13.80365  1.000 25.41511 ? 12  DT  A O4     1 
ATOM   369 C  C5     . DT  A 1 12 ? 0.86690   -4.70146  13.17408  1.000 27.34655 ? 12  DT  A C5     1 
ATOM   370 C  C7     . DT  A 1 12 ? -0.38216  -5.50654  13.19988  1.000 23.39798 ? 12  DT  A C7     1 
ATOM   371 C  C6     . DT  A 1 12 ? 2.02291   -5.26527  12.87391  1.000 27.41052 ? 12  DT  A C6     1 
ATOM   372 H  "H5'"  . DT  A 1 12 ? 3.70418   -7.89121  9.67066   1.000 35.20760 ? 12  DT  A "H5'"  1 
ATOM   373 H  "H5''" . DT  A 1 12 ? 4.44277   -8.99408  10.52660  1.000 35.20760 ? 12  DT  A "H5''" 1 
ATOM   374 H  "H4'"  . DT  A 1 12 ? 5.71560   -7.01821  10.38475  1.000 26.17594 ? 12  DT  A "H4'"  1 
ATOM   375 H  "H3'"  . DT  A 1 12 ? 5.54009   -8.31644  12.62155  1.000 37.19731 ? 12  DT  A "H3'"  1 
ATOM   376 H  "H2'"  . DT  A 1 12 ? 3.92380   -7.02543  13.55884  1.000 37.74736 ? 12  DT  A "H2'"  1 
ATOM   377 H  "H2''" . DT  A 1 12 ? 5.21187   -6.31390  14.13248  1.000 37.74736 ? 12  DT  A "H2''" 1 
ATOM   378 H  "H1'"  . DT  A 1 12 ? 5.18747   -4.71683  12.51864  1.000 35.38347 ? 12  DT  A "H1'"  1 
ATOM   379 H  H3     . DT  A 1 12 ? 2.08887   -1.82570  13.59718  1.000 32.54381 ? 12  DT  A H3     1 
ATOM   380 H  H71    . DT  A 1 12 ? -1.07428  -5.00115  13.65425  1.000 28.13964 ? 12  DT  A H71    1 
ATOM   381 H  H72    . DT  A 1 12 ? -0.65494  -5.69553  12.28841  1.000 28.13964 ? 12  DT  A H72    1 
ATOM   382 H  H73    . DT  A 1 12 ? -0.21345  -6.33611  13.67342  1.000 28.13964 ? 12  DT  A H73    1 
ATOM   383 H  H6     . DT  A 1 12 ? 2.02956   -6.17247  12.66937  1.000 32.95468 ? 12  DT  A H6     1 
ATOM   384 P  P      . DT  A 1 13 ? 7.90401   -7.29371  13.61222  1.000 35.10937 ? 13  DT  A P      1 
ATOM   385 O  OP1    . DT  A 1 13 ? 9.24550   -7.09097  13.00207  1.000 33.46494 ? 13  DT  A OP1    1 
ATOM   386 O  OP2    . DT  A 1 13 ? 7.54209   -8.58857  14.25161  1.000 40.37448 ? 13  DT  A OP2    1 
ATOM   387 O  "O5'"  . DT  A 1 13 ? 7.58289   -6.15537  14.69132  1.000 35.54884 ? 13  DT  A "O5'"  1 
ATOM   388 C  "C5'"  . DT  A 1 13 ? 8.42147   -5.98447  15.85263  1.000 34.71759 ? 13  DT  A "C5'"  1 
ATOM   389 C  "C4'"  . DT  A 1 13 ? 8.36547   -4.54886  16.34378  1.000 30.95029 ? 13  DT  A "C4'"  1 
ATOM   390 O  "O4'"  . DT  A 1 13 ? 8.60215   -3.60614  15.22641  1.000 31.72761 ? 13  DT  A "O4'"  1 
ATOM   391 C  "C3'"  . DT  A 1 13 ? 7.02233   -4.13939  16.93174  1.000 33.87644 ? 13  DT  A "C3'"  1 
ATOM   392 O  "O3'"  . DT  A 1 13 ? 7.23041   -3.25922  18.00670  1.000 37.86293 ? 13  DT  A "O3'"  1 
ATOM   393 C  "C2'"  . DT  A 1 13 ? 6.31944   -3.46150  15.74958  1.000 32.09446 ? 13  DT  A "C2'"  1 
ATOM   394 C  "C1'"  . DT  A 1 13 ? 7.47940   -2.71426  15.11642  1.000 30.18826 ? 13  DT  A "C1'"  1 
ATOM   395 N  N1     . DT  A 1 13 ? 7.27857   -2.34985  13.70031  1.000 26.12387 ? 13  DT  A N1     1 
ATOM   396 C  C2     . DT  A 1 13 ? 6.86649   -1.07431  13.35892  1.000 27.98806 ? 13  DT  A C2     1 
ATOM   397 O  O2     . DT  A 1 13 ? 6.64771   -0.19437  14.16482  1.000 30.23993 ? 13  DT  A O2     1 
ATOM   398 N  N3     . DT  A 1 13 ? 6.72009   -0.86524  12.02014  1.000 27.76415 ? 13  DT  A N3     1 
ATOM   399 C  C4     . DT  A 1 13 ? 6.92882   -1.78077  11.01027  1.000 27.75878 ? 13  DT  A C4     1 
ATOM   400 O  O4     . DT  A 1 13 ? 6.77337   -1.50146  9.82293   1.000 28.76102 ? 13  DT  A O4     1 
ATOM   401 C  C5     . DT  A 1 13 ? 7.35303   -3.08467  11.44160  1.000 27.98151 ? 13  DT  A C5     1 
ATOM   402 C  C7     . DT  A 1 13 ? 7.61222   -4.15713  10.44269  1.000 28.16266 ? 13  DT  A C7     1 
ATOM   403 C  C6     . DT  A 1 13 ? 7.51574   -3.29888  12.74900  1.000 28.13932 ? 13  DT  A C6     1 
ATOM   404 H  "H5'"  . DT  A 1 13 ? 9.33670   -6.20974  15.62348  1.000 41.72317 ? 13  DT  A "H5'"  1 
ATOM   405 H  "H5''" . DT  A 1 13 ? 8.11750   -6.57699  16.55791  1.000 41.72317 ? 13  DT  A "H5''" 1 
ATOM   406 H  "H4'"  . DT  A 1 13 ? 9.06772   -4.41997  17.00040  1.000 37.04720 ? 13  DT  A "H4'"  1 
ATOM   407 H  "H3'"  . DT  A 1 13 ? 6.51317   -4.91526  17.21399  1.000 40.71379 ? 13  DT  A "H3'"  1 
ATOM   408 H  "H2'"  . DT  A 1 13 ? 5.93567   -4.11112  15.13997  1.000 38.57541 ? 13  DT  A "H2'"  1 
ATOM   409 H  "H2''" . DT  A 1 13 ? 5.62190   -2.85619  16.04615  1.000 38.57541 ? 13  DT  A "H2''" 1 
ATOM   410 H  "H1'"  . DT  A 1 13 ? 7.65332   -1.89640  15.60811  1.000 36.28798 ? 13  DT  A "H1'"  1 
ATOM   411 H  H3     . DT  A 1 13 ? 6.47087   -0.07813  11.77940  1.000 33.37904 ? 13  DT  A H3     1 
ATOM   412 H  H71    . DT  A 1 13 ? 8.54243   -4.42563  10.50180  1.000 33.85725 ? 13  DT  A H71    1 
ATOM   413 H  H72    . DT  A 1 13 ? 7.03665   -4.91380  10.63520  1.000 33.85725 ? 13  DT  A H72    1 
ATOM   414 H  H73    . DT  A 1 13 ? 7.42256   -3.81462  9.55521   1.000 33.85725 ? 13  DT  A H73    1 
ATOM   415 H  H6     . DT  A 1 13 ? 7.80564   -4.13808  13.02577  1.000 33.82924 ? 13  DT  A H6     1 
ATOM   416 P  P      . DC  A 1 14 ? 6.17979   -3.18839  19.20639  1.000 38.40518 ? 14  DC  A P      1 
ATOM   417 O  OP1    . DC  A 1 14 ? 6.84652   -2.37246  20.26435  1.000 38.33288 ? 14  DC  A OP1    1 
ATOM   418 O  OP2    . DC  A 1 14 ? 5.68649   -4.55660  19.50265  1.000 45.07255 ? 14  DC  A OP2    1 
ATOM   419 O  "O5'"  . DC  A 1 14 ? 4.94391   -2.38507  18.64005  1.000 41.43100 ? 14  DC  A "O5'"  1 
ATOM   420 C  "C5'"  . DC  A 1 14 ? 5.11229   -1.08880  18.12729  1.000 42.67987 ? 14  DC  A "C5'"  1 
ATOM   421 C  "C4'"  . DC  A 1 14 ? 3.77644   -0.54514  17.71511  1.000 38.77911 ? 14  DC  A "C4'"  1 
ATOM   422 O  "O4'"  . DC  A 1 14 ? 3.15166   -1.47938  16.80969  1.000 31.28031 ? 14  DC  A "O4'"  1 
ATOM   423 C  "C3'"  . DC  A 1 14 ? 2.81881   -0.37366  18.86787  1.000 38.21039 ? 14  DC  A "C3'"  1 
ATOM   424 O  "O3'"  . DC  A 1 14 ? 2.18714   0.84877   18.77016  1.000 36.16901 ? 14  DC  A "O3'"  1 
ATOM   425 C  "C2'"  . DC  A 1 14 ? 1.86611   -1.56374  18.76453  1.000 38.52298 ? 14  DC  A "C2'"  1 
ATOM   426 C  "C1'"  . DC  A 1 14 ? 1.89405   -1.88881  17.28881  1.000 34.50997 ? 14  DC  A "C1'"  1 
ATOM   427 N  N1     . DC  A 1 14 ? 1.73085   -3.33762  16.96638  1.000 38.27314 ? 14  DC  A N1     1 
ATOM   428 C  C2     . DC  A 1 14 ? 0.44283   -3.87226  16.78895  1.000 38.23343 ? 14  DC  A C2     1 
ATOM   429 O  O2     . DC  A 1 14 ? -0.54135  -3.13794  16.92953  1.000 41.11622 ? 14  DC  A O2     1 
ATOM   430 N  N3     . DC  A 1 14 ? 0.30908   -5.18999  16.46534  1.000 44.74839 ? 14  DC  A N3     1 
ATOM   431 C  C4     . DC  A 1 14 ? 1.39660   -5.95997  16.30767  1.000 42.86576 ? 14  DC  A C4     1 
ATOM   432 N  N4     . DC  A 1 14 ? 1.20721   -7.26060  15.97821  1.000 46.54984 ? 14  DC  A N4     1 
ATOM   433 C  C5     . DC  A 1 14 ? 2.72099   -5.42910  16.48001  1.000 42.16199 ? 14  DC  A C5     1 
ATOM   434 C  C6     . DC  A 1 14 ? 2.83709   -4.12388  16.80005  1.000 40.14561 ? 14  DC  A C6     1 
ATOM   435 H  "H5'"  . DC  A 1 14 ? 5.70474   -1.11575  17.35972  1.000 51.27791 ? 14  DC  A "H5'"  1 
ATOM   436 H  "H5''" . DC  A 1 14 ? 5.50190   -0.51689  18.80701  1.000 51.27791 ? 14  DC  A "H5''" 1 
ATOM   437 H  "H4'"  . DC  A 1 14 ? 3.88112   0.30224   17.25480  1.000 46.59699 ? 14  DC  A "H4'"  1 
ATOM   438 H  "H3'"  . DC  A 1 14 ? 3.29325   -0.44625  19.71080  1.000 45.91453 ? 14  DC  A "H3'"  1 
ATOM   439 H  "H2'"  . DC  A 1 14 ? 2.18037   -2.31244  19.29519  1.000 46.28964 ? 14  DC  A "H2'"  1 
ATOM   440 H  "H2''" . DC  A 1 14 ? 0.97204   -1.32424  19.05464  1.000 46.28964 ? 14  DC  A "H2''" 1 
ATOM   441 H  "H1'"  . DC  A 1 14 ? 1.19024   -1.38439  16.85165  1.000 41.47402 ? 14  DC  A "H1'"  1 
ATOM   442 H  H41    . DC  A 1 14 ? 1.88424   -7.77978  15.87014  1.000 55.92187 ? 14  DC  A H41    1 
ATOM   443 H  H42    . DC  A 1 14 ? 0.40999   -7.56689  15.87719  1.000 55.92187 ? 14  DC  A H42    1 
ATOM   444 H  H5     . DC  A 1 14 ? 3.47224   -5.96706  16.37447  1.000 50.65645 ? 14  DC  A H5     1 
ATOM   445 H  H6     . DC  A 1 14 ? 3.68288   -3.75292  16.90931  1.000 48.23680 ? 14  DC  A H6     1 
ATOM   446 P  P      . DA  A 1 15 ? 2.74098   2.04356   19.69088  1.000 51.30614 ? 15  DA  A P      1 
ATOM   447 O  OP1    . DA  A 1 15 ? 3.02692   1.56233   21.05414  1.000 48.55073 ? 15  DA  A OP1    1 
ATOM   448 O  OP2    . DA  A 1 15 ? 1.82363   3.17605   19.41393  1.000 55.30588 ? 15  DA  A OP2    1 
ATOM   449 O  "O5'"  . DA  A 1 15 ? 4.14708   2.39888   19.03833  1.000 40.17011 ? 15  DA  A "O5'"  1 
ATOM   450 C  "C5'"  . DA  A 1 15 ? 4.22378   3.46271   18.17220  1.000 36.18184 ? 15  DA  A "C5'"  1 
ATOM   451 C  "C4'"  . DA  A 1 15 ? 5.38895   3.29823   17.23628  1.000 33.54316 ? 15  DA  A "C4'"  1 
ATOM   452 O  "O4'"  . DA  A 1 15 ? 5.24065   2.10006   16.43619  1.000 31.38558 ? 15  DA  A "O4'"  1 
ATOM   453 C  "C3'"  . DA  A 1 15 ? 5.56692   4.41119   16.24578  1.000 31.64928 ? 15  DA  A "C3'"  1 
ATOM   454 O  "O3'"  . DA  A 1 15 ? 6.94577   4.52810   15.98508  1.000 33.09015 ? 15  DA  A "O3'"  1 
ATOM   455 C  "C2'"  . DA  A 1 15 ? 4.73818   3.95056   15.04754  1.000 30.25738 ? 15  DA  A "C2'"  1 
ATOM   456 C  "C1'"  . DA  A 1 15 ? 4.85829   2.42809   15.10921  1.000 28.74587 ? 15  DA  A "C1'"  1 
ATOM   457 N  N9     . DA  A 1 15 ? 3.63819   1.65443   14.85024  1.000 32.37465 ? 15  DA  A N9     1 
ATOM   458 C  C8     . DA  A 1 15 ? 3.58532   0.40723   14.30040  1.000 30.96618 ? 15  DA  A C8     1 
ATOM   459 N  N7     . DA  A 1 15 ? 2.38727   -0.10790  14.26446  1.000 28.44226 ? 15  DA  A N7     1 
ATOM   460 C  C5     . DA  A 1 15 ? 1.59502   0.85129   14.86001  1.000 29.41699 ? 15  DA  A C5     1 
ATOM   461 C  C6     . DA  A 1 15 ? 0.22276   0.89421   15.13035  1.000 32.70191 ? 15  DA  A C6     1 
ATOM   462 N  N6     . DA  A 1 15 ? -0.60824  -0.09849  14.82639  1.000 28.67242 ? 15  DA  A N6     1 
ATOM   463 N  N1     . DA  A 1 15 ? -0.26442  1.99463   15.72660  1.000 38.06182 ? 15  DA  A N1     1 
ATOM   464 C  C2     . DA  A 1 15 ? 0.58508   2.97860   16.05353  1.000 38.31581 ? 15  DA  A C2     1 
ATOM   465 N  N3     . DA  A 1 15 ? 1.89315   3.04670   15.86087  1.000 35.19607 ? 15  DA  A N3     1 
ATOM   466 C  C4     . DA  A 1 15 ? 2.34373   1.94301   15.23873  1.000 31.22295 ? 15  DA  A C4     1 
ATOM   467 H  "H5'"  . DA  A 1 15 ? 4.33286   4.28227   18.67946  1.000 43.48027 ? 15  DA  A "H5'"  1 
ATOM   468 H  "H5''" . DA  A 1 15 ? 3.40363   3.51690   17.65710  1.000 43.48027 ? 15  DA  A "H5''" 1 
ATOM   469 H  "H4'"  . DA  A 1 15 ? 6.19279   3.20683   17.77143  1.000 40.31385 ? 15  DA  A "H4'"  1 
ATOM   470 H  "H3'"  . DA  A 1 15 ? 5.19776   5.25415   16.55242  1.000 38.04119 ? 15  DA  A "H3'"  1 
ATOM   471 H  "H2'"  . DA  A 1 15 ? 3.81396   4.23283   15.13142  1.000 36.37092 ? 15  DA  A "H2'"  1 
ATOM   472 H  "H2''" . DA  A 1 15 ? 5.10014   4.29726   14.21708  1.000 36.37092 ? 15  DA  A "H2''" 1 
ATOM   473 H  "H1'"  . DA  A 1 15 ? 5.53478   2.18674   14.45728  1.000 34.55711 ? 15  DA  A "H1'"  1 
ATOM   474 H  H8     . DA  A 1 15 ? 4.33690   -0.03666  13.97949  1.000 37.22148 ? 15  DA  A H8     1 
ATOM   475 H  H61    . DA  A 1 15 ? -1.44527  -0.03059  15.01175  1.000 34.46897 ? 15  DA  A H61    1 
ATOM   476 H  H62    . DA  A 1 15 ? -0.30861  -0.80838  14.44444  1.000 34.46897 ? 15  DA  A H62    1 
ATOM   477 H  H2     . DA  A 1 15 ? 0.20290   3.71503   16.47365  1.000 46.04103 ? 15  DA  A H2     1 
ATOM   478 P  P      . DT  A 1 16 ? 7.51471   5.56366   14.91733  1.000 40.92151 ? 16  DT  A P      1 
ATOM   479 O  OP1    . DT  A 1 16 ? 8.83239   5.96083   15.45945  1.000 36.29217 ? 16  DT  A OP1    1 
ATOM   480 O  OP2    . DT  A 1 16 ? 6.47525   6.56964   14.58406  1.000 41.21164 ? 16  DT  A OP2    1 
ATOM   481 O  "O5'"  . DT  A 1 16 ? 7.65744   4.67634   13.61747  1.000 31.88524 ? 16  DT  A "O5'"  1 
ATOM   482 C  "C5'"  . DT  A 1 16 ? 8.47338   3.56297   13.61807  1.000 29.44107 ? 16  DT  A "C5'"  1 
ATOM   483 C  "C4'"  . DT  A 1 16 ? 8.32552   2.80158   12.32062  1.000 26.14260 ? 16  DT  A "C4'"  1 
ATOM   484 O  "O4'"  . DT  A 1 16 ? 6.98915   2.23522   12.22272  1.000 29.34596 ? 16  DT  A "O4'"  1 
ATOM   485 C  "C3'"  . DT  A 1 16 ? 8.49728   3.60664   11.04934  1.000 30.58810 ? 16  DT  A "C3'"  1 
ATOM   486 O  "O3'"  . DT  A 1 16 ? 9.14045   2.77334   10.12404  1.000 25.36926 ? 16  DT  A "O3'"  1 
ATOM   487 C  "C2'"  . DT  A 1 16 ? 7.05849   3.94481   10.65127  1.000 26.64379 ? 16  DT  A "C2'"  1 
ATOM   488 C  "C1'"  . DT  A 1 16 ? 6.37279   2.64911   11.01447  1.000 26.00377 ? 16  DT  A "C1'"  1 
ATOM   489 N  N1     . DT  A 1 16 ? 4.90532   2.70218   11.26319  1.000 25.93329 ? 16  DT  A N1     1 
ATOM   490 C  C2     . DT  A 1 16 ? 4.18593   1.57011   11.04349  1.000 22.08196 ? 16  DT  A C2     1 
ATOM   491 O  O2     . DT  A 1 16 ? 4.67607   0.57227   10.58986  1.000 24.37328 ? 16  DT  A O2     1 
ATOM   492 N  N3     . DT  A 1 16 ? 2.86221   1.65310   11.33175  1.000 23.76972 ? 16  DT  A N3     1 
ATOM   493 C  C4     . DT  A 1 16 ? 2.19898   2.73009   11.85140  1.000 26.46977 ? 16  DT  A C4     1 
ATOM   494 O  O4     . DT  A 1 16 ? 0.99871   2.71201   12.10120  1.000 30.01149 ? 16  DT  A O4     1 
ATOM   495 C  C5     . DT  A 1 16 ? 3.01029   3.88352   12.09508  1.000 31.77369 ? 16  DT  A C5     1 
ATOM   496 C  C7     . DT  A 1 16 ? 2.38076   5.10570   12.66439  1.000 30.47632 ? 16  DT  A C7     1 
ATOM   497 C  C6     . DT  A 1 16 ? 4.32311   3.81886   11.79787  1.000 28.65079 ? 16  DT  A C6     1 
ATOM   498 H  "H5'"  . DT  A 1 16 ? 8.22984   2.98619   14.35897  1.000 35.39135 ? 16  DT  A "H5'"  1 
ATOM   499 H  "H5''" . DT  A 1 16 ? 9.39660   3.84089   13.72444  1.000 35.39135 ? 16  DT  A "H5''" 1 
ATOM   500 H  "H4'"  . DT  A 1 16 ? 8.97957   2.08529   12.32695  1.000 31.43318 ? 16  DT  A "H4'"  1 
ATOM   501 H  "H3'"  . DT  A 1 16 ? 8.97923   4.43676   11.18905  1.000 36.76778 ? 16  DT  A "H3'"  1 
ATOM   502 H  "H2'"  . DT  A 1 16 ? 6.70910   4.69382   11.15905  1.000 32.03460 ? 16  DT  A "H2'"  1 
ATOM   503 H  "H2''" . DT  A 1 16 ? 6.98175   4.14182   9.70460   1.000 32.03460 ? 16  DT  A "H2''" 1 
ATOM   504 H  "H1'"  . DT  A 1 16 ? 6.52060   2.02539   10.28645  1.000 31.26659 ? 16  DT  A "H1'"  1 
ATOM   505 H  H3     . DT  A 1 16 ? 2.38971   0.95293   11.17016  1.000 28.58572 ? 16  DT  A H3     1 
ATOM   506 H  H71    . DT  A 1 16 ? 1.52745   4.86685   13.05899  1.000 36.63364 ? 16  DT  A H71    1 
ATOM   507 H  H72    . DT  A 1 16 ? 2.96684   5.47605   13.34281  1.000 36.63364 ? 16  DT  A H72    1 
ATOM   508 H  H73    . DT  A 1 16 ? 2.24718   5.75237   11.95383  1.000 36.63364 ? 16  DT  A H73    1 
ATOM   509 H  H6     . DT  A 1 16 ? 4.85503   4.56365   11.96294  1.000 34.44301 ? 16  DT  A H6     1 
ATOM   510 P  P      . DA  A 1 17 ? 9.52558   3.27382   8.65817   1.000 23.20242 ? 17  DA  A P      1 
ATOM   511 O  OP1    . DA  A 1 17 ? 10.89287  2.76470   8.32946   1.000 26.12808 ? 17  DA  A OP1    1 
ATOM   512 O  OP2    . DA  A 1 17 ? 9.25191   4.71539   8.48915   1.000 23.62374 ? 17  DA  A OP2    1 
ATOM   513 O  "O5'"  . DA  A 1 17 ? 8.45255   2.46874   7.80222   1.000 25.75984 ? 17  DA  A "O5'"  1 
ATOM   514 C  "C5'"  . DA  A 1 17 ? 8.49387   1.05755   7.71152   1.000 23.40149 ? 17  DA  A "C5'"  1 
ATOM   515 C  "C4'"  . DA  A 1 17 ? 8.14851   0.61921   6.28974   1.000 21.38946 ? 17  DA  A "C4'"  1 
ATOM   516 O  "O4'"  . DA  A 1 17 ? 6.71459   0.79505   6.02191   1.000 22.12833 ? 17  DA  A "O4'"  1 
ATOM   517 C  "C3'"  . DA  A 1 17 ? 8.83135   1.43417   5.20198   1.000 18.43629 ? 17  DA  A "C3'"  1 
ATOM   518 O  "O3'"  . DA  A 1 17 ? 9.15060   0.61143   4.11758   1.000 22.05724 ? 17  DA  A "O3'"  1 
ATOM   519 C  "C2'"  . DA  A 1 17 ? 7.76851   2.44967   4.83458   1.000 19.51137 ? 17  DA  A "C2'"  1 
ATOM   520 C  "C1'"  . DA  A 1 17 ? 6.56963   1.55613   4.82921   1.000 20.34737 ? 17  DA  A "C1'"  1 
ATOM   521 N  N9     . DA  A 1 17 ? 5.31002   2.23994   4.86696   1.000 20.50712 ? 17  DA  A N9     1 
ATOM   522 C  C8     . DA  A 1 17 ? 5.09653   3.57302   5.03099   1.000 20.93486 ? 17  DA  A C8     1 
ATOM   523 N  N7     . DA  A 1 17 ? 3.83416   3.90259   5.06067   1.000 24.13128 ? 17  DA  A N7     1 
ATOM   524 C  C5     . DA  A 1 17 ? 3.17696   2.70049   4.88550   1.000 20.59144 ? 17  DA  A C5     1 
ATOM   525 C  C6     . DA  A 1 17 ? 1.81574   2.35765   4.82179   1.000 18.98178 ? 17  DA  A C6     1 
ATOM   526 N  N6     . DA  A 1 17 ? 0.83440   3.24905   4.94868   1.000 23.58724 ? 17  DA  A N6     1 
ATOM   527 N  N1     . DA  A 1 17 ? 1.50104   1.06289   4.63381   1.000 16.98875 ? 17  DA  A N1     1 
ATOM   528 C  C2     . DA  A 1 17 ? 2.48415   0.17303   4.52995   1.000 22.65212 ? 17  DA  A C2     1 
ATOM   529 N  N3     . DA  A 1 17 ? 3.80022   0.37527   4.56938   1.000 20.31317 ? 17  DA  A N3     1 
ATOM   530 C  C4     . DA  A 1 17 ? 4.07795   1.66712   4.75790   1.000 20.39779 ? 17  DA  A C4     1 
ATOM   531 H  "H5'"  . DA  A 1 17 ? 7.85490   0.67437   8.33265   1.000 28.14385 ? 17  DA  A "H5'"  1 
ATOM   532 H  "H5''" . DA  A 1 17 ? 9.38306   0.74435   7.93987   1.000 28.14385 ? 17  DA  A "H5''" 1 
ATOM   533 H  "H4'"  . DA  A 1 17 ? 8.36690   -0.32190  6.20296   1.000 25.72941 ? 17  DA  A "H4'"  1 
ATOM   534 H  "H3'"  . DA  A 1 17 ? 9.62329   1.87473   5.54790   1.000 22.18560 ? 17  DA  A "H3'"  1 
ATOM   535 H  "H2'"  . DA  A 1 17 ? 7.69429   3.15513   5.49618   1.000 23.47570 ? 17  DA  A "H2'"  1 
ATOM   536 H  "H2''" . DA  A 1 17 ? 7.93010   2.84796   3.96501   1.000 23.47570 ? 17  DA  A "H2''" 1 
ATOM   537 H  "H1'"  . DA  A 1 17 ? 6.57071   0.98956   4.04187   1.000 24.47890 ? 17  DA  A "H1'"  1 
ATOM   538 H  H8     . DA  A 1 17 ? 5.78571   4.19189   5.11420   1.000 25.18389 ? 17  DA  A H8     1 
ATOM   539 H  H61    . DA  A 1 17 ? 0.01405   2.99388   4.91004   1.000 28.36675 ? 17  DA  A H61    1 
ATOM   540 H  H62    . DA  A 1 17 ? 1.02109   4.07984   5.06927   1.000 28.36675 ? 17  DA  A H62    1 
ATOM   541 H  H2     . DA  A 1 17 ? 2.21645   -0.71004  4.41412   1.000 27.24461 ? 17  DA  A H2     1 
ATOM   542 P  P      . DG  A 1 18 ? 10.60929  -0.03634  3.96189   1.000 23.02538 ? 18  DG  A P      1 
ATOM   543 O  OP1    . DG  A 1 18 ? 10.95989  -0.85305  5.16069   1.000 22.78995 ? 18  DG  A OP1    1 
ATOM   544 O  OP2    . DG  A 1 18 ? 11.52851  1.02495   3.52835   1.000 21.66895 ? 18  DG  A OP2    1 
ATOM   545 O  "O5'"  . DG  A 1 18 ? 10.40778  -1.03861  2.74360   1.000 21.37493 ? 18  DG  A "O5'"  1 
ATOM   546 C  "C5'"  . DG  A 1 18 ? 9.63415   -2.20204  2.93042   1.000 21.33605 ? 18  DG  A "C5'"  1 
ATOM   547 C  "C4'"  . DG  A 1 18 ? 8.62086   -2.33755  1.84073   1.000 17.32283 ? 18  DG  A "C4'"  1 
ATOM   548 O  "O4'"  . DG  A 1 18 ? 7.55035   -1.37573  2.06147   1.000 19.09287 ? 18  DG  A "O4'"  1 
ATOM   549 C  "C3'"  . DG  A 1 18 ? 9.16526   -2.02575  0.44649   1.000 19.31823 ? 18  DG  A "C3'"  1 
ATOM   550 O  "O3'"  . DG  A 1 18 ? 8.66260   -2.90578  -0.52470  1.000 22.53239 ? 18  DG  A "O3'"  1 
ATOM   551 C  "C2'"  . DG  A 1 18 ? 8.64494   -0.64623  0.19618   1.000 18.43182 ? 18  DG  A "C2'"  1 
ATOM   552 C  "C1'"  . DG  A 1 18 ? 7.28559   -0.76458  0.83405   1.000 19.32546 ? 18  DG  A "C1'"  1 
ATOM   553 N  N9     . DG  A 1 18 ? 6.60871   0.49686   1.03341   1.000 19.97170 ? 18  DG  A N9     1 
ATOM   554 C  C8     . DG  A 1 18 ? 7.19133   1.73187   1.14577   1.000 23.32635 ? 18  DG  A C8     1 
ATOM   555 N  N7     . DG  A 1 18 ? 6.32976   2.69250   1.29449   1.000 23.07938 ? 18  DG  A N7     1 
ATOM   556 C  C5     . DG  A 1 18 ? 5.10507   2.05936   1.26606   1.000 19.94207 ? 18  DG  A C5     1 
ATOM   557 C  C6     . DG  A 1 18 ? 3.80898   2.59371   1.38379   1.000 22.68599 ? 18  DG  A C6     1 
ATOM   558 O  O6     . DG  A 1 18 ? 3.47776   3.78967   1.55038   1.000 23.68484 ? 18  DG  A O6     1 
ATOM   559 N  N1     . DG  A 1 18 ? 2.83550   1.59995   1.31262   1.000 22.06886 ? 18  DG  A N1     1 
ATOM   560 C  C2     . DG  A 1 18 ? 3.08849   0.26864   1.16374   1.000 20.69480 ? 18  DG  A C2     1 
ATOM   561 N  N2     . DG  A 1 18 ? 2.02219   -0.53456  1.13133   1.000 22.49269 ? 18  DG  A N2     1 
ATOM   562 N  N3     . DG  A 1 18 ? 4.30287   -0.24238  1.03987   1.000 19.95217 ? 18  DG  A N3     1 
ATOM   563 C  C4     . DG  A 1 18 ? 5.25836   0.70758   1.09204   1.000 19.04028 ? 18  DG  A C4     1 
ATOM   564 H  "H5'"  . DG  A 1 18 ? 9.18040   -2.15182  3.78629   1.000 25.66532 ? 18  DG  A "H5'"  1 
ATOM   565 H  "H5''" . DG  A 1 18 ? 10.21570  -2.97836  2.92636   1.000 25.66532 ? 18  DG  A "H5''" 1 
ATOM   566 H  "H4'"  . DG  A 1 18 ? 8.24546   -3.23190  1.85099   1.000 20.47709 ? 18  DG  A "H4'"  1 
ATOM   567 H  "H3'"  . DG  A 1 18 ? 10.13425  -2.06047  0.47360   1.000 23.24393 ? 18  DG  A "H3'"  1 
ATOM   568 H  "H2'"  . DG  A 1 18 ? 9.19002   0.03074   0.62688   1.000 21.80788 ? 18  DG  A "H2'"  1 
ATOM   569 H  "H2''" . DG  A 1 18 ? 8.58493   -0.44756  -0.75136  1.000 21.80788 ? 18  DG  A "H2''" 1 
ATOM   570 H  "H1'"  . DG  A 1 18 ? 6.69282   -1.31915  0.30303   1.000 23.25261 ? 18  DG  A "H1'"  1 
ATOM   571 H  H8     . DG  A 1 18 ? 8.11082   1.86856   1.11835   1.000 28.05368 ? 18  DG  A H8     1 
ATOM   572 H  H1     . DG  A 1 18 ? 2.01284   1.84470   1.36666   1.000 26.54469 ? 18  DG  A H1     1 
ATOM   573 H  H21    . DG  A 1 18 ? 1.23231   -0.20408  1.21169   1.000 27.05328 ? 18  DG  A H21    1 
ATOM   574 H  H22    . DG  A 1 18 ? 2.12536   -1.38233  1.03010   1.000 27.05328 ? 18  DG  A H22    1 
ATOM   575 P  P      . DG  A 1 19 ? 9.58291   -4.06155  -1.11000  1.000 25.73952 ? 19  DG  A P      1 
ATOM   576 O  OP1    . DG  A 1 19 ? 10.08287  -4.66190  0.13586   1.000 24.40517 ? 19  DG  A OP1    1 
ATOM   577 O  OP2    . DG  A 1 19 ? 10.55464  -3.58352  -2.11438  1.000 27.40848 ? 19  DG  A OP2    1 
ATOM   578 O  "O5'"  . DG  A 1 19 ? 8.52839   -5.05710  -1.76481  1.000 22.97039 ? 19  DG  A "O5'"  1 
ATOM   579 C  "C5'"  . DG  A 1 19 ? 7.50697   -5.57964  -0.93614  1.000 25.19283 ? 19  DG  A "C5'"  1 
ATOM   580 C  "C4'"  . DG  A 1 19 ? 6.20814   -5.68107  -1.67260  1.000 29.76703 ? 19  DG  A "C4'"  1 
ATOM   581 O  "O4'"  . DG  A 1 19 ? 5.51378   -4.40974  -1.60804  1.000 29.48475 ? 19  DG  A "O4'"  1 
ATOM   582 C  "C3'"  . DG  A 1 19 ? 6.32708   -6.01271  -3.15079  1.000 28.76045 ? 19  DG  A "C3'"  1 
ATOM   583 O  "O3'"  . DG  A 1 19 ? 5.26392   -6.84255  -3.52286  1.000 24.87246 ? 19  DG  A "O3'"  1 
ATOM   584 C  "C2'"  . DG  A 1 19 ? 6.26491   -4.64316  -3.81488  1.000 22.83867 ? 19  DG  A "C2'"  1 
ATOM   585 C  "C1'"  . DG  A 1 19 ? 5.27494   -3.91678  -2.90910  1.000 25.07771 ? 19  DG  A "C1'"  1 
ATOM   586 N  N9     . DG  A 1 19 ? 5.39763   -2.47155  -2.82308  1.000 21.54565 ? 19  DG  A N9     1 
ATOM   587 C  C8     . DG  A 1 19 ? 6.53354   -1.70825  -2.87194  1.000 22.69111 ? 19  DG  A C8     1 
ATOM   588 N  N7     . DG  A 1 19 ? 6.30061   -0.43520  -2.69354  1.000 21.70284 ? 19  DG  A N7     1 
ATOM   589 C  C5     . DG  A 1 19 ? 4.92471   -0.37264  -2.47683  1.000 19.89715 ? 19  DG  A C5     1 
ATOM   590 C  C6     . DG  A 1 19 ? 4.07882   0.73527   -2.23540  1.000 25.18593 ? 19  DG  A C6     1 
ATOM   591 O  O6     . DG  A 1 19 ? 4.37402   1.93337   -2.15658  1.000 24.75000 ? 19  DG  A O6     1 
ATOM   592 N  N1     . DG  A 1 19 ? 2.75199   0.34638   -2.10276  1.000 22.82259 ? 19  DG  A N1     1 
ATOM   593 C  C2     . DG  A 1 19 ? 2.30630   -0.94620  -2.20129  1.000 25.36601 ? 19  DG  A C2     1 
ATOM   594 N  N2     . DG  A 1 19 ? 0.99306   -1.14324  -2.03543  1.000 24.91944 ? 19  DG  A N2     1 
ATOM   595 N  N3     . DG  A 1 19 ? 3.09104   -1.98233  -2.43016  1.000 20.19261 ? 19  DG  A N3     1 
ATOM   596 C  C4     . DG  A 1 19 ? 4.37542   -1.61610  -2.56640  1.000 18.58271 ? 19  DG  A C4     1 
ATOM   597 H  "H5'"  . DG  A 1 19 ? 7.39229   -4.99835  -0.16811  1.000 30.29346 ? 19  DG  A "H5'"  1 
ATOM   598 H  "H5''" . DG  A 1 19 ? 7.76756   -6.46183  -0.62837  1.000 30.29346 ? 19  DG  A "H5''" 1 
ATOM   599 H  "H4'"  . DG  A 1 19 ? 5.65856   -6.35776  -1.24724  1.000 35.78249 ? 19  DG  A "H4'"  1 
ATOM   600 H  "H3'"  . DG  A 1 19 ? 7.17837   -6.43124  -3.35337  1.000 34.57460 ? 19  DG  A "H3'"  1 
ATOM   601 H  "H2'"  . DG  A 1 19 ? 7.13184   -4.20803  -3.81805  1.000 27.46846 ? 19  DG  A "H2'"  1 
ATOM   602 H  "H2''" . DG  A 1 19 ? 5.93805   -4.70258  -4.72622  1.000 27.46846 ? 19  DG  A "H2''" 1 
ATOM   603 H  "H1'"  . DG  A 1 19 ? 4.38657   -4.13029  -3.23483  1.000 30.15532 ? 19  DG  A "H1'"  1 
ATOM   604 H  H8     . DG  A 1 19 ? 7.38234   -2.05953  -3.01700  1.000 27.29139 ? 19  DG  A H8     1 
ATOM   605 H  H1     . DG  A 1 19 ? 2.16919   0.95956   -1.94796  1.000 27.44917 ? 19  DG  A H1     1 
ATOM   606 H  H21    . DG  A 1 19 ? 0.66877   -1.93859  -2.07844  1.000 29.96539 ? 19  DG  A H21    1 
ATOM   607 H  H22    . DG  A 1 19 ? 0.47343   -0.47451  -1.88584  1.000 29.96539 ? 19  DG  A H22    1 
ATOM   608 P  P      . DC  A 1 20 ? 5.36479   -7.74351  -4.81979  1.000 29.29000 ? 20  DC  A P      1 
ATOM   609 O  OP1    . DC  A 1 20 ? 6.34468   -7.15201  -5.76360  1.000 29.30576 ? 20  DC  A OP1    1 
ATOM   610 O  OP2    . DC  A 1 20 ? 3.96223   -7.95268  -5.25713  1.000 31.14570 ? 20  DC  A OP2    1 
ATOM   611 O  "O5'"  . DC  A 1 20 ? 6.01713   -9.10986  -4.29626  1.000 30.48454 ? 20  DC  A "O5'"  1 
ATOM   612 C  "C5'"  . DC  A 1 20 ? 5.20095   -10.17305 -3.79505  1.000 28.64742 ? 20  DC  A "C5'"  1 
ATOM   613 C  "C4'"  . DC  A 1 20 ? 5.62161   -10.58559 -2.39741  1.000 33.60262 ? 20  DC  A "C4'"  1 
ATOM   614 O  "O4'"  . DC  A 1 20 ? 7.06450   -10.74682 -2.31308  1.000 29.07277 ? 20  DC  A "O4'"  1 
ATOM   615 C  "C3'"  . DC  A 1 20 ? 5.26175   -9.58536  -1.33064  1.000 32.24308 ? 20  DC  A "C3'"  1 
ATOM   616 O  "O3'"  . DC  A 1 20 ? 3.96972   -9.86956  -0.88938  1.000 32.56458 ? 20  DC  A "O3'"  1 
ATOM   617 C  "C2'"  . DC  A 1 20 ? 6.33062   -9.80165  -0.25359  1.000 30.67777 ? 20  DC  A "C2'"  1 
ATOM   618 C  "C1'"  . DC  A 1 20 ? 7.52420   -10.36494 -1.03313  1.000 30.85511 ? 20  DC  A "C1'"  1 
ATOM   619 N  N1     . DC  A 1 20 ? 8.63531   -9.41982  -1.25428  1.000 32.94129 ? 20  DC  A N1     1 
ATOM   620 C  C2     . DC  A 1 20 ? 9.55722   -9.16588  -0.23876  1.000 27.80274 ? 20  DC  A C2     1 
ATOM   621 O  O2     . DC  A 1 20 ? 9.40003   -9.70779  0.85544   1.000 36.40475 ? 20  DC  A O2     1 
ATOM   622 N  N3     . DC  A 1 20 ? 10.58437  -8.32424  -0.48188  1.000 25.16034 ? 20  DC  A N3     1 
ATOM   623 C  C4     . DC  A 1 20 ? 10.72368  -7.77154  -1.69373  1.000 30.88170 ? 20  DC  A C4     1 
ATOM   624 N  N4     . DC  A 1 20 ? 11.75254  -6.94847  -1.90419  1.000 36.07824 ? 20  DC  A N4     1 
ATOM   625 C  C5     . DC  A 1 20 ? 9.81217   -8.04663  -2.74787  1.000 33.37874 ? 20  DC  A C5     1 
ATOM   626 C  C6     . DC  A 1 20 ? 8.80007   -8.88050  -2.48909  1.000 33.72455 ? 20  DC  A C6     1 
ATOM   627 H  "H5'"  . DC  A 1 20 ? 5.27695   -10.93731 -4.38751  1.000 34.43896 ? 20  DC  A "H5'"  1 
ATOM   628 H  "H5''" . DC  A 1 20 ? 4.27644   -9.88021  -3.77435  1.000 34.43896 ? 20  DC  A "H5''" 1 
ATOM   629 H  "H4'"  . DC  A 1 20 ? 5.22329   -11.44641 -2.19434  1.000 40.38520 ? 20  DC  A "H4'"  1 
ATOM   630 H  "H3'"  . DC  A 1 20 ? 5.33366   -8.67250  -1.65068  1.000 38.75375 ? 20  DC  A "H3'"  1 
ATOM   631 H  "H2'"  . DC  A 1 20 ? 6.56179   -8.96526  0.17990   1.000 36.87538 ? 20  DC  A "H2'"  1 
ATOM   632 H  "H2''" . DC  A 1 20 ? 6.02526   -10.43153 0.41791   1.000 36.87538 ? 20  DC  A "H2''" 1 
ATOM   633 H  "H1'"  . DC  A 1 20 ? 7.83851   -11.13877 -0.53988  1.000 37.08819 ? 20  DC  A "H1'"  1 
ATOM   634 H  H41    . DC  A 1 20 ? 11.86016  -6.58308  -2.67524  1.000 43.35594 ? 20  DC  A H41    1 
ATOM   635 H  H42    . DC  A 1 20 ? 12.30807  -6.78335  -1.26881  1.000 43.35594 ? 20  DC  A H42    1 
ATOM   636 H  H5     . DC  A 1 20 ? 9.91581   -7.66057  -3.58759  1.000 40.11655 ? 20  DC  A H5     1 
ATOM   637 H  H6     . DC  A 1 20 ? 8.19916   -9.09462  -3.16581  1.000 40.53152 ? 20  DC  A H6     1 
ATOM   638 P  P      . DG  A 1 21 ? 3.00960   -8.73627  -0.28392  1.000 29.10397 ? 21  DG  A P      1 
ATOM   639 O  OP1    . DG  A 1 21 ? 1.70529   -8.86406  -0.98137  1.000 28.84865 ? 21  DG  A OP1    1 
ATOM   640 O  OP2    . DG  A 1 21 ? 3.63243   -7.38604  -0.20653  1.000 26.68342 ? 21  DG  A OP2    1 
ATOM   641 O  "O5'"  . DG  A 1 21 ? 2.81457   -9.26958  1.18162   1.000 27.26539 ? 21  DG  A "O5'"  1 
ATOM   642 C  "C5'"  . DG  A 1 21 ? 2.62291   -10.64320 1.40120   1.000 25.23065 ? 21  DG  A "C5'"  1 
ATOM   643 C  "C4'"  . DG  A 1 21 ? 1.45070   -10.84768 2.31939   1.000 20.25845 ? 21  DG  A "C4'"  1 
ATOM   644 O  "O4'"  . DG  A 1 21 ? 1.69943   -10.13336 3.55643   1.000 23.17578 ? 21  DG  A "O4'"  1 
ATOM   645 C  "C3'"  . DG  A 1 21 ? 0.15596   -10.29987 1.77315   1.000 24.00573 ? 21  DG  A "C3'"  1 
ATOM   646 O  "O3'"  . DG  A 1 21 ? -0.62627  -11.34284 1.22794   1.000 24.56582 ? 21  DG  A "O3'"  1 
ATOM   647 C  "C2'"  . DG  A 1 21 ? -0.52407  -9.63256  2.95256   1.000 25.19207 ? 21  DG  A "C2'"  1 
ATOM   648 C  "C1'"  . DG  A 1 21 ? 0.57451   -9.38853  3.93293   1.000 24.13722 ? 21  DG  A "C1'"  1 
ATOM   649 N  N9     . DG  A 1 21 ? 0.96695   -8.00375  4.05079   1.000 24.95134 ? 21  DG  A N9     1 
ATOM   650 C  C8     . DG  A 1 21 ? 2.19664   -7.47092  3.80975   1.000 25.54564 ? 21  DG  A C8     1 
ATOM   651 N  N7     . DG  A 1 21 ? 2.26533   -6.20300  4.06821   1.000 26.96102 ? 21  DG  A N7     1 
ATOM   652 C  C5     . DG  A 1 21 ? 1.00347   -5.89283  4.53735   1.000 24.80354 ? 21  DG  A C5     1 
ATOM   653 C  C6     . DG  A 1 21 ? 0.47926   -4.66773  4.99241   1.000 24.72985 ? 21  DG  A C6     1 
ATOM   654 O  O6     . DG  A 1 21 ? 1.04616   -3.57496  5.07741   1.000 19.99450 ? 21  DG  A O6     1 
ATOM   655 N  N1     . DG  A 1 21 ? -0.85231  -4.79246  5.37434   1.000 25.09935 ? 21  DG  A N1     1 
ATOM   656 C  C2     . DG  A 1 21 ? -1.56692  -5.95552  5.31684   1.000 21.89952 ? 21  DG  A C2     1 
ATOM   657 N  N2     . DG  A 1 21 ? -2.84294  -5.88372  5.70133   1.000 25.49758 ? 21  DG  A N2     1 
ATOM   658 N  N3     . DG  A 1 21 ? -1.07630  -7.10446  4.89837   1.000 26.43542 ? 21  DG  A N3     1 
ATOM   659 C  C4     . DG  A 1 21 ? 0.20519   -6.99899  4.54340   1.000 19.69049 ? 21  DG  A C4     1 
ATOM   660 H  "H5'"  . DG  A 1 21 ? 3.42024   -11.02222 1.80306   1.000 30.33884 ? 21  DG  A "H5'"  1 
ATOM   661 H  "H5''" . DG  A 1 21 ? 2.45415   -11.08689 0.55530   1.000 30.33884 ? 21  DG  A "H5''" 1 
ATOM   662 H  "H4'"  . DG  A 1 21 ? 1.33876   -11.78923 2.52399   1.000 23.99984 ? 21  DG  A "H4'"  1 
ATOM   663 H  "H3'"  . DG  A 1 21 ? 0.35565   -9.62434  1.10630   1.000 28.86894 ? 21  DG  A "H3'"  1 
ATOM   664 H  "H2'"  . DG  A 1 21 ? -0.93774  -8.79728  2.68405   1.000 30.29254 ? 21  DG  A "H2'"  1 
ATOM   665 H  "H2''" . DG  A 1 21 ? -1.20205  -10.21290 3.33260   1.000 30.29254 ? 21  DG  A "H2''" 1 
ATOM   666 H  "H1'"  . DG  A 1 21 ? 0.27073   -9.72203  4.79165   1.000 29.02673 ? 21  DG  A "H1'"  1 
ATOM   667 H  H8     . DG  A 1 21 ? 2.91559   -7.96753  3.49133   1.000 30.71683 ? 21  DG  A H8     1 
ATOM   668 H  H1     . DG  A 1 21 ? -1.25299  -4.08984  5.66651   1.000 30.18128 ? 21  DG  A H1     1 
ATOM   669 H  H21    . DG  A 1 21 ? -3.34004  -6.58499  5.67512   1.000 30.65916 ? 21  DG  A H21    1 
ATOM   670 H  H22    . DG  A 1 21 ? -3.16807  -5.13616  5.97530   1.000 30.65916 ? 21  DG  A H22    1 
ATOM   671 P  P      . DT  A 1 22 ? -1.71500  -11.00070 0.10754   1.000 25.86010 ? 22  DT  A P      1 
ATOM   672 O  OP1    . DT  A 1 22 ? -2.25951  -12.28044 -0.43565  1.000 27.98066 ? 22  DT  A OP1    1 
ATOM   673 O  OP2    . DT  A 1 22 ? -0.98370  -10.13079 -0.84376  1.000 23.44537 ? 22  DT  A OP2    1 
ATOM   674 O  "O5'"  . DT  A 1 22 ? -2.79932  -10.08903 0.86819   1.000 26.48547 ? 22  DT  A "O5'"  1 
ATOM   675 C  "C5'"  . DT  A 1 22 ? -3.62509  -10.62727 1.85899   1.000 21.39843 ? 22  DT  A "C5'"  1 
ATOM   676 C  "C4'"  . DT  A 1 22 ? -4.72523  -9.66883  2.24187   1.000 21.09302 ? 22  DT  A "C4'"  1 
ATOM   677 O  "O4'"  . DT  A 1 22 ? -4.15498  -8.46043  2.79344   1.000 25.56191 ? 22  DT  A "O4'"  1 
ATOM   678 C  "C3'"  . DT  A 1 22 ? -5.60054  -9.22392  1.09104   1.000 24.18465 ? 22  DT  A "C3'"  1 
ATOM   679 O  "O3'"  . DT  A 1 22 ? -6.91935  -9.19141  1.49065   1.000 27.20602 ? 22  DT  A "O3'"  1 
ATOM   680 C  "C2'"  . DT  A 1 22 ? -5.07649  -7.84366  0.74032   1.000 24.41886 ? 22  DT  A "C2'"  1 
ATOM   681 C  "C1'"  . DT  A 1 22 ? -4.60956  -7.32734  2.07673   1.000 27.17590 ? 22  DT  A "C1'"  1 
ATOM   682 N  N1     . DT  A 1 22 ? -3.48708  -6.36273  2.02797   1.000 22.24659 ? 22  DT  A N1     1 
ATOM   683 C  C2     . DT  A 1 22 ? -3.65260  -5.11926  2.57265   1.000 21.88368 ? 22  DT  A C2     1 
ATOM   684 O  O2     . DT  A 1 22 ? -4.67736  -4.73716  3.03990   1.000 22.89736 ? 22  DT  A O2     1 
ATOM   685 N  N3     . DT  A 1 22 ? -2.56947  -4.32857  2.54141   1.000 20.28041 ? 22  DT  A N3     1 
ATOM   686 C  C4     . DT  A 1 22 ? -1.33050  -4.62851  2.06435   1.000 22.84099 ? 22  DT  A C4     1 
ATOM   687 O  O4     . DT  A 1 22 ? -0.41911  -3.81641  2.10250   1.000 19.37583 ? 22  DT  A O4     1 
ATOM   688 C  C5     . DT  A 1 22 ? -1.19659  -5.96476  1.50546   1.000 22.58320 ? 22  DT  A C5     1 
ATOM   689 C  C7     . DT  A 1 22 ? 0.11587   -6.44013  0.91831   1.000 25.27749 ? 22  DT  A C7     1 
ATOM   690 C  C6     . DT  A 1 22 ? -2.27717  -6.76031  1.53552   1.000 23.08950 ? 22  DT  A C6     1 
ATOM   691 H  "H5'"  . DT  A 1 22 ? -3.09062  -10.82633 2.64360   1.000 25.74018 ? 22  DT  A "H5'"  1 
ATOM   692 H  "H5''" . DT  A 1 22 ? -4.02102  -11.44930 1.52973   1.000 25.74018 ? 22  DT  A "H5''" 1 
ATOM   693 H  "H4'"  . DT  A 1 22 ? -5.28042  -10.08002 2.92274   1.000 25.37368 ? 22  DT  A "H4'"  1 
ATOM   694 H  "H3'"  . DT  A 1 22 ? -5.47917  -9.81632  0.33260   1.000 29.08364 ? 22  DT  A "H3'"  1 
ATOM   695 H  "H2'"  . DT  A 1 22 ? -4.34444  -7.89450  0.10596   1.000 29.36469 ? 22  DT  A "H2'"  1 
ATOM   696 H  "H2''" . DT  A 1 22 ? -5.77667  -7.28354  0.37032   1.000 29.36469 ? 22  DT  A "H2''" 1 
ATOM   697 H  "H1'"  . DT  A 1 22 ? -5.36463  -6.90865  2.51884   1.000 32.67314 ? 22  DT  A "H1'"  1 
ATOM   698 H  H3     . DT  A 1 22 ? -2.67000  -3.53667  2.86139   1.000 24.39855 ? 22  DT  A H3     1 
ATOM   699 H  H71    . DT  A 1 22 ? 0.00239   -6.58270  -0.03441  1.000 30.39505 ? 22  DT  A H71    1 
ATOM   700 H  H72    . DT  A 1 22 ? 0.79428   -5.76435  1.07315   1.000 30.39505 ? 22  DT  A H72    1 
ATOM   701 H  H73    . DT  A 1 22 ? 0.37202   -7.27073  1.34888   1.000 30.39505 ? 22  DT  A H73    1 
ATOM   702 H  H6     . DT  A 1 22 ? -2.19787  -7.62572  1.20433   1.000 27.76946 ? 22  DT  A H6     1 
ATOM   703 P  P      . DC  A 1 23 ? -8.07583  -9.03063  0.40308   1.000 29.32521 ? 23  DC  A P      1 
ATOM   704 O  OP1    . DC  A 1 23 ? -9.21542  -9.71947  1.02679   1.000 34.36771 ? 23  DC  A OP1    1 
ATOM   705 O  OP2    . DC  A 1 23 ? -7.57714  -9.36944  -0.95802  1.000 30.21122 ? 23  DC  A OP2    1 
ATOM   706 O  "O5'"  . DC  A 1 23 ? -8.29384  -7.44702  0.34106   1.000 28.45265 ? 23  DC  A "O5'"  1 
ATOM   707 C  "C5'"  . DC  A 1 23 ? -8.72180  -6.75121  1.46617   1.000 28.76303 ? 23  DC  A "C5'"  1 
ATOM   708 C  "C4'"  . DC  A 1 23 ? -8.61469  -5.27080  1.23274   1.000 27.74102 ? 23  DC  A "C4'"  1 
ATOM   709 O  "O4'"  . DC  A 1 23 ? -7.23495  -4.88704  1.21258   1.000 27.09267 ? 23  DC  A "O4'"  1 
ATOM   710 C  "C3'"  . DC  A 1 23 ? -9.16298  -4.79370  -0.10645  1.000 26.48220 ? 23  DC  A "C3'"  1 
ATOM   711 O  "O3'"  . DC  A 1 23 ? -10.44906 -4.27310  0.04617   1.000 31.76092 ? 23  DC  A "O3'"  1 
ATOM   712 C  "C2'"  . DC  A 1 23 ? -8.14542  -3.73394  -0.57625  1.000 31.01290 ? 23  DC  A "C2'"  1 
ATOM   713 C  "C1'"  . DC  A 1 23 ? -7.17196  -3.63727  0.59376   1.000 28.95809 ? 23  DC  A "C1'"  1 
ATOM   714 N  N1     . DC  A 1 23 ? -5.76600  -3.36996  0.24268   1.000 23.77415 ? 23  DC  A N1     1 
ATOM   715 C  C2     . DC  A 1 23 ? -5.18726  -2.13323  0.58399   1.000 22.32831 ? 23  DC  A C2     1 
ATOM   716 O  O2     . DC  A 1 23 ? -5.87475  -1.27223  1.09433   1.000 23.17211 ? 23  DC  A O2     1 
ATOM   717 N  N3     . DC  A 1 23 ? -3.90510  -1.90630  0.29715   1.000 22.82355 ? 23  DC  A N3     1 
ATOM   718 C  C4     . DC  A 1 23 ? -3.18476  -2.85071  -0.25820  1.000 22.86485 ? 23  DC  A C4     1 
ATOM   719 N  N4     . DC  A 1 23 ? -1.91652  -2.57976  -0.50884  1.000 22.71736 ? 23  DC  A N4     1 
ATOM   720 C  C5     . DC  A 1 23 ? -3.73501  -4.12556  -0.60337  1.000 24.33942 ? 23  DC  A C5     1 
ATOM   721 C  C6     . DC  A 1 23 ? -5.01930  -4.33797  -0.31998  1.000 22.72256 ? 23  DC  A C6     1 
ATOM   722 H  "H5'"  . DC  A 1 23 ? -8.17209  -6.99820  2.22625   1.000 34.57769 ? 23  DC  A "H5'"  1 
ATOM   723 H  "H5''" . DC  A 1 23 ? -9.64476  -6.98158  1.65580   1.000 34.57769 ? 23  DC  A "H5''" 1 
ATOM   724 H  "H4'"  . DC  A 1 23 ? -9.06846  -4.80898  1.95504   1.000 33.35129 ? 23  DC  A "H4'"  1 
ATOM   725 H  "H3'"  . DC  A 1 23 ? -9.16887  -5.53060  -0.73719  1.000 31.84070 ? 23  DC  A "H3'"  1 
ATOM   726 H  "H2'"  . DC  A 1 23 ? -7.69222  -4.01924  -1.38502  1.000 37.27754 ? 23  DC  A "H2'"  1 
ATOM   727 H  "H2''" . DC  A 1 23 ? -8.57917  -2.88212  -0.74103  1.000 37.27754 ? 23  DC  A "H2''" 1 
ATOM   728 H  "H1'"  . DC  A 1 23 ? -7.46502  -2.92786  1.18683   1.000 34.81177 ? 23  DC  A "H1'"  1 
ATOM   729 H  H41    . DC  A 1 23 ? -1.41339  -3.17492  -0.87249  1.000 27.32289 ? 23  DC  A H41    1 
ATOM   730 H  H42    . DC  A 1 23 ? -1.59390  -1.80818  -0.30838  1.000 27.32289 ? 23  DC  A H42    1 
ATOM   731 H  H5     . DC  A 1 23 ? -3.21575  -4.78113  -1.01018  1.000 29.26937 ? 23  DC  A H5     1 
ATOM   732 H  H6     . DC  A 1 23 ? -5.40335  -5.16274  -0.51275  1.000 27.32914 ? 23  DC  A H6     1 
ATOM   733 P  P      . DC  A 1 24 ? -11.26557 -3.77713  -1.24535  1.000 35.45827 ? 24  DC  A P      1 
ATOM   734 O  OP1    . DC  A 1 24 ? -12.67233 -3.59489  -0.83354  1.000 31.90952 ? 24  DC  A OP1    1 
ATOM   735 O  OP2    . DC  A 1 24 ? -10.83721 -4.61377  -2.39585  1.000 30.74392 ? 24  DC  A OP2    1 
ATOM   736 O  "O5'"  . DC  A 1 24 ? -10.77929 -2.28075  -1.46495  1.000 37.01069 ? 24  DC  A "O5'"  1 
ATOM   737 C  "C5'"  . DC  A 1 24 ? -10.96764 -1.34378  -0.42897  1.000 40.13898 ? 24  DC  A "C5'"  1 
ATOM   738 C  "C4'"  . DC  A 1 24 ? -10.36334 -0.02302  -0.79871  1.000 34.72120 ? 24  DC  A "C4'"  1 
ATOM   739 O  "O4'"  . DC  A 1 24 ? -8.92141  -0.13058  -0.76053  1.000 33.16145 ? 24  DC  A "O4'"  1 
ATOM   740 C  "C3'"  . DC  A 1 24 ? -10.72066 0.43574   -2.20070  1.000 36.84234 ? 24  DC  A "C3'"  1 
ATOM   741 O  "O3'"  . DC  A 1 24 ? -11.65121 1.48855   -2.15042  1.000 44.48540 ? 24  DC  A "O3'"  1 
ATOM   742 C  "C2'"  . DC  A 1 24 ? -9.39063  0.85669   -2.82907  1.000 39.94446 ? 24  DC  A "C2'"  1 
ATOM   743 C  "C1'"  . DC  A 1 24 ? -8.38469  0.76565   -1.68156  1.000 28.75427 ? 24  DC  A "C1'"  1 
ATOM   744 N  N1     . DC  A 1 24 ? -7.04153  0.25841   -2.08145  1.000 29.85624 ? 24  DC  A N1     1 
ATOM   745 C  C2     . DC  A 1 24 ? -5.93153  1.08428   -1.92724  1.000 29.44443 ? 24  DC  A C2     1 
ATOM   746 O  O2     . DC  A 1 24 ? -6.09400  2.23185   -1.48687  1.000 29.74517 ? 24  DC  A O2     1 
ATOM   747 N  N3     . DC  A 1 24 ? -4.70895  0.61286   -2.27338  1.000 27.97709 ? 24  DC  A N3     1 
ATOM   748 C  C4     . DC  A 1 24 ? -4.58286  -0.62204  -2.75429  1.000 23.54220 ? 24  DC  A C4     1 
ATOM   749 N  N4     . DC  A 1 24 ? -3.35825  -1.03813  -3.08653  1.000 26.94865 ? 24  DC  A N4     1 
ATOM   750 C  C5     . DC  A 1 24 ? -5.70579  -1.48271  -2.92202  1.000 23.73832 ? 24  DC  A C5     1 
ATOM   751 C  C6     . DC  A 1 24 ? -6.90849  -1.00474  -2.58071  1.000 27.46022 ? 24  DC  A C6     1 
ATOM   752 H  "H5'"  . DC  A 1 24 ? -10.54853 -1.67286  0.38155   1.000 48.22883 ? 24  DC  A "H5'"  1 
ATOM   753 H  "H5''" . DC  A 1 24 ? -11.91742 -1.22867  -0.26906  1.000 48.22883 ? 24  DC  A "H5''" 1 
ATOM   754 H  "H4'"  . DC  A 1 24 ? -10.62913 0.65827   -0.16146  1.000 41.72750 ? 24  DC  A "H4'"  1 
ATOM   755 H  "H3'"  . DC  A 1 24 ? -11.07629 -0.31485  -2.70174  1.000 44.27287 ? 24  DC  A "H3'"  1 
ATOM   756 H  "H2'"  . DC  A 1 24 ? -9.14526  0.25829   -3.55198  1.000 47.99541 ? 24  DC  A "H2'"  1 
ATOM   757 H  "H2''" . DC  A 1 24 ? -9.44202  1.76241   -3.17250  1.000 47.99541 ? 24  DC  A "H2''" 1 
ATOM   758 H  "H1'"  . DC  A 1 24 ? -8.28932  1.64324   -1.27949  1.000 34.56719 ? 24  DC  A "H1'"  1 
ATOM   759 H  H41    . DC  A 1 24 ? -2.68410  -0.51352  -2.98701  1.000 32.40044 ? 24  DC  A H41    1 
ATOM   760 H  H42    . DC  A 1 24 ? -3.24372  -1.83073  -3.40003  1.000 32.40044 ? 24  DC  A H42    1 
ATOM   761 H  H5     . DC  A 1 24 ? -5.60675  -2.34488  -3.25635  1.000 28.54805 ? 24  DC  A H5     1 
ATOM   762 H  H6     . DC  A 1 24 ? -7.66216  -1.53955  -2.68498  1.000 33.01433 ? 24  DC  A H6     1 
ATOM   763 P  P      . DG  A 1 25 ? -12.19180 2.11856   -3.51283  1.000 44.71163 ? 25  DG  A P      1 
ATOM   764 O  OP1    . DG  A 1 25 ? -13.53621 2.63380   -3.23498  1.000 51.82227 ? 25  DG  A OP1    1 
ATOM   765 O  OP2    . DG  A 1 25 ? -11.85504 1.20631   -4.62436  1.000 44.92497 ? 25  DG  A OP2    1 
ATOM   766 O  "O5'"  . DG  A 1 25 ? -11.28062 3.38417   -3.75298  1.000 36.08079 ? 25  DG  A "O5'"  1 
ATOM   767 C  "C5'"  . DG  A 1 25 ? -11.15546 4.31123   -2.75212  1.000 37.48272 ? 25  DG  A "C5'"  1 
ATOM   768 C  "C4'"  . DG  A 1 25 ? -10.09372 5.29743   -3.10610  1.000 39.78269 ? 25  DG  A "C4'"  1 
ATOM   769 O  "O4'"  . DG  A 1 25 ? -8.81500  4.62643   -3.21776  1.000 37.79059 ? 25  DG  A "O4'"  1 
ATOM   770 C  "C3'"  . DG  A 1 25 ? -10.30084 5.98659   -4.43467  1.000 49.61338 ? 25  DG  A "C3'"  1 
ATOM   771 O  "O3'"  . DG  A 1 25 ? -9.95186  7.34533   -4.27646  1.000 53.24022 ? 25  DG  A "O3'"  1 
ATOM   772 C  "C2'"  . DG  A 1 25 ? -9.36137  5.21306   -5.37050  1.000 36.50913 ? 25  DG  A "C2'"  1 
ATOM   773 C  "C1'"  . DG  A 1 25 ? -8.20158  4.98980   -4.43742  1.000 39.54519 ? 25  DG  A "C1'"  1 
ATOM   774 N  N9     . DG  A 1 25 ? -7.24499  3.93922   -4.78445  1.000 36.08368 ? 25  DG  A N9     1 
ATOM   775 C  C8     . DG  A 1 25 ? -7.51300  2.61727   -5.07303  1.000 34.71397 ? 25  DG  A C8     1 
ATOM   776 N  N7     . DG  A 1 25 ? -6.43646  1.89929   -5.26841  1.000 32.52107 ? 25  DG  A N7     1 
ATOM   777 C  C5     . DG  A 1 25 ? -5.38525  2.79336   -5.05760  1.000 29.49279 ? 25  DG  A C5     1 
ATOM   778 C  C6     . DG  A 1 25 ? -3.97575  2.59623   -5.11908  1.000 28.11348 ? 25  DG  A C6     1 
ATOM   779 O  O6     . DG  A 1 25 ? -3.35000  1.56782   -5.37346  1.000 25.91587 ? 25  DG  A O6     1 
ATOM   780 N  N1     . DG  A 1 25 ? -3.28542  3.75857   -4.85212  1.000 30.74541 ? 25  DG  A N1     1 
ATOM   781 C  C2     . DG  A 1 25 ? -3.85962  4.96342   -4.55126  1.000 29.36942 ? 25  DG  A C2     1 
ATOM   782 N  N2     . DG  A 1 25 ? -3.01580  5.96141   -4.31626  1.000 35.20394 ? 25  DG  A N2     1 
ATOM   783 N  N3     . DG  A 1 25 ? -5.16630  5.17527   -4.48987  1.000 33.29737 ? 25  DG  A N3     1 
ATOM   784 C  C4     . DG  A 1 25 ? -5.86877  4.04510   -4.74539  1.000 33.51114 ? 25  DG  A C4     1 
ATOM   785 H  "H5'"  . DG  A 1 25 ? -10.91920 3.86418   -1.92434  1.000 45.04133 ? 25  DG  A "H5'"  1 
ATOM   786 H  "H5''" . DG  A 1 25 ? -11.99964 4.77354   -2.63155  1.000 45.04133 ? 25  DG  A "H5''" 1 
ATOM   787 H  "H4'"  . DG  A 1 25 ? -10.03202 5.96157   -2.40181  1.000 47.80129 ? 25  DG  A "H4'"  1 
ATOM   788 H  "H3'"  . DG  A 1 25 ? -11.20761 5.89715   -4.76734  1.000 59.59812 ? 25  DG  A "H3'"  1 
ATOM   789 H  "H2'"  . DG  A 1 25 ? -9.75331  4.37756   -5.66918  1.000 43.87302 ? 25  DG  A "H2'"  1 
ATOM   790 H  "H2''" . DG  A 1 25 ? -9.10796  5.73799   -6.14582  1.000 43.87302 ? 25  DG  A "H2''" 1 
ATOM   791 H  "H1'"  . DG  A 1 25 ? -7.69476  5.81494   -4.38117  1.000 47.51629 ? 25  DG  A "H1'"  1 
ATOM   792 H  H8     . DG  A 1 25 ? -8.37433  2.27023   -5.12377  1.000 41.71882 ? 25  DG  A H8     1 
ATOM   793 H  H1     . DG  A 1 25 ? -2.42647  3.72393   -4.87653  1.000 36.95655 ? 25  DG  A H1     1 
ATOM   794 H  H21    . DG  A 1 25 ? -3.31759  6.74359   -4.12461  1.000 42.30679 ? 25  DG  A H21    1 
ATOM   795 H  H22    . DG  A 1 25 ? -2.16750  5.82559   -4.35570  1.000 42.30679 ? 25  DG  A H22    1 
ATOM   796 P  P      . DC  A 1 26 ? -10.42540 8.44614   -5.32813  1.000 66.11993 ? 26  DC  A P      1 
ATOM   797 O  OP1    . DC  A 1 26 ? -10.71931 9.69983   -4.59259  1.000 70.50183 ? 26  DC  A OP1    1 
ATOM   798 O  OP2    . DC  A 1 26 ? -11.51816 7.83172   -6.13937  1.000 59.45143 ? 26  DC  A OP2    1 
ATOM   799 O  "O5'"  . DC  A 1 26 ? -9.07686  8.71458   -6.14755  1.000 58.17835 ? 26  DC  A "O5'"  1 
ATOM   800 C  "C5'"  . DC  A 1 26 ? -7.89047  9.13355   -5.45932  1.000 47.05520 ? 26  DC  A "C5'"  1 
ATOM   801 C  "C4'"  . DC  A 1 26 ? -6.64349  8.98649   -6.34529  1.000 55.20250 ? 26  DC  A "C4'"  1 
ATOM   802 O  "O4'"  . DC  A 1 26 ? -6.16650  7.61247   -6.29252  1.000 55.34871 ? 26  DC  A "O4'"  1 
ATOM   803 C  "C3'"  . DC  A 1 26 ? -6.84504  9.25944   -7.85413  1.000 56.86347 ? 26  DC  A "C3'"  1 
ATOM   804 O  "O3'"  . DC  A 1 26 ? -6.46878  10.60382  -8.23692  1.000 60.60283 ? 26  DC  A "O3'"  1 
ATOM   805 C  "C2'"  . DC  A 1 26 ? -5.96419  8.21027   -8.55491  1.000 47.12742 ? 26  DC  A "C2'"  1 
ATOM   806 C  "C1'"  . DC  A 1 26 ? -5.35154  7.40030   -7.42381  1.000 43.09561 ? 26  DC  A "C1'"  1 
ATOM   807 N  N1     . DC  A 1 26 ? -5.29663  5.97405   -7.74148  1.000 33.16155 ? 26  DC  A N1     1 
ATOM   808 C  C2     . DC  A 1 26 ? -4.07194  5.35122   -7.85349  1.000 31.34662 ? 26  DC  A C2     1 
ATOM   809 O  O2     . DC  A 1 26 ? -3.04808  6.00075   -7.63974  1.000 36.22919 ? 26  DC  A O2     1 
ATOM   810 N  N3     . DC  A 1 26 ? -4.03837  4.05357   -8.17778  1.000 31.37952 ? 26  DC  A N3     1 
ATOM   811 C  C4     . DC  A 1 26 ? -5.17320  3.39719   -8.39614  1.000 30.64704 ? 26  DC  A C4     1 
ATOM   812 N  N4     . DC  A 1 26 ? -5.09981  2.12571   -8.71353  1.000 29.81199 ? 26  DC  A N4     1 
ATOM   813 C  C5     . DC  A 1 26 ? -6.42926  4.02108   -8.30466  1.000 35.06915 ? 26  DC  A C5     1 
ATOM   814 C  C6     . DC  A 1 26 ? -6.44224  5.30146   -7.98769  1.000 34.11231 ? 26  DC  A C6     1 
ATOM   815 H  "H5'"  . DC  A 1 26 ? -7.77858  8.59231   -4.66218  1.000 56.52830 ? 26  DC  A "H5'"  1 
ATOM   816 H  "H5''" . DC  A 1 26 ? -7.98655  10.06303  -5.19902  1.000 56.52830 ? 26  DC  A "H5''" 1 
ATOM   817 H  "H4'"  . DC  A 1 26 ? -5.96534  9.58934   -6.00238  1.000 66.30506 ? 26  DC  A "H4'"  1 
ATOM   818 H  "H3'"  . DC  A 1 26 ? -7.78198  9.10808   -8.05442  1.000 68.29823 ? 26  DC  A "H3'"  1 
ATOM   819 H  "H2'"  . DC  A 1 26 ? -6.49855  7.64372   -9.13317  1.000 56.61497 ? 26  DC  A "H2'"  1 
ATOM   820 H  "H2''" . DC  A 1 26 ? -5.27346  8.63930   -9.08380  1.000 56.61497 ? 26  DC  A "H2''" 1 
ATOM   821 H  "H1'"  . DC  A 1 26 ? -4.46079  7.71924   -7.20991  1.000 51.77679 ? 26  DC  A "H1'"  1 
ATOM   822 H  H41    . DC  A 1 26 ? -5.81862  1.67693   -8.86018  1.000 35.83645 ? 26  DC  A H41    1 
ATOM   823 H  H42    . DC  A 1 26 ? -4.33290  1.74140   -8.77486  1.000 35.83645 ? 26  DC  A H42    1 
ATOM   824 H  H5     . DC  A 1 26 ? -7.21682  3.55174   -8.46078  1.000 42.14504 ? 26  DC  A H5     1 
ATOM   825 H  H6     . DC  A 1 26 ? -7.25527  5.74964   -7.93267  1.000 40.99683 ? 26  DC  A H6     1 
ATOM   826 P  P      . DC  A 1 27 ? -6.31736  10.97096  -9.80513  1.000 69.31024 ? 27  DC  A P      1 
ATOM   827 O  OP1    . DC  A 1 27 ? -6.71443  12.38722  -9.94772  1.000 67.88867 ? 27  DC  A OP1    1 
ATOM   828 O  OP2    . DC  A 1 27 ? -6.96670  9.94860   -10.68049 1.000 47.39130 ? 27  DC  A OP2    1 
ATOM   829 O  "O5'"  . DC  A 1 27 ? -4.73780  10.87868  -10.05112 1.000 59.38660 ? 27  DC  A "O5'"  1 
ATOM   830 C  "C5'"  . DC  A 1 27 ? -3.81072  10.88585  -8.94472  1.000 46.26974 ? 27  DC  A "C5'"  1 
ATOM   831 C  "C4'"  . DC  A 1 27 ? -2.44162  10.49861  -9.43670  1.000 46.13926 ? 27  DC  A "C4'"  1 
ATOM   832 O  "O4'"  . DC  A 1 27 ? -2.33694  9.05230   -9.51489  1.000 41.37230 ? 27  DC  A "O4'"  1 
ATOM   833 C  "C3'"  . DC  A 1 27 ? -2.12155  11.02680  -10.83297 1.000 47.06951 ? 27  DC  A "C3'"  1 
ATOM   834 O  "O3'"  . DC  A 1 27 ? -0.82236  11.55063  -10.86470 1.000 55.27409 ? 27  DC  A "O3'"  1 
ATOM   835 C  "C2'"  . DC  A 1 27 ? -2.28726  9.81087   -11.74691 1.000 43.68098 ? 27  DC  A "C2'"  1 
ATOM   836 C  "C1'"  . DC  A 1 27 ? -1.97037  8.64591   -10.82763 1.000 37.43989 ? 27  DC  A "C1'"  1 
ATOM   837 N  N1     . DC  A 1 27 ? -2.71593  7.38524   -11.14010 1.000 32.74623 ? 27  DC  A N1     1 
ATOM   838 C  C2     . DC  A 1 27 ? -2.01604  6.20336   -11.40608 1.000 29.97395 ? 27  DC  A C2     1 
ATOM   839 O  O2     . DC  A 1 27 ? -0.77657  6.22482   -11.41360 1.000 27.63640 ? 27  DC  A O2     1 
ATOM   840 N  N3     . DC  A 1 27 ? -2.72111  5.05733   -11.65567 1.000 30.22714 ? 27  DC  A N3     1 
ATOM   841 C  C4     . DC  A 1 27 ? -4.05344  5.08416   -11.62645 1.000 28.96614 ? 27  DC  A C4     1 
ATOM   842 N  N4     . DC  A 1 27 ? -4.71478  3.94846   -11.87165 1.000 28.54016 ? 27  DC  A N4     1 
ATOM   843 C  C5     . DC  A 1 27 ? -4.77225  6.27915   -11.35048 1.000 31.93033 ? 27  DC  A C5     1 
ATOM   844 C  C6     . DC  A 1 27 ? -4.07272  7.39211   -11.11574 1.000 36.38690 ? 27  DC  A C6     1 
ATOM   845 H  "H5'"  . DC  A 1 27 ? -4.10468  10.25429  -8.26971  1.000 55.58575 ? 27  DC  A "H5'"  1 
ATOM   846 H  "H5''" . DC  A 1 27 ? -3.77724  11.77299  -8.55390  1.000 55.58575 ? 27  DC  A "H5''" 1 
ATOM   847 H  "H4'"  . DC  A 1 27 ? -1.76744  10.80801  -8.81168  1.000 55.42917 ? 27  DC  A "H4'"  1 
ATOM   848 H  "H3'"  . DC  A 1 27 ? -2.77108  11.70121  -11.08632 1.000 56.54548 ? 27  DC  A "H3'"  1 
ATOM   849 H  "H2'"  . DC  A 1 27 ? -3.19273  9.75075   -12.08955 1.000 52.47924 ? 27  DC  A "H2'"  1 
ATOM   850 H  "H2''" . DC  A 1 27 ? -1.66885  9.84660   -12.49337 1.000 52.47924 ? 27  DC  A "H2''" 1 
ATOM   851 H  "H1'"  . DC  A 1 27 ? -1.01689  8.47278   -10.87017 1.000 44.98992 ? 27  DC  A "H1'"  1 
ATOM   852 H  H41    . DC  A 1 27 ? -5.57464  3.94016   -11.85859 1.000 34.31025 ? 27  DC  A H41    1 
ATOM   853 H  H42    . DC  A 1 27 ? -4.28035  3.22617   -12.04246 1.000 34.31025 ? 27  DC  A H42    1 
ATOM   854 H  H5     . DC  A 1 27 ? -5.70208  6.28562   -11.33392 1.000 38.37845 ? 27  DC  A H5     1 
ATOM   855 H  H6     . DC  A 1 27 ? -4.52280  8.18506   -10.93253 1.000 43.72634 ? 27  DC  A H6     1 
ATOM   856 P  P      . DG  A 1 28 ? -0.40494  12.61680  -11.98191 1.000 56.23351 ? 28  DG  A P      1 
ATOM   857 O  OP1    . DG  A 1 28 ? 0.67375   13.42139  -11.37676 1.000 63.13501 ? 28  DG  A OP1    1 
ATOM   858 O  OP2    . DG  A 1 28 ? -1.58886  13.26261  -12.59854 1.000 56.14111 ? 28  DG  A OP2    1 
ATOM   859 O  "O5'"  . DG  A 1 28 ? 0.26106   11.72038  -13.08967 1.000 46.06207 ? 28  DG  A "O5'"  1 
ATOM   860 C  "C5'"  . DG  A 1 28 ? 1.32837   10.91079  -12.73457 1.000 44.85664 ? 28  DG  A "C5'"  1 
ATOM   861 C  "C4'"  . DG  A 1 28 ? 1.67355   10.01347  -13.87341 1.000 37.26602 ? 28  DG  A "C4'"  1 
ATOM   862 O  "O4'"  . DG  A 1 28 ? 0.76963   8.87498   -13.87187 1.000 40.78472 ? 28  DG  A "O4'"  1 
ATOM   863 C  "C3'"  . DG  A 1 28 ? 1.53258   10.66875  -15.23686 1.000 45.07751 ? 28  DG  A "C3'"  1 
ATOM   864 O  "O3'"  . DG  A 1 28 ? 2.64453   10.33867  -16.05214 1.000 45.19555 ? 28  DG  A "O3'"  1 
ATOM   865 C  "C2'"  . DG  A 1 28 ? 0.21743   10.09579  -15.75200 1.000 41.74031 ? 28  DG  A "C2'"  1 
ATOM   866 C  "C1'"  . DG  A 1 28 ? 0.24381   8.70713   -15.15761 1.000 38.38995 ? 28  DG  A "C1'"  1 
ATOM   867 N  N9     . DG  A 1 28 ? -1.06192  8.03412   -15.07641 1.000 33.72616 ? 28  DG  A N9     1 
ATOM   868 C  C8     . DG  A 1 28 ? -2.31059  8.60857   -14.94562 1.000 38.16130 ? 28  DG  A C8     1 
ATOM   869 N  N7     . DG  A 1 28 ? -3.28737  7.72964   -14.90905 1.000 34.90875 ? 28  DG  A N7     1 
ATOM   870 C  C5     . DG  A 1 28 ? -2.63644  6.50153   -15.03981 1.000 32.10071 ? 28  DG  A C5     1 
ATOM   871 C  C6     . DG  A 1 28 ? -3.15321  5.18612   -15.07938 1.000 32.84603 ? 28  DG  A C6     1 
ATOM   872 O  O6     . DG  A 1 28 ? -4.33185  4.82051   -15.00884 1.000 34.63495 ? 28  DG  A O6     1 
ATOM   873 N  N1     . DG  A 1 28 ? -2.15334  4.24485   -15.21652 1.000 30.55174 ? 28  DG  A N1     1 
ATOM   874 C  C2     . DG  A 1 28 ? -0.81456  4.53215   -15.30893 1.000 32.40367 ? 28  DG  A C2     1 
ATOM   875 N  N2     . DG  A 1 28 ? 0.00501   3.48569   -15.44699 1.000 33.12316 ? 28  DG  A N2     1 
ATOM   876 N  N3     . DG  A 1 28 ? -0.31659  5.74790   -15.28298 1.000 31.31985 ? 28  DG  A N3     1 
ATOM   877 C  C4     . DG  A 1 28 ? -1.27290  6.68021   -15.13744 1.000 33.67835 ? 28  DG  A C4     1 
ATOM   878 H  "H5'"  . DG  A 1 28 ? 1.08799   10.37675  -11.96133 1.000 53.89003 ? 28  DG  A "H5'"  1 
ATOM   879 H  "H5''" . DG  A 1 28 ? 2.09452   11.46235  -12.51161 1.000 53.89003 ? 28  DG  A "H5''" 1 
ATOM   880 H  "H4'"  . DG  A 1 28 ? 2.57961   9.68143   -13.77477 1.000 44.78129 ? 28  DG  A "H4'"  1 
ATOM   881 H  "H3'"  . DG  A 1 28 ? 1.45592   11.63237  -15.15649 1.000 54.15508 ? 28  DG  A "H3'"  1 
ATOM   882 H  "H2'"  . DG  A 1 28 ? -0.54335  10.60606  -15.43301 1.000 50.15044 ? 28  DG  A "H2'"  1 
ATOM   883 H  "H2''" . DG  A 1 28 ? 0.19542   10.06865  -16.72136 1.000 50.15044 ? 28  DG  A "H2''" 1 
ATOM   884 H  "H1'"  . DG  A 1 28 ? 0.82462   8.13666   -15.68500 1.000 46.13000 ? 28  DG  A "H1'"  1 
ATOM   885 H  H8     . DG  A 1 28 ? -2.44714  9.52674   -14.88899 1.000 45.85562 ? 28  DG  A H8     1 
ATOM   886 H  H1     . DG  A 1 28 ? -2.38629  3.41753   -15.24625 1.000 36.72415 ? 28  DG  A H1     1 
ATOM   887 H  H21    . DG  A 1 28 ? 0.85298   3.61007   -15.51822 1.000 39.80985 ? 28  DG  A H21    1 
ATOM   888 H  H22    . DG  A 1 28 ? -0.31553  2.68785   -15.46460 1.000 39.80985 ? 28  DG  A H22    1 
ATOM   889 P  P      . DC  A 1 29 ? 2.95321   11.17237  -17.38141 1.000 47.34952 ? 29  DC  A P      1 
ATOM   890 O  OP1    . DC  A 1 29 ? 3.81917   12.32626  -17.05115 1.000 50.73829 ? 29  DC  A OP1    1 
ATOM   891 O  OP2    . DC  A 1 29 ? 1.65940   11.36752  -18.07022 1.000 55.64583 ? 29  DC  A OP2    1 
ATOM   892 O  "O5'"  . DC  A 1 29 ? 3.78244   10.17302  -18.29699 1.000 51.98866 ? 29  DC  A "O5'"  1 
ATOM   893 C  "C5'"  . DC  A 1 29 ? 4.17755   8.88631   -17.80981 1.000 48.49039 ? 29  DC  A "C5'"  1 
ATOM   894 C  "C4'"  . DC  A 1 29 ? 3.49465   7.76091   -18.59165 1.000 48.74044 ? 29  DC  A "C4'"  1 
ATOM   895 O  "O4'"  . DC  A 1 29 ? 2.19782   7.48805   -18.03281 1.000 44.29926 ? 29  DC  A "O4'"  1 
ATOM   896 C  "C3'"  . DC  A 1 29 ? 3.18542   8.04628   -20.04157 1.000 39.82717 ? 29  DC  A "C3'"  1 
ATOM   897 O  "O3'"  . DC  A 1 29 ? 4.31806   7.78038   -20.87686 1.000 39.37466 ? 29  DC  A "O3'"  1 
ATOM   898 C  "C2'"  . DC  A 1 29 ? 1.99074   7.10496   -20.32134 1.000 39.36225 ? 29  DC  A "C2'"  1 
ATOM   899 C  "C1'"  . DC  A 1 29 ? 1.52897   6.65713   -18.93414 1.000 37.84014 ? 29  DC  A "C1'"  1 
ATOM   900 N  N1     . DC  A 1 29 ? 0.04148   6.76893   -18.70557 1.000 37.15035 ? 29  DC  A N1     1 
ATOM   901 C  C2     . DC  A 1 29 ? -0.73724  5.60788   -18.61299 1.000 37.07289 ? 29  DC  A C2     1 
ATOM   902 O  O2     . DC  A 1 29 ? -0.19300  4.50933   -18.71269 1.000 43.23963 ? 29  DC  A O2     1 
ATOM   903 N  N3     . DC  A 1 29 ? -2.06440  5.71684   -18.42280 1.000 36.61860 ? 29  DC  A N3     1 
ATOM   904 C  C4     . DC  A 1 29 ? -2.62557  6.91432   -18.30842 1.000 36.38577 ? 29  DC  A C4     1 
ATOM   905 N  N4     . DC  A 1 29 ? -3.95850  6.97016   -18.12264 1.000 37.77306 ? 29  DC  A N4     1 
ATOM   906 C  C5     . DC  A 1 29 ? -1.85599  8.10997   -18.38920 1.000 38.08000 ? 29  DC  A C5     1 
ATOM   907 C  C6     . DC  A 1 29 ? -0.53503  7.99100   -18.59239 1.000 37.12506 ? 29  DC  A C6     1 
ATOM   908 H  "H5'"  . DC  A 1 29 ? 3.93690   8.81370   -16.87295 1.000 58.25053 ? 29  DC  A "H5'"  1 
ATOM   909 H  "H5''" . DC  A 1 29 ? 5.13936   8.79530   -17.89678 1.000 58.25053 ? 29  DC  A "H5''" 1 
ATOM   910 H  "H4'"  . DC  A 1 29 ? 4.06876   6.98196   -18.52429 1.000 58.55059 ? 29  DC  A "H4'"  1 
ATOM   911 H  "H3'"  . DC  A 1 29 ? 2.91557   8.97108   -20.15486 1.000 47.85467 ? 29  DC  A "H3'"  1 
ATOM   912 H  "HO3'" . DC  A 1 29 ? 4.28152   7.16927   -21.45203 1.000 46.93928 ? 29  DC  A "HO3'" 1 
ATOM   913 H  "H2'"  . DC  A 1 29 ? 1.28146   7.57570   -20.78634 1.000 47.29676 ? 29  DC  A "H2'"  1 
ATOM   914 H  "H2''" . DC  A 1 29 ? 2.26795   6.34423   -20.85551 1.000 47.29676 ? 29  DC  A "H2''" 1 
ATOM   915 H  "H1'"  . DC  A 1 29 ? 1.78701   5.73412   -18.78463 1.000 45.47023 ? 29  DC  A "H1'"  1 
ATOM   916 H  H41    . DC  A 1 29 ? -4.35032  7.73178   -18.04508 1.000 45.01737 ? 29  DC  A H41    1 
ATOM   917 H  H42    . DC  A 1 29 ? -4.41772  6.24419   -18.08160 1.000 45.01737 ? 29  DC  A H42    1 
ATOM   918 H  H5     . DC  A 1 29 ? -2.25571  8.94535   -18.30395 1.000 45.38569 ? 29  DC  A H5     1 
ATOM   919 H  H6     . DC  A 1 29 ? -0.00900  8.75525   -18.65632 1.000 44.23976 ? 29  DC  A H6     1 
HETATM 920 C  C11    . I7U B 2 .  ? -0.95738  -1.40739  3.87611   1.000 23.89511 ? 101 I7U A C11    1 
HETATM 921 C  C01    . I7U B 2 .  ? -5.39247  -1.71955  4.24355   1.000 22.54845 ? 101 I7U A C01    1 
HETATM 922 C  C03    . I7U B 2 .  ? -3.09859  -0.66581  4.33101   1.000 20.65070 ? 101 I7U A C03    1 
HETATM 923 C  C04    . I7U B 2 .  ? -2.25893  0.35146   4.57304   1.000 23.67807 ? 101 I7U A C04    1 
HETATM 924 C  C05    . I7U B 2 .  ? -2.70895  1.71256   5.07147   1.000 21.50635 ? 101 I7U A C05    1 
HETATM 925 C  C08    . I7U B 2 .  ? -4.96987  0.70536   4.97017   1.000 20.46400 ? 101 I7U A C08    1 
HETATM 926 N  N02    . I7U B 2 .  ? -4.53563  -0.58055  4.52482   1.000 20.21084 ? 101 I7U A N02    1 
HETATM 927 N  N07    . I7U B 2 .  ? -4.11004  1.78238   5.22877   1.000 20.14892 ? 101 I7U A N07    1 
HETATM 928 N  N10    . I7U B 2 .  ? -1.10712  -0.15740  4.29254   1.000 23.10340 ? 101 I7U A N10    1 
HETATM 929 N  N12    . I7U B 2 .  ? -2.18545  -1.87132  3.85907   1.000 22.40283 ? 101 I7U A N12    1 
HETATM 930 O  O06    . I7U B 2 .  ? -1.85573  2.77666   5.33656   1.000 23.69776 ? 101 I7U A O06    1 
HETATM 931 O  O09    . I7U B 2 .  ? -6.32978  0.89317   5.16600   1.000 22.20658 ? 101 I7U A O09    1 
HETATM 932 H  H111   . I7U B 2 .  ? -0.04617  -1.99213  3.90179   1.000 28.73619 ? 101 I7U A H111   1 
HETATM 933 H  H013   . I7U B 2 .  ? -4.98847  -2.27754  3.40790   1.000 27.12021 ? 101 I7U A H013   1 
HETATM 934 H  H012   . I7U B 2 .  ? -6.38765  -1.37051  3.99724   1.000 27.12021 ? 101 I7U A H012   1 
HETATM 935 H  H011   . I7U B 2 .  ? -5.43998  -2.35963  5.11586   1.000 27.12021 ? 101 I7U A H011   1 
HETATM 936 H  H071   . I7U B 2 .  ? -4.51034  2.64510   5.54099   1.000 24.24077 ? 101 I7U A H071   1 
HETATM 937 H  H101   . I7U B 2 .  ? -0.32418  0.24067   4.77270   1.000 27.78614 ? 101 I7U A H101   1 
HETATM 938 NA NA     . NA  C 3 .  ? -3.89209  -1.91133  -8.75766  1.000 36.50108 ? 102 NA  A NA     1 
HETATM 939 NA NA     . NA  D 3 .  ? 3.48562   4.32014   -15.04965 1.000 33.77256 ? 103 NA  A NA     1 
HETATM 940 NA NA     . NA  E 3 .  ? 0.47020   -9.95437  -2.44454  1.000 11.89927 ? 104 NA  A NA     1 
HETATM 941 NA NA     . NA  F 3 .  ? 4.46467   -4.17885  2.86469   1.000 20.75073 ? 105 NA  A NA     1 
HETATM 942 O  O      . HOH G 4 .  ? -5.58491  12.40697  -7.45786  1.000 48.48902 ? 201 HOH A O      1 
HETATM 943 O  O      . HOH G 4 .  ? 11.78143  -8.38988  1.51108   1.000 25.54809 ? 202 HOH A O      1 
HETATM 944 O  O      . HOH G 4 .  ? 9.78935   -6.17874  1.91195   1.000 40.42563 ? 203 HOH A O      1 
HETATM 945 O  O      . HOH G 4 .  ? -1.31629  -10.04026 12.57441  1.000 49.11552 ? 204 HOH A O      1 
HETATM 946 O  O      . HOH G 4 .  ? 12.44303  -4.47975  0.80965   1.000 34.70496 ? 205 HOH A O      1 
HETATM 947 O  O      . HOH G 4 .  ? 4.21274   0.80693   23.08924  1.000 22.58292 ? 206 HOH A O      1 
HETATM 948 O  O      . HOH G 4 .  ? 4.89599   -6.40201  1.68081   1.000 30.07511 ? 207 HOH A O      1 
HETATM 949 O  O      . HOH G 4 .  ? -10.33903 1.03778   -6.68220  0.50  39.09607 ? 208 HOH A O      1 
HETATM 950 O  O      . HOH G 4 .  ? 6.49633   3.39629   -1.94745  1.000 33.43239 ? 209 HOH A O      1 
HETATM 951 O  O      . HOH G 4 .  ? -14.79199 -3.76334  -2.32937  1.000 46.46448 ? 210 HOH A O      1 
HETATM 952 O  O      . HOH G 4 .  ? 4.79352   -0.06213  8.05380   1.000 22.51687 ? 211 HOH A O      1 
HETATM 953 O  O      . HOH G 4 .  ? -5.10355  4.21382   5.45423   1.000 31.50775 ? 212 HOH A O      1 
HETATM 954 O  O      . HOH G 4 .  ? -3.07533  -0.11986  12.39729  1.000 29.31347 ? 213 HOH A O      1 
HETATM 955 O  O      . HOH G 4 .  ? 8.25466   1.27252   -3.23400  1.000 30.99863 ? 214 HOH A O      1 
HETATM 956 O  O      . HOH G 4 .  ? 10.48945  2.95142   2.02933   1.000 31.51498 ? 215 HOH A O      1 
HETATM 957 O  O      . HOH G 4 .  ? 12.37575  0.24627   7.11944   1.000 20.86603 ? 216 HOH A O      1 
HETATM 958 O  O      . HOH G 4 .  ? -5.27293  4.42146   2.78918   1.000 33.45855 ? 217 HOH A O      1 
HETATM 959 O  O      . HOH G 4 .  ? -3.28504  -6.58879  -13.58832 1.000 38.59621 ? 218 HOH A O      1 
HETATM 960 O  O      . HOH G 4 .  ? 12.35045  2.82562   5.43968   1.000 24.94785 ? 219 HOH A O      1 
HETATM 961 O  O      . HOH G 4 .  ? 3.40254   -3.00053  -9.21105  1.000 34.67122 ? 220 HOH A O      1 
HETATM 962 O  O      . HOH G 4 .  ? 2.25789   -3.60919  1.44726   1.000 23.27370 ? 221 HOH A O      1 
HETATM 963 O  O      . HOH G 4 .  ? 4.98297   -3.12151  0.78181   1.000 24.36325 ? 222 HOH A O      1 
HETATM 964 O  O      . HOH G 4 .  ? -7.44880  -8.12620  -18.84433 1.000 34.30358 ? 223 HOH A O      1 
HETATM 965 O  O      . HOH G 4 .  ? 6.93245   5.54680   7.14583   1.000 24.58466 ? 224 HOH A O      1 
HETATM 966 O  O      . HOH G 4 .  ? -5.01219  5.66758   0.77125   1.000 32.17701 ? 225 HOH A O      1 
HETATM 967 O  O      . HOH G 4 .  ? -2.93450  -3.65318  -4.10289  1.000 27.77208 ? 226 HOH A O      1 
HETATM 968 O  O      . HOH G 4 .  ? 9.51409   -1.87731  18.97275  1.000 38.55241 ? 227 HOH A O      1 
HETATM 969 O  O      . HOH G 4 .  ? 2.63981   -4.82076  -0.91421  1.000 28.32520 ? 228 HOH A O      1 
HETATM 970 O  O      . HOH G 4 .  ? 5.71465   -0.85950  22.43604  1.000 34.26106 ? 229 HOH A O      1 
HETATM 971 O  O      . HOH G 4 .  ? -8.40635  -0.37091  2.15083   1.000 34.90325 ? 230 HOH A O      1 
HETATM 972 O  O      . HOH G 4 .  ? 5.35198   -2.01424  3.99064   1.000 29.93344 ? 231 HOH A O      1 
HETATM 973 O  O      . HOH G 4 .  ? 1.91217   -6.71102  -2.94774  1.000 37.79881 ? 232 HOH A O      1 
HETATM 974 O  O      . HOH G 4 .  ? -3.00397  -4.65580  16.47755  1.000 38.01687 ? 233 HOH A O      1 
HETATM 975 O  O      . HOH G 4 .  ? -4.73765  11.14500  6.96307   1.000 48.30544 ? 234 HOH A O      1 
HETATM 976 O  O      . HOH G 4 .  ? 1.93960   6.14324   4.86915   1.000 29.76123 ? 235 HOH A O      1 
HETATM 977 O  O      . HOH G 4 .  ? 4.21158   -4.12362  8.54726   1.000 24.21228 ? 236 HOH A O      1 
HETATM 978 O  O      . HOH G 4 .  ? -5.72801  -2.94092  -13.68535 1.000 40.83206 ? 237 HOH A O      1 
HETATM 979 O  O      . HOH G 4 .  ? -4.76747  -0.89541  -11.10045 1.000 37.95965 ? 238 HOH A O      1 
HETATM 980 O  O      . HOH G 4 .  ? -0.00155  -4.11032  -2.28003  1.000 28.22028 ? 239 HOH A O      1 
HETATM 981 O  O      . HOH G 4 .  ? 2.48435   3.59677   -17.27285 1.000 47.06074 ? 240 HOH A O      1 
HETATM 982 O  O      . HOH G 4 .  ? -1.87674  -2.72655  -8.86447  1.000 38.35603 ? 241 HOH A O      1 
HETATM 983 O  O      . HOH G 4 .  ? -3.53388  -8.91123  5.82284   1.000 37.41445 ? 242 HOH A O      1 
HETATM 984 O  O      . HOH G 4 .  ? 3.40182   14.12180  -19.64988 1.000 46.54887 ? 243 HOH A O      1 
HETATM 985 O  O      . HOH G 4 .  ? -3.59211  -7.51450  15.28540  1.000 37.97190 ? 244 HOH A O      1 
HETATM 986 O  O      . HOH G 4 .  ? -0.58465  -7.80819  -3.10791  1.000 31.00616 ? 245 HOH A O      1 
HETATM 987 O  O      . HOH G 4 .  ? 1.02096   7.60601   6.90096   1.000 32.52016 ? 246 HOH A O      1 
HETATM 988 O  O      . HOH G 4 .  ? -2.93592  -12.40106 11.42393  1.000 39.62685 ? 247 HOH A O      1 
HETATM 989 O  O      . HOH G 4 .  ? 4.46257   -3.51846  4.89808   1.000 26.04773 ? 248 HOH A O      1 
HETATM 990 O  O      . HOH G 4 .  ? 3.00888   -8.74807  6.88348   1.000 33.70856 ? 249 HOH A O      1 
HETATM 991 O  O      . HOH G 4 .  ? 3.74797   -6.15310  7.26137   1.000 28.51602 ? 250 HOH A O      1 
HETATM 992 O  O      . HOH G 4 .  ? -7.87620  8.34897   -13.79533 1.000 38.85193 ? 251 HOH A O      1 
HETATM 993 O  O      . HOH G 4 .  ? -1.86892  -10.43226 6.71873   1.000 31.35764 ? 252 HOH A O      1 
HETATM 994 O  O      . HOH G 4 .  ? -8.18176  7.01965   -15.59653 1.000 41.96939 ? 253 HOH A O      1 
# 
loop_
_atom_site_anisotrop.id 
_atom_site_anisotrop.type_symbol 
_atom_site_anisotrop.pdbx_label_atom_id 
_atom_site_anisotrop.pdbx_label_alt_id 
_atom_site_anisotrop.pdbx_label_comp_id 
_atom_site_anisotrop.pdbx_label_asym_id 
_atom_site_anisotrop.pdbx_label_seq_id 
_atom_site_anisotrop.pdbx_PDB_ins_code 
_atom_site_anisotrop.U[1][1] 
_atom_site_anisotrop.U[2][2] 
_atom_site_anisotrop.U[3][3] 
_atom_site_anisotrop.U[1][2] 
_atom_site_anisotrop.U[1][3] 
_atom_site_anisotrop.U[2][3] 
_atom_site_anisotrop.pdbx_auth_seq_id 
_atom_site_anisotrop.pdbx_auth_comp_id 
_atom_site_anisotrop.pdbx_auth_asym_id 
_atom_site_anisotrop.pdbx_auth_atom_id 
1   O "O5'" . DG A 1  ? 0.78729 0.94118 0.55060 -0.19259 -0.05368 0.03732  1  DG A "O5'" 
2   C "C5'" . DG A 1  ? 0.65880 0.83385 0.47054 -0.18725 -0.03526 0.05016  1  DG A "C5'" 
3   C "C4'" . DG A 1  ? 0.58600 0.69138 0.38016 -0.18581 -0.01118 0.03027  1  DG A "C4'" 
4   O "O4'" . DG A 1  ? 0.66878 0.73905 0.41699 -0.15967 -0.00568 0.01555  1  DG A "O4'" 
5   C "C3'" . DG A 1  ? 0.50663 0.63306 0.34193 -0.16960 0.00732  0.04383  1  DG A "C3'" 
6   O "O3'" . DG A 1  ? 0.67907 0.74739 0.51142 -0.18327 0.02538  0.02764  1  DG A "O3'" 
7   C "C2'" . DG A 1  ? 0.57060 0.71306 0.38985 -0.12726 0.01078  0.04564  1  DG A "C2'" 
8   C "C1'" . DG A 1  ? 0.59303 0.67492 0.35673 -0.12982 0.00957  0.01964  1  DG A "C1'" 
9   N N9    . DG A 1  ? 0.53333 0.62164 0.26529 -0.09626 0.00653  0.02029  1  DG A N9    
10  C C8    . DG A 1  ? 0.51203 0.65360 0.24503 -0.07243 -0.00645 0.04089  1  DG A C8    
11  N N7    . DG A 1  ? 0.52452 0.64662 0.21782 -0.04204 -0.00283 0.03578  1  DG A N7    
12  C C5    . DG A 1  ? 0.53197 0.58716 0.20074 -0.05079 0.01275  0.00930  1  DG A C5    
13  C C6    . DG A 1  ? 0.60566 0.61062 0.23115 -0.03389 0.02442  -0.00837 1  DG A C6    
14  O O6    . DG A 1  ? 0.60770 0.60783 0.19989 -0.00486 0.02424  -0.00449 1  DG A O6    
15  N N1    . DG A 1  ? 0.64617 0.60103 0.26959 -0.05450 0.03948  -0.03259 1  DG A N1    
16  C C2    . DG A 1  ? 0.62905 0.57893 0.28298 -0.08187 0.04399  -0.03828 1  DG A C2    
17  N N2    . DG A 1  ? 0.64676 0.55230 0.29778 -0.09421 0.06093  -0.06088 1  DG A N2    
18  N N3    . DG A 1  ? 0.57927 0.56473 0.26601 -0.09614 0.03452  -0.02265 1  DG A N3    
19  C C4    . DG A 1  ? 0.52286 0.56104 0.21687 -0.08201 0.01856  0.00024  1  DG A C4    
32  P P     . DC A 2  ? 0.73230 0.80767 0.60796 -0.18618 0.04241  0.04271  2  DC A P     
33  O OP1   . DC A 2  ? 0.58937 0.62539 0.46839 -0.22722 0.04471  0.03744  2  DC A OP1   
34  O OP2   . DC A 2  ? 0.57439 0.72011 0.48410 -0.15934 0.04203  0.07158  2  DC A OP2   
35  O "O5'" . DC A 2  ? 0.64996 0.68163 0.51274 -0.16785 0.06103  0.02462  2  DC A "O5'" 
36  C "C5'" . DC A 2  ? 0.58028 0.55326 0.40620 -0.17862 0.06554  -0.00346 2  DC A "C5'" 
37  C "C4'" . DC A 2  ? 0.57027 0.53999 0.38649 -0.15087 0.07336  -0.01652 2  DC A "C4'" 
38  O "O4'" . DC A 2  ? 0.56403 0.55451 0.35639 -0.13545 0.06031  -0.01650 2  DC A "O4'" 
39  C "C3'" . DC A 2  ? 0.53937 0.54579 0.38888 -0.12284 0.08072  -0.00410 2  DC A "C3'" 
40  O "O3'" . DC A 2  ? 0.51009 0.48828 0.37505 -0.12565 0.09752  -0.01055 2  DC A "O3'" 
41  C "C2'" . DC A 2  ? 0.55982 0.57848 0.39220 -0.09800 0.07689  -0.01585 2  DC A "C2'" 
42  C "C1'" . DC A 2  ? 0.56694 0.56786 0.36062 -0.10792 0.06634  -0.02317 2  DC A "C1'" 
43  N N1    . DC A 2  ? 0.53796 0.58011 0.32230 -0.08292 0.05407  -0.00950 2  DC A N1    
44  C C2    . DC A 2  ? 0.48909 0.51737 0.24369 -0.06377 0.05502  -0.02353 2  DC A C2    
45  O O2    . DC A 2  ? 0.52829 0.51623 0.27111 -0.07098 0.06568  -0.04718 2  DC A O2    
46  N N3    . DC A 2  ? 0.53391 0.59248 0.27403 -0.03776 0.04631  -0.01056 2  DC A N3    
47  C C4    . DC A 2  ? 0.50458 0.61428 0.26482 -0.03027 0.03724  0.01638  2  DC A C4    
48  N N4    . DC A 2  ? 0.45752 0.59767 0.20308 -0.00026 0.03172  0.02975  2  DC A N4    
49  C C5    . DC A 2  ? 0.53099 0.66153 0.32807 -0.05374 0.03564  0.03101  2  DC A C5    
50  C C6    . DC A 2  ? 0.45250 0.54360 0.25719 -0.07958 0.04409  0.01673  2  DC A C6    
62  P P     . DG A 3  ? 0.48968 0.50361 0.38770 -0.09583 0.10477  0.00511  3  DG A P     
63  O OP1   . DG A 3  ? 0.52607 0.50667 0.43927 -0.10308 0.12230  0.00758  3  DG A OP1   
64  O OP2   . DG A 3  ? 0.43688 0.50398 0.34619 -0.07998 0.09480  0.03137  3  DG A OP2   
65  O "O5'" . DG A 3  ? 0.45453 0.47867 0.34732 -0.07419 0.10356  -0.01537 3  DG A "O5'" 
66  C "C5'" . DG A 3  ? 0.46201 0.44628 0.34096 -0.08786 0.11168  -0.04262 3  DG A "C5'" 
67  C "C4'" . DG A 3  ? 0.51217 0.51507 0.38843 -0.07131 0.10732  -0.06007 3  DG A "C4'" 
68  O "O4'" . DG A 3  ? 0.43642 0.45242 0.28561 -0.06483 0.09329  -0.05708 3  DG A "O4'" 
69  C "C3'" . DG A 3  ? 0.41426 0.46282 0.32014 -0.04235 0.10449  -0.05489 3  DG A "C3'" 
70  O "O3'" . DG A 3  ? 0.42423 0.47326 0.33860 -0.04140 0.10762  -0.08039 3  DG A "O3'" 
71  C "C2'" . DG A 3  ? 0.42508 0.51205 0.31857 -0.02135 0.08902  -0.03920 3  DG A "C2'" 
72  C "C1'" . DG A 3  ? 0.41238 0.47377 0.27024 -0.03540 0.08405  -0.05042 3  DG A "C1'" 
73  N N9    . DG A 3  ? 0.40998 0.49513 0.25239 -0.02389 0.07358  -0.02971 3  DG A N9    
74  C C8    . DG A 3  ? 0.40615 0.51322 0.26271 -0.02534 0.07223  -0.00211 3  DG A C8    
75  N N7    . DG A 3  ? 0.40517 0.53849 0.24872 -0.01305 0.06359  0.01276  3  DG A N7    
76  C C5    . DG A 3  ? 0.41269 0.53298 0.22487 -0.00009 0.05941  -0.00650 3  DG A C5    
77  C C6    . DG A 3  ? 0.42261 0.55406 0.20476 0.02073  0.05248  -0.00183 3  DG A C6    
78  O O6    . DG A 3  ? 0.44813 0.61333 0.23081 0.03411  0.04807  0.02190  3  DG A O6    
79  N N1    . DG A 3  ? 0.44280 0.54172 0.19342 0.02620  0.05298  -0.02785 3  DG A N1    
80  C C2    . DG A 3  ? 0.44303 0.51116 0.19807 0.01009  0.05888  -0.05512 3  DG A C2    
81  N N2    . DG A 3  ? 0.46618 0.50436 0.19057 0.01304  0.05986  -0.07863 3  DG A N2    
82  N N3    . DG A 3  ? 0.42940 0.49582 0.21776 -0.00741 0.06534  -0.05872 3  DG A N3    
83  C C4    . DG A 3  ? 0.41634 0.50598 0.22841 -0.00977 0.06534  -0.03346 3  DG A C4    
95  P P     . DG A 4  ? 0.42123 0.52033 0.36818 -0.01408 0.10170  -0.08307 4  DG A P     
96  O OP1   . DG A 4  ? 0.40606 0.49454 0.37600 -0.02676 0.11415  -0.10820 4  DG A OP1   
97  O OP2   . DG A 4  ? 0.49942 0.62052 0.45993 0.00648  0.10164  -0.05325 4  DG A OP2   
98  O "O5'" . DG A 4  ? 0.42328 0.55057 0.34891 0.00160  0.08292  -0.08911 4  DG A "O5'" 
99  C "C5'" . DG A 4  ? 0.43484 0.53600 0.33483 -0.01435 0.08161  -0.11267 4  DG A "C5'" 
100 C "C4'" . DG A 4  ? 0.41218 0.53459 0.28654 0.00562  0.06523  -0.11560 4  DG A "C4'" 
101 O "O4'" . DG A 4  ? 0.42022 0.53705 0.26410 0.01480  0.06188  -0.09256 4  DG A "O4'" 
102 C "C3'" . DG A 4  ? 0.40823 0.58489 0.30029 0.03586  0.05153  -0.11021 4  DG A "C3'" 
103 O "O3'" . DG A 4  ? 0.52738 0.71350 0.40421 0.04061  0.03858  -0.13582 4  DG A "O3'" 
104 C "C2'" . DG A 4  ? 0.42534 0.61833 0.30078 0.05875  0.04838  -0.07655 4  DG A "C2'" 
105 C "C1'" . DG A 4  ? 0.41139 0.56997 0.25045 0.04698  0.05049  -0.07716 4  DG A "C1'" 
106 N N9    . DG A 4  ? 0.40540 0.57455 0.23815 0.05589  0.05242  -0.04513 4  DG A N9    
107 C C8    . DG A 4  ? 0.39383 0.57277 0.25315 0.05111  0.05989  -0.02040 4  DG A C8    
108 N N7    . DG A 4  ? 0.39270 0.58655 0.24618 0.05710  0.06017  0.00560  4  DG A N7    
109 C C5    . DG A 4  ? 0.40331 0.59854 0.22253 0.07185  0.05285  -0.00099 4  DG A C5    
110 C C6    . DG A 4  ? 0.40838 0.62250 0.21076 0.08691  0.05125  0.01980  4  DG A C6    
111 O O6    . DG A 4  ? 0.40088 0.64159 0.22165 0.08654  0.05490  0.04860  4  DG A O6    
112 N N1    . DG A 4  ? 0.42878 0.62884 0.19069 0.10326  0.04628  0.00447  4  DG A N1    
113 C C2    . DG A 4  ? 0.44458 0.61361 0.18568 0.09992  0.04281  -0.02859 4  DG A C2    
114 N N2    . DG A 4  ? 0.47215 0.61569 0.18110 0.11200  0.03869  -0.03817 4  DG A N2    
115 N N3    . DG A 4  ? 0.43669 0.59508 0.20022 0.08158  0.04314  -0.04909 4  DG A N3    
116 C C4    . DG A 4  ? 0.41461 0.58854 0.21682 0.07064  0.04846  -0.03279 4  DG A C4    
128 P P     . DT A 5  ? 0.45079 0.69323 0.34515 0.06624  0.02009  -0.14312 5  DT A P     
129 O OP1   . DT A 5  ? 0.51469 0.74733 0.38676 0.05641  0.00887  -0.17741 5  DT A OP1   
130 O OP2   . DT A 5  ? 0.47285 0.74269 0.41776 0.06664  0.02543  -0.13868 5  DT A OP2   
131 O "O5'" . DT A 5  ? 0.42635 0.69563 0.30029 0.10395  0.01417  -0.10769 5  DT A "O5'" 
132 C "C5'" . DT A 5  ? 0.44814 0.72317 0.27683 0.12760  0.00271  -0.10632 5  DT A "C5'" 
133 C "C4'" . DT A 5  ? 0.53930 0.76672 0.32869 0.11233  0.00780  -0.11854 5  DT A "C4'" 
134 O "O4'" . DT A 5  ? 0.45358 0.66414 0.23773 0.10944  0.02137  -0.08960 5  DT A "O4'" 
135 C "C3'" . DT A 5  ? 0.59140 0.81683 0.32911 0.13750  -0.00295 -0.12542 5  DT A "C3'" 
136 O "O3'" . DT A 5  ? 0.62143 0.78884 0.33732 0.11551  0.00151  -0.14100 5  DT A "O3'" 
137 C "C2'" . DT A 5  ? 0.50722 0.74853 0.23939 0.16394  0.00362  -0.08269 5  DT A "C2'" 
138 C "C1'" . DT A 5  ? 0.46350 0.68723 0.21306 0.14028  0.01922  -0.06861 5  DT A "C1'" 
139 N N1    . DT A 5  ? 0.44169 0.69219 0.21544 0.14910  0.02800  -0.03019 5  DT A N1    
140 C C2    . DT A 5  ? 0.44518 0.70538 0.20262 0.16495  0.03378  -0.00316 5  DT A C2    
141 O O2    . DT A 5  ? 0.46371 0.70212 0.20302 0.17167  0.02948  -0.00706 5  DT A O2    
142 N N3    . DT A 5  ? 0.42751 0.71230 0.21477 0.16495  0.04354  0.03064  5  DT A N3    
143 C C4    . DT A 5  ? 0.41254 0.70150 0.23750 0.15169  0.04902  0.03930  5  DT A C4    
144 O O4    . DT A 5  ? 0.40631 0.70947 0.25364 0.15001  0.05972  0.06985  5  DT A O4    
145 C C5    . DT A 5  ? 0.41056 0.68648 0.24779 0.14086  0.04303  0.01057  5  DT A C5    
146 C C7    . DT A 5  ? 0.42014 0.69690 0.29510 0.13214  0.05067  0.01800  5  DT A C7    
147 C C6    . DT A 5  ? 0.42235 0.68450 0.23746 0.13870  0.03247  -0.02235 5  DT A C6    
160 P P     . DG A 6  ? 0.76212 0.69474 0.60678 0.00903  0.10133  0.16988  6  DG A P     
161 O OP1   . DG A 6  ? 0.80577 0.72065 0.63466 0.00767  0.10949  0.20516  6  DG A OP1   
162 O OP2   . DG A 6  ? 0.64017 0.57468 0.51130 -0.01305 0.10678  0.14190  6  DG A OP2   
163 O "O5'" . DG A 6  ? 0.69891 0.59876 0.56033 0.02413  0.08904  0.16098  6  DG A "O5'" 
164 C "C5'" . DG A 6  ? 0.50591 0.38128 0.39495 0.01119  0.09140  0.13815  6  DG A "C5'" 
165 C "C4'" . DG A 6  ? 0.52181 0.37564 0.42360 0.02767  0.08167  0.12968  6  DG A "C4'" 
166 O "O4'" . DG A 6  ? 0.46698 0.35747 0.35953 0.04679  0.06540  0.12204  6  DG A "O4'" 
167 C "C3'" . DG A 6  ? 0.49270 0.33686 0.41828 0.01489  0.08246  0.09977  6  DG A "C3'" 
168 O "O3'" . DG A 6  ? 0.52921 0.33555 0.47126 0.02259  0.08467  0.09777  6  DG A "O3'" 
169 C "C2'" . DG A 6  ? 0.45730 0.34229 0.38078 0.02109  0.06867  0.07982  6  DG A "C2'" 
170 C "C1'" . DG A 6  ? 0.41884 0.31935 0.32868 0.04394  0.05863  0.09353  6  DG A "C1'" 
171 N N9    . DG A 6  ? 0.39873 0.34218 0.30349 0.04743  0.04790  0.08108  6  DG A N9    
172 C C8    . DG A 6  ? 0.37404 0.34248 0.27673 0.03582  0.04873  0.07169  6  DG A C8    
173 N N7    . DG A 6  ? 0.35969 0.35939 0.26487 0.04266  0.03809  0.05838  6  DG A N7    
174 C C5    . DG A 6  ? 0.34984 0.34957 0.25809 0.05777  0.02971  0.05903  6  DG A C5    
175 C C6    . DG A 6  ? 0.33326 0.36217 0.25015 0.06765  0.01740  0.04529  6  DG A C6    
176 O O6    . DG A 6  ? 0.29594 0.35148 0.22012 0.06490  0.01155  0.02915  6  DG A O6    
177 N N1    . DG A 6  ? 0.30257 0.32849 0.22509 0.08208  0.01209  0.04913  6  DG A N1    
178 C C2    . DG A 6  ? 0.33091 0.32521 0.25227 0.08873  0.01778  0.06394  6  DG A C2    
179 N N2    . DG A 6  ? 0.36665 0.36626 0.29951 0.10599  0.01082  0.06333  6  DG A N2    
180 N N3    . DG A 6  ? 0.36646 0.32704 0.28126 0.07929  0.02964  0.07625  6  DG A N3    
181 C C4    . DG A 6  ? 0.36922 0.33631 0.27709 0.06266  0.03518  0.07309  6  DG A C4    
193 P P     . DG A 7  ? 0.60019 0.39900 0.56511 0.01034  0.08698  0.06408  7  DG A P     
194 O OP1   . DG A 7  ? 0.73588 0.48332 0.72212 0.01084  0.09723  0.06565  7  DG A OP1   
195 O OP2   . DG A 7  ? 0.50778 0.33617 0.47167 -0.01113 0.08747  0.04772  7  DG A OP2   
196 O "O5'" . DG A 7  ? 0.48845 0.31364 0.45315 0.02806  0.07440  0.04999  7  DG A "O5'" 
197 C "C5'" . DG A 7  ? 0.48204 0.30363 0.44591 0.05316  0.06768  0.06364  7  DG A "C5'" 
198 C "C4'" . DG A 7  ? 0.49945 0.35645 0.46775 0.06260  0.05782  0.04564  7  DG A "C4'" 
199 O "O4'" . DG A 7  ? 0.39405 0.28835 0.34739 0.06248  0.04850  0.05054  7  DG A "O4'" 
200 C "C3'" . DG A 7  ? 0.45397 0.32367 0.43180 0.04756  0.06139  0.01737  7  DG A "C3'" 
201 O "O3'" . DG A 7  ? 0.51614 0.40018 0.50741 0.06008  0.05932  0.00268  7  DG A "O3'" 
202 C "C2'" . DG A 7  ? 0.40783 0.31054 0.37281 0.03544  0.05547  0.01722  7  DG A "C2'" 
203 C "C1'" . DG A 7  ? 0.38004 0.29960 0.33874 0.05136  0.04614  0.03095  7  DG A "C1'" 
204 N N9    . DG A 7  ? 0.34911 0.29373 0.29877 0.04439  0.04033  0.03305  7  DG A N9    
205 C C8    . DG A 7  ? 0.34967 0.29518 0.29229 0.03070  0.04356  0.03542  7  DG A C8    
206 N N7    . DG A 7  ? 0.34601 0.31702 0.28759 0.03003  0.03677  0.03262  7  DG A N7    
207 C C5    . DG A 7  ? 0.29949 0.28576 0.24818 0.04107  0.02890  0.02784  7  DG A C5    
208 C C6    . DG A 7  ? 0.28777 0.29996 0.24476 0.04350  0.02018  0.01976  7  DG A C6    
209 O O6    . DG A 7  ? 0.32185 0.34642 0.28160 0.03869  0.01737  0.01466  7  DG A O6    
210 N N1    . DG A 7  ? 0.30033 0.32525 0.26875 0.05259  0.01488  0.01431  7  DG A N1    
211 C C2    . DG A 7  ? 0.31810 0.33435 0.28949 0.06132  0.01748  0.01647  7  DG A C2    
212 N N2    . DG A 7  ? 0.27105 0.30980 0.25874 0.06972  0.01176  0.00819  7  DG A N2    
213 N N3    . DG A 7  ? 0.24217 0.23078 0.20668 0.06170  0.02553  0.02313  7  DG A N3    
214 C C4    . DG A 7  ? 0.33718 0.31093 0.29042 0.04997  0.03095  0.02853  7  DG A C4    
226 P P     . DT A 8  ? 0.50882 0.39252 0.51501 0.05304  0.06821  -0.02702 8  DT A P     
227 O OP1   . DT A 8  ? 0.69781 0.58088 0.72423 0.07516  0.06841  -0.03479 8  DT A OP1   
228 O OP2   . DT A 8  ? 0.50884 0.36443 0.51745 0.03630  0.07668  -0.03521 8  DT A OP2   
229 O "O5'" . DT A 8  ? 0.48448 0.41371 0.48075 0.04068  0.06514  -0.03666 8  DT A "O5'" 
230 C "C5'" . DT A 8  ? 0.47044 0.41165 0.45710 0.02059  0.06800  -0.04766 8  DT A "C5'" 
231 C "C4'" . DT A 8  ? 0.33638 0.30828 0.31031 0.01256  0.06055  -0.03626 8  DT A "C4'" 
232 O "O4'" . DT A 8  ? 0.36560 0.33088 0.33091 0.00161  0.05732  -0.02781 8  DT A "O4'" 
233 C "C3'" . DT A 8  ? 0.31292 0.32083 0.28057 0.00226  0.06262  -0.04640 8  DT A "C3'" 
234 O "O3'" . DT A 8  ? 0.27128 0.30031 0.24335 0.00663  0.06019  -0.03723 8  DT A "O3'" 
235 C "C2'" . DT A 8  ? 0.32019 0.33733 0.27470 -0.01219 0.05717  -0.03973 8  DT A "C2'" 
236 C "C1'" . DT A 8  ? 0.33565 0.32908 0.29297 -0.00816 0.05212  -0.02504 8  DT A "C1'" 
237 N N1    . DT A 8  ? 0.33940 0.33180 0.29303 -0.01929 0.04990  -0.02461 8  DT A N1    
238 C C2    . DT A 8  ? 0.30080 0.30786 0.25252 -0.02165 0.04155  -0.01235 8  DT A C2    
239 O O2    . DT A 8  ? 0.29674 0.31285 0.25038 -0.01637 0.03630  -0.00182 8  DT A O2    
240 N N3    . DT A 8  ? 0.31607 0.32717 0.26922 -0.03070 0.03999  -0.01502 8  DT A N3    
241 C C4    . DT A 8  ? 0.31608 0.31798 0.27323 -0.04097 0.04665  -0.02888 8  DT A C4    
242 O O4    . DT A 8  ? 0.30291 0.31522 0.26567 -0.05063 0.04515  -0.03222 8  DT A O4    
243 C C5    . DT A 8  ? 0.34539 0.32502 0.30577 -0.03945 0.05589  -0.04132 8  DT A C5    
244 C C7    . DT A 8  ? 0.42993 0.39153 0.40229 -0.05179 0.06475  -0.05961 8  DT A C7    
245 C C6    . DT A 8  ? 0.37246 0.34859 0.33073 -0.02694 0.05664  -0.03832 8  DT A C6    
258 P P     . DC A 9  ? 0.40304 0.46935 0.37580 0.00159  0.06795  -0.04650 9  DC A P     
259 O OP1   . DC A 9  ? 0.38434 0.44897 0.37332 0.01475  0.07550  -0.06622 9  DC A OP1   
260 O OP2   . DC A 9  ? 0.44452 0.53442 0.39779 -0.01387 0.06975  -0.04755 9  DC A OP2   
261 O "O5'" . DC A 9  ? 0.36764 0.44676 0.35007 0.00143  0.06321  -0.02900 9  DC A "O5'" 
262 C "C5'" . DC A 9  ? 0.32949 0.41061 0.33189 0.01424  0.06231  -0.03256 9  DC A "C5'" 
263 C "C4'" . DC A 9  ? 0.31916 0.41179 0.33381 0.00934  0.05661  -0.01967 9  DC A "C4'" 
264 O "O4'" . DC A 9  ? 0.28100 0.35101 0.28978 0.01020  0.04611  -0.00892 9  DC A "O4'" 
265 C "C3'" . DC A 9  ? 0.28344 0.39812 0.29664 -0.00862 0.06243  -0.00887 9  DC A "C3'" 
266 O "O3'" . DC A 9  ? 0.22719 0.35980 0.26593 -0.01200 0.06372  -0.00734 9  DC A "O3'" 
267 C "C2'" . DC A 9  ? 0.27572 0.37082 0.27678 -0.01512 0.05380  0.00749  9  DC A "C2'" 
268 C "C1'" . DC A 9  ? 0.25400 0.32699 0.26249 -0.00289 0.04375  0.00405  9  DC A "C1'" 
269 N N1    . DC A 9  ? 0.25235 0.30546 0.24721 -0.00300 0.03723  0.00993  9  DC A N1    
270 C C2    . DC A 9  ? 0.25893 0.30471 0.26340 -0.00385 0.02896  0.01729  9  DC A C2    
271 O O2    . DC A 9  ? 0.30543 0.35743 0.33035 -0.00564 0.02698  0.01784  9  DC A O2    
272 N N3    . DC A 9  ? 0.27091 0.30533 0.26657 -0.00320 0.02413  0.02015  9  DC A N3    
273 C C4    . DC A 9  ? 0.29196 0.32183 0.27077 -0.00447 0.02744  0.01670  9  DC A C4    
274 N N4    . DC A 9  ? 0.23943 0.26410 0.21442 -0.00572 0.02373  0.01802  9  DC A N4    
275 C C5    . DC A 9  ? 0.30666 0.33919 0.27691 -0.00498 0.03555  0.00787  9  DC A C5    
276 C C6    . DC A 9  ? 0.30545 0.34981 0.28377 -0.00275 0.04015  0.00431  9  DC A C6    
288 P P     . DT A 10 ? 0.29892 0.45601 0.34448 -0.03211 0.07401  0.00693  10 DT A P     
289 O OP1   . DT A 10 ? 0.23509 0.41793 0.31456 -0.03410 0.07911  -0.00252 10 DT A OP1   
290 O OP2   . DT A 10 ? 0.31459 0.49101 0.33340 -0.03944 0.08483  0.00860  10 DT A OP2   
291 O "O5'" . DT A 10 ? 0.25269 0.38371 0.29979 -0.04000 0.06434  0.02841  10 DT A "O5'" 
292 C "C5'" . DT A 10 ? 0.33542 0.47270 0.39788 -0.05720 0.07008  0.04843  10 DT A "C5'" 
293 C "C4'" . DT A 10 ? 0.33718 0.44352 0.41803 -0.05799 0.05844  0.05849  10 DT A "C4'" 
294 O "O4'" . DT A 10 ? 0.28680 0.39046 0.39359 -0.04952 0.05096  0.03606  10 DT A "O4'" 
295 C "C3'" . DT A 10 ? 0.31994 0.40301 0.37815 -0.04881 0.04725  0.06504  10 DT A "C3'" 
296 O "O3'" . DT A 10 ? 0.33042 0.39444 0.40157 -0.05454 0.04229  0.08635  10 DT A "O3'" 
297 C "C2'" . DT A 10 ? 0.31699 0.38884 0.38018 -0.03408 0.03789  0.04282  10 DT A "C2'" 
298 C "C1'" . DT A 10 ? 0.32069 0.40154 0.41863 -0.03679 0.03816  0.03027  10 DT A "C1'" 
299 N N1    . DT A 10 ? 0.28496 0.37533 0.38274 -0.02211 0.03286  0.00842  10 DT A N1    
300 C C2    . DT A 10 ? 0.31777 0.40183 0.42644 -0.01378 0.02168  -0.00413 10 DT A C2    
301 O O2    . DT A 10 ? 0.32927 0.39827 0.45227 -0.01793 0.01658  -0.00265 10 DT A O2    
302 N N3    . DT A 10 ? 0.30454 0.40295 0.40709 0.00129  0.01653  -0.01873 10 DT A N3    
303 C C4    . DT A 10 ? 0.24767 0.35954 0.34064 0.01044  0.02075  -0.02167 10 DT A C4    
304 O O4    . DT A 10 ? 0.25307 0.37493 0.34243 0.02672  0.01406  -0.03007 10 DT A O4    
305 C C5    . DT A 10 ? 0.21776 0.33396 0.30568 0.00104  0.03349  -0.01400 10 DT A C5    
306 C C7    . DT A 10 ? 0.25193 0.38304 0.33553 0.01150  0.03982  -0.02240 10 DT A C7    
307 C C6    . DT A 10 ? 0.25926 0.36770 0.34683 -0.01541 0.03905  0.00057  10 DT A C6    
320 P P     . DA A 11 ? 0.36608 0.42687 0.40998 -0.05317 0.03711  0.10944  11 DA A P     
321 O OP1   . DA A 11 ? 0.35856 0.39853 0.42593 -0.05838 0.03315  0.13689  11 DA A OP1   
322 O OP2   . DA A 11 ? 0.40093 0.49347 0.41128 -0.05836 0.04690  0.11102  11 DA A OP2   
323 O "O5'" . DA A 11 ? 0.32524 0.37356 0.36099 -0.03841 0.02560  0.09158  11 DA A "O5'" 
324 C "C5'" . DA A 11 ? 0.32143 0.34832 0.38313 -0.03121 0.01659  0.08420  11 DA A "C5'" 
325 C "C4'" . DA A 11 ? 0.27139 0.29559 0.31928 -0.02070 0.00828  0.07678  11 DA A "C4'" 
326 O "O4'" . DA A 11 ? 0.26722 0.30027 0.29385 -0.01744 0.01254  0.05839  11 DA A "O4'" 
327 C "C3'" . DA A 11 ? 0.23018 0.26359 0.25995 -0.02122 0.00371  0.09609  11 DA A "C3'" 
328 O "O3'" . DA A 11 ? 0.33592 0.35515 0.38920 -0.01637 -0.00542 0.11256  11 DA A "O3'" 
329 C "C2'" . DA A 11 ? 0.30879 0.35065 0.31994 -0.01607 0.00164  0.07824  11 DA A "C2'" 
330 C "C1'" . DA A 11 ? 0.27381 0.31347 0.27927 -0.01616 0.01018  0.05850  11 DA A "C1'" 
331 N N9    . DA A 11 ? 0.28746 0.34101 0.27012 -0.02131 0.01857  0.05288  11 DA A N9    
332 C C8    . DA A 11 ? 0.27973 0.34260 0.26118 -0.02534 0.02771  0.05054  11 DA A C8    
333 N N7    . DA A 11 ? 0.26891 0.34449 0.23205 -0.02718 0.03463  0.03871  11 DA A N7    
334 C C5    . DA A 11 ? 0.26713 0.33941 0.21948 -0.02644 0.02939  0.03349  11 DA A C5    
335 C C6    . DA A 11 ? 0.31075 0.39077 0.24820 -0.02971 0.03267  0.01727  11 DA A C6    
336 N N6    . DA A 11 ? 0.34194 0.43324 0.27157 -0.03194 0.04231  0.00142  11 DA A N6    
337 N N1    . DA A 11 ? 0.30149 0.37962 0.23748 -0.03121 0.02643  0.01390  11 DA A N1    
338 C C2    . DA A 11 ? 0.30415 0.37571 0.25160 -0.02720 0.01760  0.02617  11 DA A C2    
339 N N3    . DA A 11 ? 0.28657 0.34868 0.24867 -0.02184 0.01359  0.03994  11 DA A N3    
340 C C4    . DA A 11 ? 0.27175 0.33317 0.23566 -0.02281 0.01978  0.04301  11 DA A C4    
352 P P     . DT A 12 ? 0.39432 0.42213 0.43824 -0.01722 -0.01129 0.14764  12 DT A P     
353 O OP1   . DT A 12 ? 0.48517 0.48553 0.56860 -0.00883 -0.02023 0.16112  12 DT A OP1   
354 O OP2   . DT A 12 ? 0.36354 0.40911 0.38426 -0.03029 -0.00092 0.16584  12 DT A OP2   
355 O "O5'" . DT A 12 ? 0.37948 0.43254 0.39909 -0.01068 -0.01954 0.13953  12 DT A "O5'" 
356 C "C5'" . DT A 12 ? 0.34244 0.39177 0.37859 -0.00005 -0.02751 0.12273  12 DT A "C5'" 
357 C "C4'" . DT A 12 ? 0.24881 0.32841 0.26140 -0.00057 -0.03137 0.11275  12 DT A "C4'" 
358 O "O4'" . DT A 12 ? 0.28480 0.37213 0.27133 -0.01139 -0.01949 0.09539  12 DT A "O4'" 
359 C "C3'" . DT A 12 ? 0.35691 0.46513 0.35377 0.00104  -0.04192 0.13694  12 DT A "C3'" 
360 O "O3'" . DT A 12 ? 0.31467 0.44860 0.31364 0.00658  -0.05200 0.12452  12 DT A "O3'" 
361 C "C2'" . DT A 12 ? 0.36809 0.49617 0.32896 -0.01245 -0.03157 0.13585  12 DT A "C2'" 
362 C "C1'" . DT A 12 ? 0.34709 0.46580 0.30548 -0.01792 -0.02055 0.10116  12 DT A "C1'" 
363 N N1    . DT A 12 ? 0.28771 0.40936 0.22679 -0.02772 -0.00639 0.09206  12 DT A N1    
364 C C2    . DT A 12 ? 0.33044 0.46699 0.25217 -0.03394 -0.00014 0.06633  12 DT A C2    
365 O O2    . DT A 12 ? 0.33626 0.48367 0.25710 -0.03500 -0.00491 0.05084  12 DT A O2    
366 N N3    . DT A 12 ? 0.32620 0.46483 0.23743 -0.03931 0.01267  0.05687  12 DT A N3    
367 C C4    . DT A 12 ? 0.32448 0.45789 0.24007 -0.04087 0.02026  0.07042  12 DT A C4    
368 O O4    . DT A 12 ? 0.30463 0.44752 0.21350 -0.04489 0.03227  0.05786  12 DT A O4    
369 C C5    . DT A 12 ? 0.32920 0.44607 0.26377 -0.03769 0.01382  0.09763  12 DT A C5    
370 C C7    . DT A 12 ? 0.27724 0.38680 0.22498 -0.04303 0.02233  0.11286  12 DT A C7    
371 C C6    . DT A 12 ? 0.32887 0.43827 0.27433 -0.03047 0.00083  0.10653  12 DT A C6    
384 P P     . DT A 13 ? 0.39030 0.56394 0.37977 0.01366  -0.06914 0.14575  13 DT A P     
385 O OP1   . DT A 13 ? 0.35605 0.54600 0.36946 0.02181  -0.07802 0.12524  13 DT A OP1   
386 O OP2   . DT A 13 ? 0.45928 0.62080 0.45397 0.02178  -0.07617 0.18818  13 DT A OP2   
387 O "O5'" . DT A 13 ? 0.39767 0.60869 0.34433 -0.00128 -0.06364 0.13534  13 DT A "O5'" 
388 C "C5'" . DT A 13 ? 0.37596 0.64055 0.30260 0.00030  -0.07795 0.14129  13 DT A "C5'" 
389 C "C4'" . DT A 13 ? 0.32643 0.62262 0.22692 -0.01584 -0.07001 0.10613  13 DT A "C4'" 
390 O "O4'" . DT A 13 ? 0.33755 0.60954 0.25841 -0.02276 -0.05960 0.07005  13 DT A "O4'" 
391 C "C3'" . DT A 13 ? 0.37388 0.66885 0.24441 -0.02753 -0.05413 0.10548  13 DT A "C3'" 
392 O "O3'" . DT A 13 ? 0.41705 0.75593 0.26564 -0.03631 -0.05312 0.08189  13 DT A "O3'" 
393 C "C2'" . DT A 13 ? 0.36139 0.60912 0.24894 -0.03311 -0.03695 0.08029  13 DT A "C2'" 
394 C "C1'" . DT A 13 ? 0.32980 0.58108 0.23614 -0.03458 -0.04116 0.05191  13 DT A "C1'" 
395 N N1    . DT A 13 ? 0.28584 0.49212 0.21462 -0.03473 -0.03015 0.03796  13 DT A N1    
396 C C2    . DT A 13 ? 0.31561 0.50636 0.24144 -0.04493 -0.01605 0.01069  13 DT A C2    
397 O O2    . DT A 13 ? 0.34302 0.55272 0.25324 -0.05439 -0.01119 -0.00845 13 DT A O2    
398 N N3    . DT A 13 ? 0.31962 0.47259 0.26270 -0.04255 -0.00791 0.00624  13 DT A N3    
399 C C4    . DT A 13 ? 0.31931 0.45446 0.28094 -0.03235 -0.01166 0.01987  13 DT A C4    
400 O O4    . DT A 13 ? 0.33722 0.44686 0.30873 -0.03091 -0.00381 0.01375  13 DT A O4    
401 C C5    . DT A 13 ? 0.31453 0.46477 0.28388 -0.02240 -0.02565 0.04169  13 DT A C5    
402 C C7    . DT A 13 ? 0.31396 0.44605 0.31005 -0.01007 -0.03026 0.05110  13 DT A C7    
403 C C6    . DT A 13 ? 0.31129 0.49352 0.26435 -0.02349 -0.03449 0.05257  13 DT A C6    
416 P P     . DC A 14 ? 0.42637 0.78252 0.25033 -0.04262 -0.04127 0.08615  14 DC A P     
417 O OP1   . DC A 14 ? 0.41241 0.81966 0.22441 -0.04785 -0.04573 0.05895  14 DC A OP1   
418 O OP2   . DC A 14 ? 0.51605 0.85641 0.34010 -0.03523 -0.04260 0.13142  14 DC A OP2   
419 O "O5'" . DC A 14 ? 0.47419 0.80366 0.29634 -0.05202 -0.02142 0.06340  14 DC A "O5'" 
420 C "C5'" . DC A 14 ? 0.48998 0.81490 0.31677 -0.05965 -0.01502 0.02159  14 DC A "C5'" 
421 C "C4'" . DC A 14 ? 0.44962 0.74739 0.27642 -0.06362 0.00416  0.00790  14 DC A "C4'" 
422 O "O4'" . DC A 14 ? 0.36313 0.61937 0.20601 -0.05661 0.00681  0.03684  14 DC A "O4'" 
423 C "C3'" . DC A 14 ? 0.43808 0.76130 0.25245 -0.06694 0.01370  0.00315  14 DC A "C3'" 
424 O "O3'" . DC A 14 ? 0.41266 0.72879 0.23281 -0.07120 0.02729  -0.03510 14 DC A "O3'" 
425 C "C2'" . DC A 14 ? 0.44737 0.75408 0.26226 -0.06355 0.01836  0.04149  14 DC A "C2'" 
426 C "C1'" . DC A 14 ? 0.40525 0.66790 0.23806 -0.05928 0.01825  0.05112  14 DC A "C1'" 
427 N N1    . DC A 14 ? 0.45598 0.69780 0.30042 -0.05457 0.01314  0.09313  14 DC A N1    
428 C C2    . DC A 14 ? 0.45747 0.68284 0.31239 -0.05762 0.02554  0.10625  14 DC A C2    
429 O O2    . DC A 14 ? 0.49208 0.72573 0.34442 -0.06204 0.03966  0.08407  14 DC A O2    
430 N N3    . DC A 14 ? 0.54191 0.74290 0.41543 -0.05550 0.02160  0.14047  14 DC A N3    
431 C C4    . DC A 14 ? 0.51864 0.70900 0.40107 -0.04720 0.00555  0.16179  14 DC A C4    
432 N N4    . DC A 14 ? 0.56684 0.72646 0.47538 -0.04435 0.00268  0.19147  14 DC A N4    
433 C C5    . DC A 14 ? 0.50641 0.71776 0.37779 -0.04129 -0.00823 0.14975  14 DC A C5    
434 C C6    . DC A 14 ? 0.47850 0.71560 0.33125 -0.04685 -0.00359 0.11490  14 DC A C6    
446 P P     . DA A 15 ? 0.59301 0.94313 0.41326 -0.07823 0.02649  -0.07659 15 DA A P     
447 O OP1   . DA A 15 ? 0.54645 0.94930 0.34894 -0.07942 0.01853  -0.06448 15 DA A OP1   
448 O OP2   . DA A 15 ? 0.64632 0.97428 0.48077 -0.07913 0.04248  -0.11097 15 DA A OP2   
449 O "O5'" . DA A 15 ? 0.45100 0.79175 0.28354 -0.08151 0.01583  -0.08938 15 DA A "O5'" 
450 C "C5'" . DA A 15 ? 0.40611 0.71084 0.25780 -0.08621 0.02445  -0.12054 15 DA A "C5'" 
451 C "C4'" . DA A 15 ? 0.37413 0.66006 0.24029 -0.08793 0.01497  -0.11415 15 DA A "C4'" 
452 O "O4'" . DA A 15 ? 0.35447 0.61399 0.22405 -0.07623 0.00982  -0.07170 15 DA A "O4'" 
453 C "C3'" . DA A 15 ? 0.35648 0.59260 0.25345 -0.09284 0.02517  -0.13723 15 DA A "C3'" 
454 O "O3'" . DA A 15 ? 0.36612 0.61200 0.27917 -0.10100 0.01626  -0.14373 15 DA A "O3'" 
455 C "C2'" . DA A 15 ? 0.35335 0.53766 0.25863 -0.08021 0.03135  -0.10822 15 DA A "C2'" 
456 C "C1'" . DA A 15 ? 0.33246 0.53509 0.22466 -0.07188 0.01907  -0.07023 15 DA A "C1'" 
457 N N9    . DA A 15 ? 0.38574 0.57171 0.27264 -0.06242 0.02387  -0.04576 15 DA A N9    
458 C C8    . DA A 15 ? 0.37045 0.54401 0.26211 -0.05423 0.01708  -0.01322 15 DA A C8    
459 N N7    . DA A 15 ? 0.34202 0.50701 0.23166 -0.05035 0.02365  0.00071  15 DA A N7    
460 C C5    . DA A 15 ? 0.35329 0.52994 0.23448 -0.05449 0.03551  -0.02323 15 DA A C5    
461 C C6    . DA A 15 ? 0.39388 0.57564 0.27301 -0.05317 0.04743  -0.02540 15 DA A C6    
462 N N6    . DA A 15 ? 0.34300 0.51784 0.22858 -0.05015 0.04925  -0.00094 15 DA A N6    
463 N N1    . DA A 15 ? 0.45805 0.65456 0.33357 -0.05569 0.05810  -0.05711 15 DA A N1    
464 C C2    . DA A 15 ? 0.45962 0.66196 0.33425 -0.06123 0.05662  -0.08556 15 DA A C2    
465 N N3    . DA A 15 ? 0.42032 0.61961 0.29737 -0.06585 0.04603  -0.08631 15 DA A N3    
466 C C4    . DA A 15 ? 0.37303 0.56063 0.25267 -0.06126 0.03572  -0.05313 15 DA A C4    
478 P P     . DT A 16 ? 0.46933 0.66924 0.41626 -0.11068 0.02629  -0.16018 16 DT A P     
479 O OP1   . DT A 16 ? 0.39245 0.63397 0.35252 -0.12668 0.01835  -0.18700 16 DT A OP1   
480 O OP2   . DT A 16 ? 0.48566 0.63810 0.44209 -0.10944 0.04303  -0.17456 16 DT A OP2   
481 O "O5'" . DT A 16 ? 0.36306 0.53219 0.31625 -0.09931 0.02399  -0.12207 16 DT A "O5'" 
482 C "C5'" . DT A 16 ? 0.32254 0.52215 0.27394 -0.09375 0.00927  -0.10187 16 DT A "C5'" 
483 C "C4'" . DT A 16 ? 0.28954 0.45493 0.24883 -0.08163 0.01068  -0.07317 16 DT A "C4'" 
484 O "O4'" . DT A 16 ? 0.34221 0.48625 0.28654 -0.06930 0.01354  -0.05424 16 DT A "O4'" 
485 C "C3'" . DT A 16 ? 0.35334 0.47793 0.33093 -0.08716 0.02424  -0.07715 16 DT A "C3'" 
486 O "O3'" . DT A 16 ? 0.28303 0.40994 0.27094 -0.08029 0.01988  -0.05989 16 DT A "O3'" 
487 C "C2'" . DT A 16 ? 0.32029 0.40384 0.28821 -0.07860 0.03448  -0.07032 16 DT A "C2'" 
488 C "C1'" . DT A 16 ? 0.31224 0.41101 0.26478 -0.06516 0.02485  -0.04989 16 DT A "C1'" 
489 N N1    . DT A 16 ? 0.31982 0.40467 0.26086 -0.05800 0.03079  -0.04715 16 DT A N1    
490 C C2    . DT A 16 ? 0.27294 0.35660 0.20946 -0.04739 0.02651  -0.02510 16 DT A C2    
491 O O2    . DT A 16 ? 0.29887 0.38558 0.24163 -0.04233 0.01835  -0.00899 16 DT A O2    
492 N N3    . DT A 16 ? 0.29805 0.37688 0.22821 -0.04313 0.03298  -0.02537 16 DT A N3    
493 C C4    . DT A 16 ? 0.33368 0.41061 0.26144 -0.04557 0.04275  -0.04649 16 DT A C4    
494 O O4    . DT A 16 ? 0.37847 0.45768 0.30415 -0.04031 0.04872  -0.04743 16 DT A O4    
495 C C5    . DT A 16 ? 0.39991 0.47396 0.33339 -0.05537 0.04631  -0.07077 16 DT A C5    
496 C C7    . DT A 16 ? 0.38384 0.45199 0.32212 -0.05754 0.05720  -0.09984 16 DT A C7    
497 C C6    . DT A 16 ? 0.35685 0.43503 0.29673 -0.06268 0.04035  -0.06957 16 DT A C6    
510 P P     . DA A 17 ? 0.26012 0.35879 0.26267 -0.08466 0.03293  -0.05611 17 DA A P     
511 O OP1   . DA A 17 ? 0.27944 0.41189 0.30141 -0.08784 0.02776  -0.05790 17 DA A OP1   
512 O OP2   . DA A 17 ? 0.27506 0.34046 0.28207 -0.09751 0.04822  -0.06809 17 DA A OP2   
513 O "O5'" . DA A 17 ? 0.30480 0.37869 0.29526 -0.06634 0.03270  -0.03394 17 DA A "O5'" 
514 C "C5'" . DA A 17 ? 0.26890 0.35933 0.26092 -0.05275 0.02085  -0.02110 17 DA A "C5'" 
515 C "C4'" . DA A 17 ? 0.24875 0.32131 0.24264 -0.04283 0.02550  -0.01090 17 DA A "C4'" 
516 O "O4'" . DA A 17 ? 0.27197 0.31686 0.25195 -0.03566 0.02939  -0.00388 17 DA A "O4'" 
517 C "C3'" . DA A 17 ? 0.21131 0.27861 0.21058 -0.05152 0.03844  -0.01387 17 DA A "C3'" 
518 O "O3'" . DA A 17 ? 0.25106 0.33018 0.25683 -0.04251 0.03798  -0.01001 17 DA A "O3'" 
519 C "C2'" . DA A 17 ? 0.24200 0.27267 0.22668 -0.05185 0.04866  -0.00808 17 DA A "C2'" 
520 C "C1'" . DA A 17 ? 0.25724 0.28272 0.23315 -0.03592 0.04027  -0.00056 17 DA A "C1'" 
521 N N9    . DA A 17 ? 0.27135 0.27116 0.23666 -0.03107 0.04449  0.00273  17 DA A N9    
522 C C8    . DA A 17 ? 0.28524 0.26100 0.24919 -0.03716 0.05406  -0.00059 17 DA A C8    
523 N N7    . DA A 17 ? 0.33326 0.29156 0.29205 -0.02680 0.05480  0.00196  17 DA A N7    
524 C C5    . DA A 17 ? 0.28401 0.25845 0.23993 -0.01595 0.04570  0.00714  17 DA A C5    
525 C C6    . DA A 17 ? 0.26419 0.23807 0.21897 -0.00380 0.04210  0.00962  17 DA A C6    
526 N N6    . DA A 17 ? 0.32766 0.28570 0.28285 0.00308  0.04654  0.00753  17 DA A N6    
527 N N1    . DA A 17 ? 0.23180 0.22288 0.19082 0.00097  0.03401  0.01218  17 DA A N1    
528 C C2    . DA A 17 ? 0.29731 0.30166 0.26171 -0.00297 0.02921  0.01272  17 DA A C2    
529 N N3    . DA A 17 ? 0.26540 0.27518 0.23124 -0.01104 0.03095  0.01067  17 DA A N3    
530 C C4    . DA A 17 ? 0.27276 0.26883 0.23344 -0.01867 0.03956  0.00779  17 DA A C4    
542 P P     . DG A 18 ? 0.24232 0.36034 0.27220 -0.04349 0.03439  -0.01926 18 DG A P     
543 O OP1   . DG A 18 ? 0.22854 0.36693 0.27045 -0.03744 0.01777  -0.02127 18 DG A OP1   
544 O OP2   . DG A 18 ? 0.22003 0.34681 0.25647 -0.06140 0.04901  -0.02495 18 DG A OP2   
545 O "O5'" . DG A 18 ? 0.21834 0.34196 0.25184 -0.02847 0.03400  -0.01840 18 DG A "O5'" 
546 C "C5'" . DG A 18 ? 0.21935 0.33474 0.25659 -0.01306 0.02174  -0.01565 18 DG A "C5'" 
547 C "C4'" . DG A 18 ? 0.17757 0.27901 0.20161 -0.00575 0.02608  -0.01416 18 DG A "C4'" 
548 O "O4'" . DG A 18 ? 0.21687 0.29103 0.21754 -0.01027 0.03064  -0.00367 18 DG A "O4'" 
549 C "C3'" . DG A 18 ? 0.19793 0.31871 0.21736 -0.00731 0.03817  -0.01997 18 DG A "C3'" 
550 O "O3'" . DG A 18 ? 0.23475 0.36504 0.25634 0.00541  0.03516  -0.02923 18 DG A "O3'" 
551 C "C2'" . DG A 18 ? 0.20282 0.30177 0.19574 -0.01676 0.04947  -0.00580 18 DG A "C2'" 
552 C "C1'" . DG A 18 ? 0.22581 0.29798 0.21048 -0.00963 0.04051  0.00010  18 DG A "C1'" 
553 N N9    . DG A 18 ? 0.24904 0.29372 0.21609 -0.01483 0.04729  0.01178  18 DG A N9    
554 C C8    . DG A 18 ? 0.29669 0.32922 0.26039 -0.02852 0.05895  0.01715  18 DG A C8    
555 N N7    . DG A 18 ? 0.30722 0.30951 0.26018 -0.02775 0.06281  0.02621  18 DG A N7    
556 C C5    . DG A 18 ? 0.26989 0.27046 0.21735 -0.01260 0.05298  0.02670  18 DG A C5    
557 C C6    . DG A 18 ? 0.31414 0.29354 0.25428 -0.00329 0.05150  0.03269  18 DG A C6    
558 O O6    . DG A 18 ? 0.33683 0.28886 0.27423 -0.00451 0.05849  0.03939  18 DG A O6    
559 N N1    . DG A 18 ? 0.30128 0.29366 0.24359 0.00857  0.04100  0.02819  18 DG A N1    
560 C C2    . DG A 18 ? 0.27302 0.28798 0.22529 0.01047  0.03342  0.01925  18 DG A C2    
561 N N2    . DG A 18 ? 0.29121 0.31290 0.25050 0.01893  0.02522  0.01438  18 DG A N2    
562 N N3    . DG A 18 ? 0.25581 0.28616 0.21612 0.00467  0.03419  0.01374  18 DG A N3    
563 C C4    . DG A 18 ? 0.24725 0.27266 0.20354 -0.00639 0.04395  0.01789  18 DG A C4    
575 P P     . DG A 19 ? 0.25436 0.41825 0.30537 0.01482  0.03267  -0.05091 19 DG A P     
576 O OP1   . DG A 19 ? 0.23051 0.38892 0.30786 0.01756  0.02088  -0.04951 19 DG A OP1   
577 O OP2   . DG A 19 ? 0.26534 0.46424 0.31182 0.00880  0.04750  -0.05821 19 DG A OP2   
578 O "O5'" . DG A 19 ? 0.21898 0.37910 0.27468 0.02788  0.02510  -0.06344 19 DG A "O5'" 
579 C "C5'" . DG A 19 ? 0.25484 0.38449 0.31789 0.03112  0.01383  -0.05636 19 DG A "C5'" 
580 C "C4'" . DG A 19 ? 0.31813 0.44433 0.36854 0.03511  0.01224  -0.06146 19 DG A "C4'" 
581 O "O4'" . DG A 19 ? 0.33026 0.44345 0.34659 0.02907  0.01768  -0.04196 19 DG A "O4'" 
582 C "C3'" . DG A 19 ? 0.29441 0.45558 0.34277 0.04189  0.01589  -0.08458 19 DG A "C3'" 
583 O "O3'" . DG A 19 ? 0.24090 0.40163 0.30250 0.04821  0.00727  -0.10113 19 DG A "O3'" 
584 C "C2'" . DG A 19 ? 0.23009 0.40156 0.23611 0.03639  0.02696  -0.06756 19 DG A "C2'" 
585 C "C1'" . DG A 19 ? 0.27516 0.41003 0.26764 0.03244  0.02352  -0.04463 19 DG A "C1'" 
586 N N9    . DG A 19 ? 0.24417 0.36574 0.20873 0.02477  0.03350  -0.02103 19 DG A N9    
587 C C8    . DG A 19 ? 0.25924 0.38555 0.21737 0.01435  0.04566  -0.01255 19 DG A C8    
588 N N7    . DG A 19 ? 0.26110 0.36364 0.19988 0.00762  0.05310  0.00869  19 DG A N7    
589 C C5    . DG A 19 ? 0.24681 0.33046 0.17873 0.01684  0.04430  0.01379  19 DG A C5    
590 C C6    . DG A 19 ? 0.32822 0.38309 0.24564 0.01848  0.04622  0.03198  19 DG A C6    
591 O O6    . DG A 19 ? 0.33319 0.36599 0.24121 0.01116  0.05655  0.04864  19 DG A O6    
592 N N1    . DG A 19 ? 0.29810 0.35082 0.21823 0.03010  0.03515  0.02779  19 DG A N1    
593 C C2    . DG A 19 ? 0.31840 0.39111 0.25429 0.03583  0.02469  0.00898  19 DG A C2    
594 N N2    . DG A 19 ? 0.31137 0.38269 0.25277 0.04366  0.01630  0.00603  19 DG A N2    
595 N N3    . DG A 19 ? 0.24121 0.33369 0.19231 0.03380  0.02308  -0.00772 19 DG A N3    
596 C C4    . DG A 19 ? 0.22024 0.31835 0.16747 0.02587  0.03277  -0.00427 19 DG A C4    
608 P P     . DC A 20 ? 0.27889 0.47781 0.35619 0.05704  0.00615  -0.13867 20 DC A P     
609 O OP1   . DC A 20 ? 0.27358 0.51248 0.32743 0.05713  0.01830  -0.14307 20 DC A OP1   
610 O OP2   . DC A 20 ? 0.30249 0.50501 0.37588 0.05901  -0.00155 -0.14838 20 DC A OP2   
611 O "O5'" . DC A 20 ? 0.28010 0.46596 0.41221 0.06283  -0.00009 -0.15815 20 DC A "O5'" 
612 C "C5'" . DC A 20 ? 0.25424 0.41071 0.42353 0.06402  -0.01033 -0.16612 20 DC A "C5'" 
613 C "C4'" . DC A 20 ? 0.32157 0.43933 0.51585 0.06322  -0.01514 -0.14220 20 DC A "C4'" 
614 O "O4'" . DC A 20 ? 0.25421 0.38542 0.46499 0.07091  -0.01354 -0.14636 20 DC A "O4'" 
615 C "C3'" . DC A 20 ? 0.32245 0.41943 0.48322 0.05332  -0.01362 -0.10427 20 DC A "C3'" 
616 O "O3'" . DC A 20 ? 0.33224 0.40676 0.49830 0.04749  -0.01749 -0.09671 20 DC A "O3'" 
617 C "C2'" . DC A 20 ? 0.30145 0.38600 0.47815 0.05581  -0.01707 -0.08654 20 DC A "C2'" 
618 C "C1'" . DC A 20 ? 0.28549 0.39682 0.49004 0.06739  -0.01629 -0.11346 20 DC A "C1'" 
619 N N1    . DC A 20 ? 0.30867 0.45119 0.49176 0.06500  -0.00799 -0.11150 20 DC A N1    
620 C C2    . DC A 20 ? 0.24209 0.38414 0.43013 0.06434  -0.01131 -0.09304 20 DC A C2    
621 O O2    . DC A 20 ? 0.35451 0.47063 0.55807 0.06739  -0.02190 -0.07450 20 DC A O2    
622 N N3    . DC A 20 ? 0.20216 0.37600 0.37782 0.05912  -0.00257 -0.09529 20 DC A N3    
623 C C4    . DC A 20 ? 0.27133 0.47399 0.42805 0.05475  0.01077  -0.11050 20 DC A C4    
624 N N4    . DC A 20 ? 0.32984 0.56309 0.47788 0.04630  0.02189  -0.11008 20 DC A N4    
625 C C5    . DC A 20 ? 0.30535 0.51136 0.45154 0.05785  0.01341  -0.12653 20 DC A C5    
626 C C6    . DC A 20 ? 0.31412 0.49116 0.47609 0.06319  0.00288  -0.12927 20 DC A C6    
638 P P     . DG A 21 ? 0.33194 0.45648 0.31740 0.06801  -0.04835 -0.06720 21 DG A P     
639 O OP1   . DG A 21 ? 0.34638 0.41865 0.33108 0.05420  -0.05197 -0.07125 21 DG A OP1   
640 O OP2   . DG A 21 ? 0.28689 0.45573 0.27123 0.04949  -0.04974 -0.07682 21 DG A OP2   
641 O "O5'" . DG A 21 ? 0.30368 0.43925 0.29303 0.07892  -0.04650 -0.04885 21 DG A "O5'" 
642 C "C5'" . DG A 21 ? 0.29054 0.39099 0.27711 0.10033  -0.04156 -0.03387 21 DG A "C5'" 
643 C "C4'" . DG A 21 ? 0.23313 0.31236 0.22424 0.09100  -0.04119 -0.02089 21 DG A "C4'" 
644 O "O4'" . DG A 21 ? 0.25264 0.38352 0.24442 0.08899  -0.04144 -0.01459 21 DG A "O4'" 
645 C "C3'" . DG A 21 ? 0.28703 0.33959 0.28548 0.06452  -0.04554 -0.02926 21 DG A "C3'" 
646 O "O3'" . DG A 21 ? 0.31262 0.31182 0.30894 0.05849  -0.04624 -0.02499 21 DG A "O3'" 
647 C "C2'" . DG A 21 ? 0.29192 0.36840 0.29685 0.05716  -0.04238 -0.01982 21 DG A "C2'" 
648 C "C1'" . DG A 21 ? 0.26688 0.38864 0.26158 0.06932  -0.04056 -0.01697 21 DG A "C1'" 
649 N N9    . DG A 21 ? 0.27045 0.42217 0.25542 0.05427  -0.04140 -0.03332 21 DG A N9    
650 C C8    . DG A 21 ? 0.26816 0.45699 0.24547 0.05006  -0.04542 -0.04494 21 DG A C8    
651 N N7    . DG A 21 ? 0.28828 0.48655 0.24957 0.02864  -0.04372 -0.05935 21 DG A N7    
652 C C5    . DG A 21 ? 0.27320 0.43826 0.23096 0.02619  -0.03580 -0.05601 21 DG A C5    
653 C C6    . DG A 21 ? 0.28582 0.43279 0.22102 0.01239  -0.02563 -0.06667 21 DG A C6    
654 O O6    . DG A 21 ? 0.23515 0.37953 0.14502 -0.00677 -0.02207 -0.08286 21 DG A O6    
655 N N1    . DG A 21 ? 0.29559 0.41924 0.23883 0.02235  -0.01587 -0.05389 21 DG A N1    
656 C C2    . DG A 21 ? 0.24659 0.36802 0.21746 0.03479  -0.01870 -0.03388 21 DG A C2    
657 N N2    . DG A 21 ? 0.29229 0.40382 0.27268 0.03948  -0.00812 -0.02040 21 DG A N2    
658 N N3    . DG A 21 ? 0.29792 0.42331 0.28319 0.04177  -0.02865 -0.02674 21 DG A N3    
659 C C4    . DG A 21 ? 0.20848 0.35442 0.18524 0.04090  -0.03547 -0.03835 21 DG A C4    
671 P P     . DT A 22 ? 0.33345 0.31344 0.33568 0.03094  -0.05522 -0.03511 22 DT A P     
672 O OP1   . DT A 22 ? 0.38375 0.30615 0.37323 0.01913  -0.05719 -0.03366 22 DT A OP1   
673 O OP2   . DT A 22 ? 0.29927 0.29676 0.29479 0.03184  -0.05842 -0.05367 22 DT A OP2   
674 O "O5'" . DT A 22 ? 0.32274 0.33641 0.34717 0.01957  -0.05439 -0.02314 22 DT A "O5'" 
675 C "C5'" . DT A 22 ? 0.25453 0.26810 0.29041 0.01660  -0.04936 -0.00243 22 DT A "C5'" 
676 C "C4'" . DT A 22 ? 0.23252 0.28004 0.28888 0.00925  -0.04575 0.00759  22 DT A "C4'" 
677 O "O4'" . DT A 22 ? 0.28496 0.35555 0.33073 0.02245  -0.03772 -0.00122 22 DT A "O4'" 
678 C "C3'" . DT A 22 ? 0.26398 0.31977 0.33515 -0.00770 -0.05479 0.00570  22 DT A "C3'" 
679 O "O3'" . DT A 22 ? 0.28400 0.36795 0.38176 -0.01660 -0.05170 0.02800  22 DT A "O3'" 
680 C "C2'" . DT A 22 ? 0.26566 0.33455 0.32760 0.00307  -0.05130 -0.00848 22 DT A "C2'" 
681 C "C1'" . DT A 22 ? 0.30105 0.37994 0.35157 0.01830  -0.03733 -0.00764 22 DT A "C1'" 
682 N N1    . DT A 22 ? 0.24683 0.32493 0.27352 0.02308  -0.03405 -0.02722 22 DT A N1    
683 C C2    . DT A 22 ? 0.24634 0.32609 0.25905 0.02703  -0.02059 -0.03059 22 DT A C2    
684 O O2    . DT A 22 ? 0.25539 0.33905 0.27556 0.03392  -0.00918 -0.01745 22 DT A O2    
685 N N3    . DT A 22 ? 0.23644 0.31117 0.22295 0.02197  -0.01870 -0.04950 22 DT A N3    
686 C C4    . DT A 22 ? 0.26793 0.35183 0.24809 0.01606  -0.02876 -0.06186 22 DT A C4    
687 O O4    . DT A 22 ? 0.22973 0.31814 0.18833 0.00590  -0.02641 -0.07650 22 DT A O4    
688 C C5    . DT A 22 ? 0.25847 0.34373 0.25586 0.02147  -0.03990 -0.05575 22 DT A C5    
689 C C7    . DT A 22 ? 0.29064 0.38739 0.28240 0.02469  -0.04636 -0.06529 22 DT A C7    
690 C C6    . DT A 22 ? 0.26248 0.33696 0.27785 0.02311  -0.04170 -0.04059 22 DT A C6    
703 P P     . DC A 23 ? 0.29367 0.40526 0.41530 -0.03780 -0.06407 0.03715  23 DC A P     
704 O OP1   . DC A 23 ? 0.34007 0.47703 0.48872 -0.05420 -0.06223 0.06363  23 DC A OP1   
705 O OP2   . DC A 23 ? 0.32077 0.40412 0.42301 -0.05280 -0.08032 0.01670  23 DC A OP2   
706 O "O5'" . DC A 23 ? 0.26994 0.41307 0.39806 -0.01563 -0.05366 0.03995  23 DC A "O5'" 
707 C "C5'" . DC A 23 ? 0.26468 0.42832 0.39987 0.00532  -0.03329 0.05409  23 DC A "C5'" 
708 C "C4'" . DC A 23 ? 0.25641 0.41867 0.37895 0.02719  -0.02056 0.04878  23 DC A "C4'" 
709 O "O4'" . DC A 23 ? 0.27394 0.39563 0.35983 0.02976  -0.01977 0.02077  23 DC A "O4'" 
710 C "C3'" . DC A 23 ? 0.22831 0.41239 0.36549 0.02405  -0.03105 0.05647  23 DC A "C3'" 
711 O "O3'" . DC A 23 ? 0.26866 0.50194 0.43618 0.03947  -0.01986 0.08728  23 DC A "O3'" 
712 C "C2'" . DC A 23 ? 0.31061 0.45503 0.41272 0.03524  -0.02480 0.03452  23 DC A "C2'" 
713 C "C1'" . DC A 23 ? 0.30552 0.41660 0.37815 0.04036  -0.01199 0.01600  23 DC A "C1'" 
714 N N1    . DC A 23 ? 0.26097 0.34019 0.30214 0.03269  -0.01641 -0.01101 23 DC A N1    
715 C C2    . DC A 23 ? 0.26373 0.31343 0.27120 0.03914  0.00050  -0.02407 23 DC A C2    
716 O O2    . DC A 23 ? 0.28106 0.31953 0.27984 0.05561  0.02090  -0.01465 23 DC A O2    
717 N N3    . DC A 23 ? 0.28369 0.31675 0.26675 0.02610  -0.00427 -0.04584 23 DC A N3    
718 C C4    . DC A 23 ? 0.27673 0.32339 0.26863 0.01574  -0.02187 -0.05343 23 DC A C4    
719 N N4    . DC A 23 ? 0.28269 0.32572 0.25475 0.00539  -0.02412 -0.07100 23 DC A N4    
720 C C5    . DC A 23 ? 0.28140 0.34367 0.29972 0.01424  -0.03604 -0.04289 23 DC A C5    
721 C C6    . DC A 23 ? 0.24840 0.32523 0.28973 0.01864  -0.03393 -0.02268 23 DC A C6    
733 P P     . DC A 24 ? 0.29233 0.57185 0.48307 0.04099  -0.03065 0.10753  24 DC A P     
734 O OP1   . DC A 24 ? 0.21505 0.55620 0.44116 0.05468  -0.01835 0.14381  24 DC A OP1   
735 O OP2   . DC A 24 ? 0.23741 0.50936 0.42137 0.00650  -0.06051 0.09095  24 DC A OP2   
736 O "O5'" . DC A 24 ? 0.33571 0.57575 0.49478 0.07328  -0.01011 0.10061  24 DC A "O5'" 
737 C "C5'" . DC A 24 ? 0.38755 0.60599 0.53155 0.10695  0.02307  0.10694  24 DC A "C5'" 
738 C "C4'" . DC A 24 ? 0.35230 0.51238 0.45456 0.12693  0.04075  0.09515  24 DC A "C4'" 
739 O "O4'" . DC A 24 ? 0.36430 0.46787 0.42781 0.10350  0.03297  0.05713  24 DC A "O4'" 
740 C "C3'" . DC A 24 ? 0.36719 0.55154 0.48110 0.13299  0.03038  0.11306  24 DC A "C3'" 
741 O "O3'" . DC A 24 ? 0.45818 0.65458 0.57748 0.17634  0.05778  0.14554  24 DC A "O3'" 
742 C "C2'" . DC A 24 ? 0.44249 0.56270 0.51251 0.11760  0.02573  0.08181  24 DC A "C2'" 
743 C "C1'" . DC A 24 ? 0.32930 0.39702 0.36622 0.10597  0.03581  0.04976  24 DC A "C1'" 
744 N N1    . DC A 24 ? 0.35660 0.40293 0.37487 0.07491  0.01653  0.01875  24 DC A N1    
745 C C2    . DC A 24 ? 0.38461 0.37557 0.35857 0.06773  0.02895  -0.00475 24 DC A C2    
746 O O2    . DC A 24 ? 0.41392 0.35928 0.35697 0.08428  0.05611  -0.00281 24 DC A O2    
747 N N3    . DC A 24 ? 0.37049 0.35852 0.33400 0.04234  0.01291  -0.02808 24 DC A N3    
748 C C4    . DC A 24 ? 0.29402 0.31772 0.28275 0.03024  -0.01090 -0.03003 24 DC A C4    
749 N N4    . DC A 24 ? 0.34207 0.36317 0.31869 0.01340  -0.02128 -0.05038 24 DC A N4    
750 C C5    . DC A 24 ? 0.27150 0.33432 0.29613 0.03361  -0.02323 -0.01047 24 DC A C5    
751 C C6    . DC A 24 ? 0.30723 0.38720 0.34893 0.05319  -0.01073 0.01439  24 DC A C6    
763 P P     . DG A 25 ? 0.45103 0.67302 0.57479 0.18488  0.05178  0.16947  25 DG A P     
764 O OP1   . DG A 25 ? 0.52546 0.78268 0.66087 0.20856  0.07314  0.20166  25 DG A OP1   
765 O OP2   . DG A 25 ? 0.43424 0.69627 0.57644 0.14916  0.01179  0.16215  25 DG A OP2   
766 O "O5'" . DG A 25 ? 0.38954 0.52101 0.46035 0.20832  0.07590  0.15768  25 DG A "O5'" 
767 C "C5'" . DG A 25 ? 0.44701 0.50298 0.47419 0.23034  0.11388  0.14822  25 DG A "C5'" 
768 C "C4'" . DG A 25 ? 0.52791 0.48675 0.49690 0.23108  0.13014  0.12760  25 DG A "C4'" 
769 O "O4'" . DG A 25 ? 0.51231 0.45541 0.46815 0.18085  0.10356  0.08752  25 DG A "O4'" 
770 C "C3'" . DG A 25 ? 0.65207 0.61502 0.61800 0.24434  0.12897  0.15236  25 DG A "C3'" 
771 O "O3'" . DG A 25 ? 0.75198 0.61523 0.65567 0.25718  0.16497  0.14567  25 DG A "O3'" 
772 C "C2'" . DG A 25 ? 0.47685 0.46072 0.44962 0.20059  0.09090  0.13060  25 DG A "C2'" 
773 C "C1'" . DG A 25 ? 0.54551 0.47148 0.48555 0.16794  0.09315  0.08536  25 DG A "C1'" 
774 N N9    . DG A 25 ? 0.48965 0.44159 0.43977 0.12454  0.05989  0.05700  25 DG A N9    
775 C C8    . DG A 25 ? 0.43462 0.45729 0.42706 0.10706  0.02813  0.05782  25 DG A C8    
776 N N7    . DG A 25 ? 0.41118 0.42909 0.39538 0.07537  0.00955  0.02883  25 DG A N7    
777 C C5    . DG A 25 ? 0.40831 0.36328 0.34900 0.06793  0.02734  0.00895  25 DG A C5    
778 C C6    . DG A 25 ? 0.40365 0.34148 0.32306 0.03849  0.02004  -0.02058 25 DG A C6    
779 O O6    . DG A 25 ? 0.36086 0.33002 0.29380 0.02068  -0.00080 -0.03492 25 DG A O6    
780 N N1    . DG A 25 ? 0.47162 0.34888 0.34770 0.03106  0.04237  -0.03156 25 DG A N1    
781 C C2    . DG A 25 ? 0.48301 0.30293 0.32996 0.05188  0.07172  -0.01887 25 DG A C2    
782 N N2    . DG A 25 ? 0.59646 0.34809 0.39303 0.03290  0.09136  -0.03585 25 DG A N2    
783 N N3    . DG A 25 ? 0.52403 0.35304 0.38808 0.08872  0.08295  0.00994  25 DG A N3    
784 C C4    . DG A 25 ? 0.48365 0.39046 0.39917 0.09372  0.05794  0.02361  25 DG A C4    
796 P P     . DC A 26 ? 0.92349 0.77636 0.81241 0.28208  0.18140  0.17611  26 DC A P     
797 O OP1   . DC A 26 ? 1.02299 0.79682 0.85894 0.30485  0.22592  0.17791  26 DC A OP1   
798 O OP2   . DC A 26 ? 0.77786 0.75091 0.73011 0.29159  0.15689  0.21098  26 DC A OP2   
799 O "O5'" . DC A 26 ? 0.85857 0.64319 0.70877 0.25722  0.17402  0.15635  26 DC A "O5'" 
800 C "C5'" . DC A 26 ? 0.77202 0.45267 0.56320 0.22871  0.19010  0.11634  26 DC A "C5'" 
801 C "C4'" . DC A 26 ? 0.88586 0.55062 0.66097 0.18583  0.16925  0.09569  26 DC A "C4'" 
802 O "O4'" . DC A 26 ? 0.84697 0.59181 0.66422 0.14862  0.12893  0.07144  26 DC A "O4'" 
803 C "C3'" . DC A 26 ? 0.89416 0.58785 0.67854 0.19893  0.16009  0.12865  26 DC A "C3'" 
804 O "O3'" . DC A 26 ? 0.99463 0.58835 0.71965 0.20609  0.19348  0.13663  26 DC A "O3'" 
805 C "C2'" . DC A 26 ? 0.74172 0.49884 0.55006 0.15180  0.11888  0.10460  26 DC A "C2'" 
806 C "C1'" . DC A 26 ? 0.68581 0.44944 0.50219 0.12019  0.10769  0.06470  26 DC A "C1'" 
807 N N1    . DC A 26 ? 0.51472 0.36728 0.37798 0.10052  0.06891  0.05521  26 DC A N1    
808 C C2    . DC A 26 ? 0.49083 0.35117 0.34904 0.06179  0.05155  0.02316  26 DC A C2    
809 O O2    . DC A 26 ? 0.58297 0.38965 0.40392 0.03989  0.06585  0.00400  26 DC A O2    
810 N N3    . DC A 26 ? 0.45836 0.38377 0.35016 0.04883  0.02140  0.01494  26 DC A N3    
811 C C4    . DC A 26 ? 0.41869 0.39939 0.34636 0.06394  0.00581  0.03532  26 DC A C4    
812 N N4    . DC A 26 ? 0.38524 0.41266 0.33482 0.04556  -0.02151 0.02364  26 DC A N4    
813 C C5    . DC A 26 ? 0.46704 0.45786 0.40757 0.09830  0.01934  0.07010  26 DC A C5    
814 C C6    . DC A 26 ? 0.48732 0.41329 0.39551 0.12019  0.05212  0.08015  26 DC A C6    
826 P P     . DC A 27 ? 1.10060 0.71112 0.82177 0.20846  0.18523  0.16440  27 DC A P     
827 O OP1   . DC A 27 ? 1.11270 0.66498 0.80178 0.23429  0.22171  0.17882  27 DC A OP1   
828 O OP2   . DC A 27 ? 0.76221 0.49676 0.54168 0.21778  0.14642  0.18884  27 DC A OP2   
829 O "O5'" . DC A 27 ? 0.99820 0.57084 0.68738 0.14746  0.17523  0.12629  27 DC A "O5'" 
830 C "C5'" . DC A 27 ? 0.85887 0.37838 0.52078 0.10673  0.18242  0.08162  27 DC A "C5'" 
831 C "C4'" . DC A 27 ? 0.85028 0.39332 0.50949 0.05189  0.16145  0.05403  27 DC A "C4'" 
832 O "O4'" . DC A 27 ? 0.73568 0.38546 0.45081 0.04044  0.12212  0.03975  27 DC A "O4'" 
833 C "C3'" . DC A 27 ? 0.87043 0.40588 0.51212 0.04920  0.16436  0.07751  27 DC A "C3'" 
834 O "O3'" . DC A 27 ? 1.00452 0.48915 0.60648 -0.00053 0.17481  0.05494  27 DC A "O3'" 
835 C "C2'" . DC A 27 ? 0.77100 0.42319 0.46548 0.05189  0.12479  0.08347  27 DC A "C2'" 
836 C "C1'" . DC A 27 ? 0.66329 0.36715 0.39210 0.03084  0.10165  0.04837  27 DC A "C1'" 
837 N N1    . DC A 27 ? 0.55565 0.35277 0.33578 0.04625  0.06935  0.05453  27 DC A N1    
838 C C2    . DC A 27 ? 0.49358 0.34986 0.29544 0.02027  0.04178  0.02991  27 DC A C2    
839 O O2    . DC A 27 ? 0.47297 0.31854 0.25855 -0.01034 0.04411  0.00734  27 DC A O2    
840 N N3    . DC A 27 ? 0.46228 0.38584 0.30036 0.02888  0.01482  0.03278  27 DC A N3    
841 C C4    . DC A 27 ? 0.43093 0.37908 0.29058 0.05751  0.01203  0.06058  27 DC A C4    
842 N N4    . DC A 27 ? 0.39241 0.40719 0.28480 0.05553  -0.01581 0.06202  27 DC A N4    
843 C C5    . DC A 27 ? 0.48738 0.39224 0.33359 0.08957  0.03977  0.08980  27 DC A C5    
844 C C6    . DC A 27 ? 0.58584 0.40790 0.38879 0.08483  0.06924  0.08467  27 DC A C6    
856 P P     . DG A 28 ? 1.05164 0.47628 0.60870 -0.00852 0.19675  0.07967  28 DG A P     
857 O OP1   . DG A 28 ? 1.18258 0.52611 0.69016 -0.06046 0.21773  0.05136  28 DG A OP1   
858 O OP2   . DG A 28 ? 1.06038 0.46123 0.61150 0.04948  0.21343  0.12516  28 DG A OP2   
859 O "O5'" . DG A 28 ? 0.87680 0.40458 0.46877 -0.02883 0.16443  0.07752  28 DG A "O5'" 
860 C "C5'" . DG A 28 ? 0.83569 0.41961 0.44905 -0.07124 0.14416  0.04142  28 DG A "C5'" 
861 C "C4'" . DG A 28 ? 0.69885 0.37533 0.34177 -0.07269 0.11830  0.04491  28 DG A "C4'" 
862 O "O4'" . DG A 28 ? 0.70553 0.45182 0.39228 -0.04137 0.09092  0.04557  28 DG A "O4'" 
863 C "C3'" . DG A 28 ? 0.81061 0.47393 0.42820 -0.06027 0.12862  0.07972  28 DG A "C3'" 
864 O "O3'" . DG A 28 ? 0.79579 0.50841 0.41303 -0.09111 0.12107  0.07097  28 DG A "O3'" 
865 C "C2'" . DG A 28 ? 0.74172 0.45726 0.38696 -0.01297 0.10924  0.10387  28 DG A "C2'" 
866 C "C1'" . DG A 28 ? 0.66092 0.44723 0.35049 -0.01951 0.07978  0.07208  28 DG A "C1'" 
867 N N9    . DG A 28 ? 0.57573 0.40746 0.29826 0.01445  0.06030  0.08488  28 DG A N9    
868 C C8    . DG A 28 ? 0.63677 0.45109 0.36209 0.05332  0.07022  0.11820  28 DG A C8    
869 N N7    . DG A 28 ? 0.56003 0.44245 0.32389 0.07112  0.04577  0.12458  28 DG A N7    
870 C C5    . DG A 28 ? 0.50260 0.43448 0.28260 0.04178  0.01963  0.09099  28 DG A C5    
871 C C6    . DG A 28 ? 0.47902 0.47784 0.29115 0.03833  -0.01117 0.07958  28 DG A C6    
872 O O6    . DG A 28 ? 0.47831 0.52023 0.31742 0.05526  -0.02538 0.09788  28 DG A O6    
873 N N1    . DG A 28 ? 0.44563 0.45996 0.25524 0.01118  -0.02376 0.04499  28 DG A N1    
874 C C2    . DG A 28 ? 0.48513 0.47341 0.27266 -0.00887 -0.00993 0.02688  28 DG A C2    
875 N N2    . DG A 28 ? 0.48381 0.50017 0.27455 -0.02527 -0.02186 -0.00153 28 DG A N2    
876 N N3    . DG A 28 ? 0.49643 0.43475 0.25883 -0.01304 0.01546  0.03765  28 DG A N3    
877 C C4    . DG A 28 ? 0.53980 0.44365 0.29618 0.01201  0.02959  0.06795  28 DG A C4    
889 P P     . DC A 29 ? 0.84252 0.53405 0.42250 -0.09521 0.13811  0.10283  29 DC A P     
890 O OP1   . DC A 29 ? 0.92640 0.53604 0.46539 -0.13631 0.16917  0.10157  29 DC A OP1   
891 O OP2   . DC A 29 ? 0.94936 0.63948 0.52544 -0.04597 0.13552  0.14064  29 DC A OP2   
892 O "O5'" . DC A 29 ? 0.86293 0.65100 0.46141 -0.10972 0.11773  0.09005  29 DC A "O5'" 
893 C "C5'" . DC A 29 ? 0.78239 0.64051 0.41950 -0.11580 0.09432  0.05575  29 DC A "C5'" 
894 C "C4'" . DC A 29 ? 0.75868 0.68119 0.41203 -0.08591 0.06754  0.05633  29 DC A "C4'" 
895 O "O4'" . DC A 29 ? 0.69864 0.61315 0.37138 -0.05743 0.05395  0.06138  29 DC A "O4'" 
896 C "C3'" . DC A 29 ? 0.65048 0.58746 0.27531 -0.07178 0.06784  0.08570  29 DC A "C3'" 
897 O "O3'" . DC A 29 ? 0.63586 0.61341 0.24679 -0.09136 0.07269  0.07780  29 DC A "O3'" 
898 C "C2'" . DC A 29 ? 0.62462 0.60520 0.26577 -0.04294 0.03841  0.08684  29 DC A "C2'" 
899 C "C1'" . DC A 29 ? 0.59727 0.56611 0.27438 -0.03876 0.03027  0.06716  29 DC A "C1'" 
900 N N1    . DC A 29 ? 0.58419 0.55150 0.27586 -0.00877 0.02037  0.09048  29 DC A N1    
901 C C2    . DC A 29 ? 0.55725 0.57578 0.27558 -0.00097 -0.00834 0.07927  29 DC A C2    
902 O O2    . DC A 29 ? 0.62392 0.67234 0.34666 -0.01633 -0.02290 0.04853  29 DC A O2    
903 N N3    . DC A 29 ? 0.54016 0.57392 0.27727 0.02326  -0.01730 0.10436  29 DC A N3    
904 C C4    . DC A 29 ? 0.55212 0.54888 0.28149 0.04801  0.00376  0.14024  29 DC A C4    
905 N N4    . DC A 29 ? 0.55158 0.57846 0.30516 0.07753  -0.00400 0.16915  29 DC A N4    
906 C C5    . DC A 29 ? 0.60857 0.53511 0.30319 0.04370  0.03589  0.15042  29 DC A C5    
907 C C6    . DC A 29 ? 0.60571 0.52176 0.28310 0.01076  0.04163  0.12433  29 DC A C6    
# 
